data_5SY1
#
_entry.id   5SY1
#
_cell.length_a   1
_cell.length_b   1
_cell.length_c   1
_cell.angle_alpha   90.00
_cell.angle_beta   90.00
_cell.angle_gamma   90.00
#
_symmetry.space_group_name_H-M   'P 1'
#
loop_
_entity.id
_entity.type
_entity.pdbx_description
1 polymer Calmodulin
2 polymer STRA6
3 non-polymer 'CALCIUM ION'
4 non-polymer CHOLESTEROL
#
loop_
_entity_poly.entity_id
_entity_poly.type
_entity_poly.pdbx_seq_one_letter_code
_entity_poly.pdbx_strand_id
1 'polypeptide(L)'
;MADQLTEEQIAEFKEAFSLFDKDGDGTITTKELGTVMRSLGQNPTEAELQDMINEVDADGNGTIDFPEFLTMMARKMKDT
DSEEEIREAFRVFDKDGNGFISAAELRHVMTNLGEKLTDEEVDEMIREADIDGDGQVNYEEFVTMMTSK
;
C,D
2 'polypeptide(L)'
;MSAETVNNYDYSDWYENAAPTKAPVEVIPPCDPTADEGLFHICIAAISLVVMLVLAILARRQKLSDNQRGLTGLLSPVNF
LDHTQHKGLAVAVYGVLFCKLVGMVLSHHPLPFTKEVANKEFWMILALLYYPTLYYPLLACGTLHNKVGYVLGSLLSWTH
FGILVWQKVDCPKTPQIYKYYALFGSLPQIACLAFLSFQYPLLLFKGLQNTETANASEDLSSSYYRDYVKKILKKKKPTK
ISSSTSKPKLFDRLRDAVKSYIYTPEDVFRFPLKLAISVVVAFIALYQMALLLISGVLPTLHIVRRGVDENIAFLLAGFN
IILSNDRQEVVRIVVYYLWCVEICYVSAVTLSCLVNLLMLMRSMVLHRSNLKGLYRGDSLNVFNCHRSIRPSRPALVCWM
GFTSYQAAFLCLGMAIQTLVFFICILFAVFLIIIPILWGTNLMLFHIIGNLWPFWLTLVLAALIQHVASRFLFIRKDGGT
RDLNNRGSLFLLSYILFLVNVMIGVVLGIWRVVITALFNIVHLGRLDISLLNRNVEAFDPGYRCYSHYLKIEVSQSHPVM
KAFCGLLLQSSGQDGLSAQRIRDAEEGIQLVQQEKKQNKVSNAKRARAHWQLLYTLVNNPSLVGSRKHFQCQSSESFING
ALSRTSKEGSKKDGSVKEPNKEAESAAASN
;
A,B
#
# COMPACT_ATOMS: atom_id res chain seq x y z
N ALA A 2 -0.87 -5.22 37.46
CA ALA A 2 0.16 -5.74 38.35
C ALA A 2 0.27 -7.22 38.11
N ASP A 3 -0.64 -7.75 37.32
CA ASP A 3 -0.61 -9.16 36.95
C ASP A 3 0.16 -9.32 35.65
N GLN A 4 0.06 -10.50 35.06
CA GLN A 4 0.70 -10.76 33.77
C GLN A 4 -0.08 -10.06 32.66
N LEU A 5 0.65 -9.43 31.76
CA LEU A 5 0.05 -8.72 30.63
C LEU A 5 0.65 -9.23 29.34
N THR A 6 -0.04 -8.93 28.24
CA THR A 6 0.48 -9.30 26.93
C THR A 6 1.44 -8.21 26.44
N GLU A 7 1.90 -8.36 25.20
CA GLU A 7 2.79 -7.34 24.65
C GLU A 7 2.04 -6.05 24.35
N GLU A 8 0.80 -6.16 23.87
CA GLU A 8 0.05 -4.97 23.50
C GLU A 8 -0.35 -4.16 24.72
N GLN A 9 -0.76 -4.83 25.79
CA GLN A 9 -1.22 -4.13 26.99
C GLN A 9 -0.09 -3.37 27.67
N ILE A 10 1.15 -3.83 27.49
CA ILE A 10 2.31 -3.09 27.95
C ILE A 10 2.76 -2.07 26.92
N ALA A 11 2.44 -2.27 25.64
CA ALA A 11 2.90 -1.36 24.60
C ALA A 11 2.23 -0.01 24.71
N GLU A 12 1.00 0.05 25.21
CA GLU A 12 0.32 1.33 25.32
C GLU A 12 0.90 2.15 26.47
N PHE A 13 1.11 1.51 27.61
CA PHE A 13 1.71 2.19 28.75
C PHE A 13 3.14 2.58 28.45
N LYS A 14 3.81 1.82 27.59
CA LYS A 14 5.09 2.25 27.05
C LYS A 14 4.92 3.49 26.20
N GLU A 15 3.81 3.60 25.47
CA GLU A 15 3.61 4.76 24.62
C GLU A 15 3.26 6.01 25.42
N ALA A 16 2.31 5.89 26.35
CA ALA A 16 1.92 7.04 27.15
C ALA A 16 3.02 7.49 28.10
N PHE A 17 3.93 6.59 28.47
CA PHE A 17 5.10 7.02 29.21
C PHE A 17 6.01 7.89 28.36
N SER A 18 6.08 7.61 27.06
CA SER A 18 6.97 8.35 26.19
C SER A 18 6.52 9.78 26.00
N LEU A 19 5.24 10.08 26.21
CA LEU A 19 4.76 11.44 26.05
C LEU A 19 5.17 12.34 27.19
N PHE A 20 5.68 11.79 28.28
CA PHE A 20 6.22 12.62 29.35
C PHE A 20 7.69 12.92 29.12
N ASP A 21 8.53 11.89 29.05
CA ASP A 21 9.96 12.11 29.08
C ASP A 21 10.43 12.39 27.66
N LYS A 22 10.66 13.66 27.37
CA LYS A 22 11.16 14.09 26.07
C LYS A 22 12.63 13.76 25.86
N ASP A 23 13.33 13.33 26.90
CA ASP A 23 14.72 12.94 26.76
C ASP A 23 14.87 11.65 25.99
N GLY A 24 13.91 10.74 26.13
CA GLY A 24 14.10 9.36 25.74
C GLY A 24 14.91 8.56 26.73
N ASP A 25 15.31 9.16 27.85
CA ASP A 25 16.17 8.48 28.81
C ASP A 25 15.44 7.37 29.54
N GLY A 26 14.12 7.48 29.67
CA GLY A 26 13.34 6.51 30.39
C GLY A 26 12.98 6.89 31.81
N THR A 27 13.08 8.16 32.16
CA THR A 27 12.69 8.57 33.49
C THR A 27 12.17 10.01 33.47
N ILE A 28 11.36 10.33 34.47
CA ILE A 28 10.65 11.61 34.54
C ILE A 28 11.20 12.41 35.71
N THR A 29 11.65 13.61 35.44
CA THR A 29 12.09 14.51 36.49
C THR A 29 10.91 15.37 36.92
N THR A 30 11.18 16.43 37.69
CA THR A 30 10.12 17.34 38.07
C THR A 30 9.72 18.25 36.91
N LYS A 31 10.70 18.86 36.25
CA LYS A 31 10.39 19.76 35.16
C LYS A 31 9.89 19.00 33.93
N GLU A 32 10.30 17.74 33.78
CA GLU A 32 9.68 16.90 32.75
C GLU A 32 8.23 16.57 33.07
N LEU A 33 7.81 16.73 34.34
CA LEU A 33 6.43 16.52 34.72
C LEU A 33 5.61 17.80 34.71
N GLY A 34 6.18 18.89 35.24
CA GLY A 34 5.43 20.12 35.42
C GLY A 34 5.01 20.80 34.14
N THR A 35 5.61 20.45 33.02
CA THR A 35 5.16 20.98 31.74
C THR A 35 3.87 20.32 31.28
N VAL A 36 3.69 19.04 31.59
CA VAL A 36 2.50 18.33 31.13
C VAL A 36 1.28 18.75 31.93
N MET A 37 1.44 18.88 33.25
CA MET A 37 0.36 19.39 34.11
C MET A 37 -0.06 20.79 33.73
N ARG A 38 0.89 21.61 33.29
CA ARG A 38 0.57 22.93 32.80
C ARG A 38 -0.18 22.86 31.48
N SER A 39 0.09 21.84 30.68
CA SER A 39 -0.54 21.73 29.37
C SER A 39 -2.00 21.35 29.47
N LEU A 40 -2.40 20.65 30.52
CA LEU A 40 -3.80 20.32 30.72
C LEU A 40 -4.51 21.36 31.59
N GLY A 41 -3.88 22.50 31.83
CA GLY A 41 -4.56 23.61 32.45
C GLY A 41 -4.06 24.00 33.83
N GLN A 42 -3.80 23.03 34.67
CA GLN A 42 -3.54 23.30 36.08
C GLN A 42 -2.15 23.86 36.28
N ASN A 43 -2.02 24.70 37.30
CA ASN A 43 -0.75 25.26 37.72
C ASN A 43 -0.50 24.82 39.15
N PRO A 44 0.11 23.66 39.36
CA PRO A 44 0.33 23.18 40.72
C PRO A 44 1.49 23.91 41.39
N THR A 45 1.51 23.81 42.70
CA THR A 45 2.62 24.32 43.48
C THR A 45 3.84 23.42 43.25
N GLU A 46 5.01 24.06 43.09
CA GLU A 46 6.25 23.32 42.92
C GLU A 46 6.56 22.44 44.13
N ALA A 47 6.19 22.89 45.32
CA ALA A 47 6.30 22.03 46.49
C ALA A 47 5.29 20.90 46.43
N GLU A 48 4.12 21.14 45.82
CA GLU A 48 3.15 20.07 45.67
C GLU A 48 3.61 19.06 44.64
N LEU A 49 4.22 19.53 43.54
CA LEU A 49 4.73 18.63 42.52
C LEU A 49 5.88 17.78 43.03
N GLN A 50 6.70 18.33 43.93
CA GLN A 50 7.73 17.52 44.56
C GLN A 50 7.11 16.50 45.50
N ASP A 51 5.92 16.79 46.03
CA ASP A 51 5.22 15.77 46.79
C ASP A 51 4.50 14.80 45.88
N MET A 52 4.08 15.25 44.70
CA MET A 52 3.32 14.39 43.80
C MET A 52 4.18 13.31 43.17
N ILE A 53 5.47 13.57 43.01
CA ILE A 53 6.35 12.50 42.54
C ILE A 53 6.56 11.48 43.65
N ASN A 54 6.56 11.95 44.90
CA ASN A 54 6.91 11.10 46.04
C ASN A 54 5.90 10.00 46.30
N GLU A 55 4.67 10.14 45.83
CA GLU A 55 3.75 9.01 45.90
C GLU A 55 4.13 7.93 44.88
N VAL A 56 4.59 8.35 43.71
CA VAL A 56 4.89 7.38 42.66
C VAL A 56 6.24 6.73 42.90
N ASP A 57 7.26 7.53 43.19
CA ASP A 57 8.62 7.03 43.29
C ASP A 57 8.79 6.25 44.59
N ALA A 58 9.13 4.97 44.49
CA ALA A 58 9.37 4.14 45.65
C ALA A 58 10.84 3.95 45.94
N ASP A 59 11.69 4.06 44.93
CA ASP A 59 13.14 4.00 45.13
C ASP A 59 13.69 5.23 45.82
N GLY A 60 12.95 6.32 45.85
CA GLY A 60 13.41 7.51 46.52
C GLY A 60 14.51 8.26 45.82
N ASN A 61 14.78 7.95 44.55
CA ASN A 61 15.78 8.71 43.82
C ASN A 61 15.22 9.98 43.20
N GLY A 62 13.98 10.34 43.52
CA GLY A 62 13.37 11.56 43.02
C GLY A 62 12.89 11.49 41.58
N THR A 63 13.07 10.36 40.91
CA THR A 63 12.71 10.21 39.51
C THR A 63 11.85 8.98 39.34
N ILE A 64 11.04 8.96 38.28
CA ILE A 64 10.02 7.93 38.08
C ILE A 64 10.47 7.00 36.97
N ASP A 65 10.54 5.71 37.29
CA ASP A 65 10.85 4.67 36.32
C ASP A 65 9.57 4.21 35.63
N PHE A 66 9.73 3.45 34.56
CA PHE A 66 8.55 2.91 33.88
C PHE A 66 7.80 1.85 34.66
N PRO A 67 8.42 0.86 35.34
CA PRO A 67 7.61 0.03 36.23
C PRO A 67 7.12 0.77 37.45
N GLU A 68 7.78 1.85 37.86
CA GLU A 68 7.19 2.75 38.84
C GLU A 68 5.96 3.44 38.27
N PHE A 69 5.96 3.72 36.96
CA PHE A 69 4.79 4.29 36.31
C PHE A 69 3.69 3.25 36.13
N LEU A 70 4.06 1.99 35.95
CA LEU A 70 3.06 0.96 35.66
C LEU A 70 2.23 0.64 36.90
N THR A 71 2.85 0.62 38.08
CA THR A 71 2.14 0.17 39.26
C THR A 71 1.10 1.16 39.73
N MET A 72 1.28 2.45 39.42
CA MET A 72 0.29 3.45 39.81
C MET A 72 -1.04 3.21 39.12
N MET A 73 -0.99 2.93 37.82
CA MET A 73 -2.21 2.62 37.10
C MET A 73 -2.67 1.20 37.34
N ALA A 74 -1.77 0.34 37.82
CA ALA A 74 -2.14 -1.04 38.11
C ALA A 74 -2.88 -1.19 39.41
N ARG A 75 -2.69 -0.28 40.37
CA ARG A 75 -3.35 -0.42 41.66
C ARG A 75 -4.85 -0.21 41.54
N LYS A 76 -5.25 0.95 41.04
CA LYS A 76 -6.55 1.50 41.36
C LYS A 76 -7.63 1.17 40.35
N MET A 77 -7.27 0.61 39.20
CA MET A 77 -8.24 0.23 38.19
C MET A 77 -8.39 -1.28 38.03
N LYS A 78 -7.82 -2.05 38.95
CA LYS A 78 -7.84 -3.50 38.88
C LYS A 78 -9.22 -4.02 39.29
N ASP A 79 -9.49 -5.28 39.00
CA ASP A 79 -10.63 -5.99 39.55
C ASP A 79 -10.39 -6.26 41.04
N THR A 80 -11.39 -6.87 41.69
CA THR A 80 -11.28 -7.24 43.09
C THR A 80 -10.17 -8.26 43.32
N ASP A 81 -10.30 -9.46 42.75
CA ASP A 81 -9.26 -10.44 42.93
C ASP A 81 -9.28 -11.46 41.79
N SER A 82 -8.09 -11.90 41.43
CA SER A 82 -7.86 -13.17 40.74
C SER A 82 -7.16 -14.07 41.74
N GLU A 83 -7.93 -14.91 42.42
CA GLU A 83 -7.44 -15.63 43.60
C GLU A 83 -6.38 -16.66 43.24
N GLU A 84 -6.41 -17.19 42.02
CA GLU A 84 -5.42 -18.16 41.63
C GLU A 84 -4.07 -17.50 41.33
N GLU A 85 -4.07 -16.27 40.85
CA GLU A 85 -2.81 -15.68 40.39
C GLU A 85 -1.93 -15.25 41.55
N ILE A 86 -2.51 -14.81 42.66
CA ILE A 86 -1.73 -14.60 43.87
C ILE A 86 -1.28 -15.95 44.42
N ARG A 87 -2.15 -16.96 44.33
CA ARG A 87 -1.74 -18.33 44.60
C ARG A 87 -0.71 -18.81 43.58
N GLU A 88 -0.76 -18.29 42.34
CA GLU A 88 0.30 -18.56 41.37
C GLU A 88 1.56 -17.78 41.73
N ALA A 89 1.41 -16.64 42.38
CA ALA A 89 2.59 -15.89 42.81
C ALA A 89 3.33 -16.58 43.94
N PHE A 90 2.61 -17.35 44.77
CA PHE A 90 3.19 -17.98 45.94
C PHE A 90 4.22 -19.05 45.62
N ARG A 91 4.20 -19.59 44.40
CA ARG A 91 5.18 -20.60 44.04
C ARG A 91 6.57 -20.03 43.83
N VAL A 92 6.68 -18.73 43.60
CA VAL A 92 7.99 -18.11 43.48
C VAL A 92 8.46 -17.57 44.82
N PHE A 93 7.55 -17.00 45.60
CA PHE A 93 7.91 -16.44 46.89
C PHE A 93 8.15 -17.50 47.95
N ASP A 94 7.68 -18.73 47.74
CA ASP A 94 7.87 -19.80 48.71
C ASP A 94 8.48 -21.01 48.00
N LYS A 95 9.71 -21.36 48.38
CA LYS A 95 10.26 -22.63 47.94
C LYS A 95 9.71 -23.79 48.74
N ASP A 96 9.29 -23.53 49.98
CA ASP A 96 8.91 -24.61 50.88
C ASP A 96 7.57 -25.21 50.50
N GLY A 97 6.63 -24.38 50.02
CA GLY A 97 5.27 -24.82 49.90
C GLY A 97 4.49 -24.78 51.20
N ASN A 98 5.10 -24.29 52.28
CA ASN A 98 4.39 -24.19 53.55
C ASN A 98 3.54 -22.94 53.66
N GLY A 99 3.63 -22.03 52.68
CA GLY A 99 2.88 -20.80 52.68
C GLY A 99 3.53 -19.68 53.46
N PHE A 100 4.55 -19.96 54.25
CA PHE A 100 5.14 -18.96 55.14
C PHE A 100 6.41 -18.41 54.50
N ILE A 101 6.41 -17.11 54.27
CA ILE A 101 7.46 -16.43 53.51
C ILE A 101 8.42 -15.82 54.52
N SER A 102 9.64 -16.36 54.57
CA SER A 102 10.64 -15.82 55.48
C SER A 102 11.33 -14.62 54.85
N ALA A 103 12.17 -13.96 55.67
CA ALA A 103 13.04 -12.93 55.12
C ALA A 103 14.15 -13.55 54.28
N ALA A 104 14.52 -14.80 54.56
CA ALA A 104 15.48 -15.51 53.73
C ALA A 104 14.86 -15.95 52.42
N GLU A 105 13.60 -16.39 52.45
CA GLU A 105 12.90 -16.69 51.21
C GLU A 105 12.59 -15.43 50.42
N LEU A 106 12.50 -14.28 51.08
CA LEU A 106 12.28 -13.01 50.38
C LEU A 106 13.53 -12.58 49.62
N ARG A 107 14.69 -12.66 50.27
CA ARG A 107 15.93 -12.19 49.65
C ARG A 107 16.39 -13.08 48.52
N HIS A 108 15.83 -14.28 48.40
CA HIS A 108 16.08 -15.10 47.22
C HIS A 108 15.49 -14.45 45.98
N VAL A 109 14.35 -13.77 46.12
CA VAL A 109 13.71 -13.13 44.98
C VAL A 109 14.46 -11.87 44.59
N MET A 110 14.92 -11.10 45.60
CA MET A 110 15.74 -9.93 45.32
C MET A 110 17.09 -10.32 44.74
N THR A 111 17.61 -11.50 45.13
CA THR A 111 18.81 -12.04 44.50
C THR A 111 18.56 -12.29 43.01
N ASN A 112 17.36 -12.76 42.67
CA ASN A 112 17.00 -12.94 41.26
C ASN A 112 16.78 -11.60 40.58
N LEU A 113 16.37 -10.58 41.32
CA LEU A 113 15.96 -9.31 40.74
C LEU A 113 16.76 -8.12 41.27
N GLY A 114 18.04 -8.34 41.57
CA GLY A 114 18.94 -7.23 41.83
C GLY A 114 19.44 -7.06 43.25
N GLU A 115 18.56 -7.31 44.23
CA GLU A 115 18.77 -7.01 45.65
C GLU A 115 19.17 -5.55 45.83
N LYS A 116 18.25 -4.68 45.41
CA LYS A 116 18.54 -3.26 45.29
C LYS A 116 18.58 -2.57 46.65
N LEU A 117 17.85 -3.08 47.64
CA LEU A 117 17.68 -2.41 48.91
C LEU A 117 18.56 -3.00 50.00
N THR A 118 18.85 -2.17 51.00
CA THR A 118 19.58 -2.60 52.17
C THR A 118 18.71 -3.48 53.05
N ASP A 119 19.36 -4.33 53.83
CA ASP A 119 18.64 -5.38 54.55
C ASP A 119 17.84 -4.84 55.72
N GLU A 120 18.24 -3.68 56.25
CA GLU A 120 17.43 -3.02 57.27
C GLU A 120 16.10 -2.57 56.70
N GLU A 121 16.12 -2.07 55.45
CA GLU A 121 14.88 -1.71 54.79
C GLU A 121 14.07 -2.95 54.43
N VAL A 122 14.75 -4.06 54.15
CA VAL A 122 14.08 -5.34 54.00
C VAL A 122 13.44 -5.77 55.32
N ASP A 123 14.14 -5.50 56.43
CA ASP A 123 13.58 -5.79 57.75
C ASP A 123 12.38 -4.91 58.06
N GLU A 124 12.36 -3.68 57.54
CA GLU A 124 11.22 -2.80 57.77
C GLU A 124 10.00 -3.22 56.96
N MET A 125 10.19 -4.05 55.93
CA MET A 125 9.05 -4.55 55.17
C MET A 125 8.22 -5.51 56.00
N ILE A 126 8.87 -6.44 56.68
CA ILE A 126 8.17 -7.53 57.33
C ILE A 126 7.47 -7.06 58.58
N ARG A 127 7.93 -5.94 59.16
CA ARG A 127 7.28 -5.37 60.33
C ARG A 127 5.88 -4.85 60.03
N GLU A 128 5.53 -4.64 58.75
CA GLU A 128 4.16 -4.34 58.39
C GLU A 128 3.28 -5.59 58.45
N ALA A 129 3.81 -6.73 58.00
CA ALA A 129 3.01 -7.95 57.85
C ALA A 129 2.88 -8.74 59.14
N ASP A 130 3.09 -8.13 60.29
CA ASP A 130 3.11 -8.84 61.56
C ASP A 130 1.84 -8.59 62.38
N ILE A 131 0.68 -8.48 61.70
CA ILE A 131 -0.58 -8.49 62.42
C ILE A 131 -1.06 -9.91 62.69
N ASP A 132 -0.34 -10.92 62.22
CA ASP A 132 -0.69 -12.29 62.50
C ASP A 132 -0.37 -12.69 63.94
N GLY A 133 0.41 -11.88 64.65
CA GLY A 133 0.77 -12.22 66.00
C GLY A 133 1.91 -13.21 66.12
N ASP A 134 2.67 -13.40 65.05
CA ASP A 134 3.73 -14.39 65.03
C ASP A 134 5.08 -13.87 64.56
N GLY A 135 5.11 -12.85 63.73
CA GLY A 135 6.34 -12.52 63.03
C GLY A 135 6.61 -13.41 61.84
N GLN A 136 5.56 -13.89 61.19
CA GLN A 136 5.72 -14.79 60.05
C GLN A 136 4.61 -14.51 59.05
N VAL A 137 4.97 -14.55 57.77
CA VAL A 137 4.06 -14.17 56.70
C VAL A 137 3.03 -15.26 56.48
N ASN A 138 1.75 -14.90 56.60
CA ASN A 138 0.67 -15.83 56.38
C ASN A 138 0.43 -15.98 54.88
N TYR A 139 -0.43 -16.95 54.53
CA TYR A 139 -1.02 -17.02 53.20
C TYR A 139 -1.81 -15.77 52.85
N GLU A 140 -2.42 -15.14 53.87
CA GLU A 140 -3.29 -14.00 53.66
C GLU A 140 -2.58 -12.66 53.75
N GLU A 141 -1.38 -12.61 54.35
CA GLU A 141 -0.67 -11.34 54.52
C GLU A 141 -0.27 -10.75 53.18
N PHE A 142 0.21 -11.59 52.28
CA PHE A 142 0.51 -11.13 50.93
C PHE A 142 -0.75 -10.76 50.17
N VAL A 143 -1.89 -11.34 50.54
CA VAL A 143 -3.14 -11.10 49.83
C VAL A 143 -3.68 -9.71 50.18
N THR A 144 -3.68 -9.36 51.47
CA THR A 144 -4.23 -8.08 51.88
C THR A 144 -3.36 -6.92 51.42
N MET A 145 -2.07 -7.16 51.20
CA MET A 145 -1.21 -6.12 50.66
C MET A 145 -1.50 -5.83 49.20
N MET A 146 -2.04 -6.80 48.47
CA MET A 146 -2.38 -6.57 47.08
C MET A 146 -3.77 -5.96 46.92
N THR A 147 -4.65 -6.17 47.89
CA THR A 147 -5.99 -5.59 47.83
C THR A 147 -5.95 -4.09 48.07
N SER A 148 -5.54 -3.67 49.25
CA SER A 148 -5.41 -2.26 49.56
C SER A 148 -4.05 -1.74 49.09
N GLU B 26 -41.34 33.65 -12.39
CA GLU B 26 -42.56 34.23 -12.93
C GLU B 26 -43.29 35.04 -11.86
N VAL B 27 -42.82 34.93 -10.62
CA VAL B 27 -43.31 35.73 -9.50
C VAL B 27 -42.14 36.44 -8.85
N ILE B 28 -42.40 37.63 -8.32
CA ILE B 28 -41.37 38.42 -7.64
C ILE B 28 -41.95 38.92 -6.33
N PRO B 29 -41.48 38.44 -5.18
CA PRO B 29 -41.93 39.01 -3.92
C PRO B 29 -41.06 40.18 -3.48
N PRO B 30 -41.67 41.32 -3.16
CA PRO B 30 -41.00 42.30 -2.30
C PRO B 30 -41.04 41.82 -0.86
N CYS B 31 -40.05 42.25 -0.09
CA CYS B 31 -39.88 41.71 1.25
C CYS B 31 -39.57 42.83 2.22
N ASP B 32 -40.53 43.14 3.09
CA ASP B 32 -40.23 43.84 4.34
C ASP B 32 -39.16 43.18 5.21
N PRO B 33 -38.95 41.85 5.24
CA PRO B 33 -37.73 41.35 5.92
C PRO B 33 -36.43 41.75 5.22
N THR B 34 -36.38 41.68 3.89
CA THR B 34 -35.15 42.00 3.16
C THR B 34 -34.83 43.48 3.23
N ALA B 35 -35.85 44.35 3.16
CA ALA B 35 -35.66 45.76 3.42
C ALA B 35 -35.22 46.04 4.85
N ASP B 36 -35.53 45.15 5.79
CA ASP B 36 -35.00 45.24 7.14
C ASP B 36 -33.76 44.37 7.33
N GLU B 37 -33.48 43.45 6.39
CA GLU B 37 -32.28 42.62 6.48
C GLU B 37 -31.02 43.45 6.36
N GLY B 38 -31.07 44.55 5.60
CA GLY B 38 -29.98 45.50 5.61
C GLY B 38 -29.81 46.18 6.95
N LEU B 39 -30.89 46.32 7.71
CA LEU B 39 -30.77 46.76 9.08
C LEU B 39 -30.59 45.59 10.04
N PHE B 40 -31.05 44.39 9.69
CA PHE B 40 -30.70 43.21 10.48
C PHE B 40 -29.23 42.84 10.31
N HIS B 41 -28.60 43.24 9.20
CA HIS B 41 -27.14 43.20 9.17
C HIS B 41 -26.54 44.17 10.16
N ILE B 42 -27.14 45.35 10.33
CA ILE B 42 -26.61 46.33 11.26
C ILE B 42 -26.99 45.96 12.68
N CYS B 43 -28.18 45.39 12.88
CA CYS B 43 -28.67 45.11 14.23
C CYS B 43 -27.87 43.99 14.89
N ILE B 44 -27.75 42.85 14.21
CA ILE B 44 -27.15 41.67 14.82
C ILE B 44 -25.65 41.88 15.04
N ALA B 45 -24.99 42.53 14.09
CA ALA B 45 -23.57 42.86 14.25
C ALA B 45 -23.32 43.87 15.35
N ALA B 46 -24.33 44.66 15.72
CA ALA B 46 -24.22 45.45 16.93
C ALA B 46 -24.39 44.59 18.17
N ILE B 47 -25.18 43.51 18.08
CA ILE B 47 -25.34 42.63 19.22
C ILE B 47 -24.10 41.79 19.42
N SER B 48 -23.53 41.28 18.32
CA SER B 48 -22.41 40.35 18.44
C SER B 48 -21.14 41.04 18.89
N LEU B 49 -21.03 42.34 18.67
CA LEU B 49 -19.82 43.04 19.09
C LEU B 49 -19.84 43.32 20.58
N VAL B 50 -21.02 43.43 21.18
CA VAL B 50 -21.12 43.71 22.60
C VAL B 50 -20.73 42.47 23.41
N VAL B 51 -21.31 41.32 23.05
CA VAL B 51 -21.18 40.11 23.85
C VAL B 51 -19.75 39.59 23.83
N MET B 52 -19.03 39.84 22.73
CA MET B 52 -17.62 39.48 22.68
C MET B 52 -16.78 40.30 23.64
N LEU B 53 -17.12 41.58 23.83
CA LEU B 53 -16.34 42.42 24.72
C LEU B 53 -16.77 42.29 26.17
N VAL B 54 -17.98 41.77 26.40
CA VAL B 54 -18.38 41.39 27.76
C VAL B 54 -17.52 40.24 28.26
N LEU B 55 -17.26 39.27 27.38
CA LEU B 55 -16.43 38.14 27.72
C LEU B 55 -14.96 38.52 27.85
N ALA B 56 -14.56 39.64 27.27
CA ALA B 56 -13.22 40.17 27.53
C ALA B 56 -13.14 40.79 28.92
N ILE B 57 -14.27 41.23 29.47
CA ILE B 57 -14.26 41.78 30.83
C ILE B 57 -14.23 40.67 31.86
N LEU B 58 -15.02 39.61 31.64
CA LEU B 58 -15.07 38.50 32.58
C LEU B 58 -13.79 37.69 32.61
N ALA B 59 -13.02 37.69 31.52
CA ALA B 59 -11.73 37.02 31.54
C ALA B 59 -10.71 37.80 32.36
N ARG B 60 -10.91 39.11 32.53
CA ARG B 60 -10.15 39.90 33.49
C ARG B 60 -10.80 39.90 34.86
N ARG B 61 -11.78 39.03 35.10
CA ARG B 61 -12.40 38.87 36.40
C ARG B 61 -12.42 37.42 36.87
N GLN B 62 -11.76 36.50 36.17
CA GLN B 62 -11.80 35.11 36.58
C GLN B 62 -10.44 34.42 36.66
N LYS B 63 -9.37 35.06 36.18
CA LYS B 63 -8.00 34.52 36.18
C LYS B 63 -7.93 33.14 35.52
N LEU B 64 -8.32 33.12 34.25
CA LEU B 64 -8.51 31.88 33.55
C LEU B 64 -7.19 31.24 33.15
N SER B 65 -7.30 30.01 32.67
CA SER B 65 -6.23 29.21 32.11
C SER B 65 -5.97 29.62 30.67
N ASP B 66 -5.39 28.71 29.89
CA ASP B 66 -5.03 28.91 28.48
C ASP B 66 -6.14 29.37 27.55
N ASN B 67 -7.40 29.35 28.01
CA ASN B 67 -8.58 29.75 27.24
C ASN B 67 -8.54 31.20 26.76
N GLN B 68 -7.63 32.01 27.25
CA GLN B 68 -7.45 33.37 26.76
C GLN B 68 -6.55 33.37 25.53
N ARG B 69 -6.73 34.39 24.70
CA ARG B 69 -5.91 34.58 23.51
C ARG B 69 -4.50 35.00 23.89
N GLY B 70 -3.51 34.31 23.33
CA GLY B 70 -2.13 34.63 23.57
C GLY B 70 -1.57 35.77 22.76
N LEU B 71 -2.43 36.49 22.04
CA LEU B 71 -2.03 37.67 21.29
C LEU B 71 -2.74 38.92 21.77
N THR B 72 -4.04 38.83 22.08
CA THR B 72 -4.82 39.95 22.60
C THR B 72 -5.39 39.66 23.98
N GLY B 73 -6.13 38.58 24.15
CA GLY B 73 -6.73 38.28 25.44
C GLY B 73 -8.19 37.90 25.37
N LEU B 74 -8.73 37.80 24.16
CA LEU B 74 -10.09 37.38 23.94
C LEU B 74 -10.25 35.90 24.28
N LEU B 75 -11.49 35.49 24.57
CA LEU B 75 -11.75 34.09 24.86
C LEU B 75 -11.50 33.21 23.66
N SER B 76 -11.05 32.00 23.93
CA SER B 76 -11.11 30.97 22.93
C SER B 76 -12.51 30.40 22.87
N PRO B 77 -12.92 29.89 21.73
CA PRO B 77 -14.11 29.04 21.68
C PRO B 77 -13.86 27.67 22.28
N VAL B 78 -14.81 26.76 22.10
CA VAL B 78 -14.82 25.47 22.79
C VAL B 78 -13.56 24.67 22.47
N ASN B 79 -12.93 24.13 23.52
CA ASN B 79 -11.68 23.40 23.43
C ASN B 79 -11.82 22.18 22.55
N PHE B 80 -10.97 22.09 21.52
CA PHE B 80 -11.07 20.99 20.57
C PHE B 80 -10.33 19.75 21.03
N LEU B 81 -9.36 19.89 21.92
CA LEU B 81 -8.57 18.74 22.35
C LEU B 81 -9.12 18.11 23.63
N ASP B 82 -10.43 18.13 23.82
CA ASP B 82 -11.08 17.38 24.87
C ASP B 82 -11.91 16.29 24.22
N HIS B 83 -11.90 15.11 24.81
CA HIS B 83 -12.70 14.01 24.31
C HIS B 83 -13.96 13.79 25.13
N THR B 84 -14.03 14.35 26.32
CA THR B 84 -15.18 14.17 27.17
C THR B 84 -16.12 15.37 27.16
N GLN B 85 -15.77 16.43 26.46
CA GLN B 85 -16.58 17.64 26.46
C GLN B 85 -17.81 17.40 25.58
N HIS B 86 -18.91 18.05 25.96
CA HIS B 86 -20.16 17.80 25.26
C HIS B 86 -20.13 18.44 23.88
N LYS B 87 -20.41 17.64 22.86
CA LYS B 87 -20.20 18.05 21.48
C LYS B 87 -21.50 18.43 20.79
N GLY B 88 -22.48 18.94 21.53
CA GLY B 88 -23.70 19.40 20.90
C GLY B 88 -23.60 20.82 20.38
N LEU B 89 -22.78 21.65 21.02
CA LEU B 89 -22.70 23.04 20.60
C LEU B 89 -21.88 23.18 19.34
N ALA B 90 -20.71 22.53 19.29
CA ALA B 90 -19.75 22.77 18.22
C ALA B 90 -20.23 22.17 16.91
N VAL B 91 -20.89 21.01 16.96
CA VAL B 91 -21.45 20.43 15.76
C VAL B 91 -22.58 21.30 15.23
N ALA B 92 -23.31 21.96 16.13
CA ALA B 92 -24.40 22.82 15.69
C ALA B 92 -23.89 24.07 14.99
N VAL B 93 -22.87 24.72 15.53
CA VAL B 93 -22.44 26.00 14.98
C VAL B 93 -21.72 25.82 13.65
N TYR B 94 -20.88 24.79 13.52
CA TYR B 94 -20.28 24.52 12.22
C TYR B 94 -21.32 24.08 11.20
N GLY B 95 -22.39 23.43 11.66
CA GLY B 95 -23.47 23.08 10.76
C GLY B 95 -24.26 24.26 10.26
N VAL B 96 -24.19 25.38 10.96
CA VAL B 96 -24.77 26.62 10.47
C VAL B 96 -23.80 27.39 9.60
N LEU B 97 -22.52 27.44 10.01
CA LEU B 97 -21.51 28.16 9.25
C LEU B 97 -21.26 27.56 7.88
N PHE B 98 -21.51 26.27 7.71
CA PHE B 98 -21.32 25.71 6.38
C PHE B 98 -22.46 26.08 5.44
N CYS B 99 -23.69 26.18 5.97
CA CYS B 99 -24.84 26.44 5.11
C CYS B 99 -24.81 27.84 4.54
N LYS B 100 -24.24 28.80 5.27
CA LYS B 100 -24.13 30.15 4.75
C LYS B 100 -23.13 30.23 3.62
N LEU B 101 -22.18 29.30 3.55
CA LEU B 101 -21.29 29.25 2.40
C LEU B 101 -22.02 28.76 1.16
N VAL B 102 -22.98 27.85 1.34
CA VAL B 102 -23.71 27.29 0.21
C VAL B 102 -24.57 28.35 -0.45
N GLY B 103 -25.32 29.11 0.36
CA GLY B 103 -26.13 30.17 -0.19
C GLY B 103 -25.34 31.35 -0.71
N MET B 104 -24.09 31.50 -0.27
CA MET B 104 -23.32 32.67 -0.69
C MET B 104 -22.80 32.52 -2.11
N VAL B 105 -22.59 31.28 -2.56
CA VAL B 105 -22.09 31.06 -3.90
C VAL B 105 -23.18 31.37 -4.92
N LEU B 106 -24.43 31.03 -4.60
CA LEU B 106 -25.52 31.13 -5.57
C LEU B 106 -25.91 32.58 -5.82
N SER B 107 -26.22 33.31 -4.75
CA SER B 107 -26.51 34.72 -4.90
C SER B 107 -25.21 35.46 -5.19
N HIS B 108 -25.20 36.23 -6.29
CA HIS B 108 -23.96 36.86 -6.75
C HIS B 108 -23.57 38.03 -5.86
N HIS B 109 -24.54 38.85 -5.48
CA HIS B 109 -24.39 40.13 -4.79
C HIS B 109 -24.03 40.14 -3.30
N PRO B 110 -24.31 39.08 -2.51
CA PRO B 110 -25.09 39.19 -1.27
C PRO B 110 -24.71 40.26 -0.24
N LEU B 111 -23.47 40.72 -0.19
CA LEU B 111 -23.07 41.74 0.78
C LEU B 111 -22.41 42.94 0.10
N PRO B 112 -23.18 43.84 -0.50
CA PRO B 112 -22.66 45.17 -0.85
C PRO B 112 -23.06 46.26 0.14
N PHE B 113 -23.65 45.89 1.28
CA PHE B 113 -24.77 46.63 1.85
C PHE B 113 -24.38 48.00 2.37
N THR B 114 -23.34 48.11 3.20
CA THR B 114 -22.97 49.41 3.75
C THR B 114 -21.52 49.77 3.55
N LYS B 115 -20.68 48.82 3.14
CA LYS B 115 -19.26 49.04 2.95
C LYS B 115 -18.97 49.30 1.48
N GLU B 116 -17.73 49.69 1.20
CA GLU B 116 -17.33 49.90 -0.18
C GLU B 116 -17.18 48.57 -0.89
N VAL B 117 -17.41 48.59 -2.20
CA VAL B 117 -17.23 47.39 -3.01
C VAL B 117 -15.74 47.13 -3.27
N ALA B 118 -15.02 48.13 -3.79
CA ALA B 118 -13.58 48.11 -4.04
C ALA B 118 -13.18 46.90 -4.90
N ASN B 119 -13.60 46.97 -6.18
CA ASN B 119 -13.49 45.89 -7.16
C ASN B 119 -14.27 44.65 -6.71
N LYS B 120 -15.61 44.71 -6.86
CA LYS B 120 -16.65 43.88 -6.24
C LYS B 120 -16.33 42.42 -5.96
N GLU B 121 -15.55 41.78 -6.83
CA GLU B 121 -15.08 40.42 -6.54
C GLU B 121 -14.19 40.38 -5.32
N PHE B 122 -13.52 41.49 -4.97
CA PHE B 122 -12.83 41.58 -3.70
C PHE B 122 -13.82 41.61 -2.54
N TRP B 123 -15.02 42.13 -2.76
CA TRP B 123 -16.03 42.17 -1.71
C TRP B 123 -16.73 40.82 -1.52
N MET B 124 -16.47 39.85 -2.39
CA MET B 124 -16.94 38.49 -2.20
C MET B 124 -15.91 37.62 -1.49
N ILE B 125 -15.02 38.23 -0.70
CA ILE B 125 -13.93 37.54 -0.04
C ILE B 125 -14.03 37.68 1.47
N LEU B 126 -14.21 38.90 1.97
CA LEU B 126 -14.26 39.12 3.41
C LEU B 126 -15.49 38.52 4.07
N ALA B 127 -16.49 38.14 3.29
CA ALA B 127 -17.63 37.42 3.83
C ALA B 127 -17.27 36.02 4.31
N LEU B 128 -16.14 35.48 3.84
CA LEU B 128 -15.61 34.26 4.43
C LEU B 128 -15.15 34.51 5.87
N LEU B 129 -14.66 35.71 6.15
CA LEU B 129 -14.28 36.09 7.49
C LEU B 129 -15.40 36.76 8.27
N TYR B 130 -16.60 36.84 7.70
CA TYR B 130 -17.65 37.58 8.37
C TYR B 130 -18.57 36.68 9.18
N TYR B 131 -19.03 35.59 8.58
CA TYR B 131 -19.92 34.67 9.30
C TYR B 131 -19.31 34.01 10.54
N PRO B 132 -18.04 33.56 10.58
CA PRO B 132 -17.51 33.09 11.86
C PRO B 132 -17.34 34.18 12.89
N THR B 133 -17.17 35.43 12.48
CA THR B 133 -17.15 36.52 13.44
C THR B 133 -18.53 36.75 14.01
N LEU B 134 -19.57 36.59 13.18
CA LEU B 134 -20.93 36.88 13.59
C LEU B 134 -21.44 35.83 14.57
N TYR B 135 -21.22 34.56 14.27
CA TYR B 135 -21.70 33.49 15.12
C TYR B 135 -20.74 33.15 16.25
N TYR B 136 -19.69 33.95 16.42
CA TYR B 136 -18.69 33.67 17.45
C TYR B 136 -19.20 33.69 18.90
N PRO B 137 -20.05 34.62 19.36
CA PRO B 137 -20.51 34.53 20.75
C PRO B 137 -21.39 33.33 21.06
N LEU B 138 -21.89 32.62 20.06
CA LEU B 138 -22.68 31.42 20.34
C LEU B 138 -21.81 30.33 20.93
N LEU B 139 -20.67 30.05 20.31
CA LEU B 139 -19.76 29.05 20.88
C LEU B 139 -19.08 29.55 22.13
N ALA B 140 -18.92 30.87 22.26
CA ALA B 140 -18.12 31.41 23.35
C ALA B 140 -18.79 31.26 24.71
N CYS B 141 -20.10 31.04 24.75
CA CYS B 141 -20.79 30.93 26.04
C CYS B 141 -20.46 29.63 26.74
N GLY B 142 -20.19 28.57 25.99
CA GLY B 142 -20.01 27.26 26.60
C GLY B 142 -18.74 27.11 27.40
N THR B 143 -17.80 28.03 27.28
CA THR B 143 -16.54 27.90 27.97
C THR B 143 -16.56 28.48 29.38
N LEU B 144 -17.72 28.83 29.92
CA LEU B 144 -17.74 29.44 31.24
C LEU B 144 -18.58 28.68 32.25
N HIS B 145 -19.76 28.21 31.85
CA HIS B 145 -20.70 27.47 32.70
C HIS B 145 -21.10 28.28 33.93
N ASN B 146 -21.79 29.38 33.69
CA ASN B 146 -22.31 30.22 34.77
C ASN B 146 -23.64 30.83 34.34
N LYS B 147 -24.22 31.62 35.25
CA LYS B 147 -25.50 32.27 34.97
C LYS B 147 -25.36 33.34 33.90
N VAL B 148 -24.17 33.90 33.74
CA VAL B 148 -23.97 34.94 32.73
C VAL B 148 -24.04 34.34 31.34
N GLY B 149 -23.46 33.16 31.15
CA GLY B 149 -23.22 32.66 29.81
C GLY B 149 -24.47 32.19 29.11
N TYR B 150 -25.30 31.42 29.81
CA TYR B 150 -26.43 30.79 29.15
C TYR B 150 -27.59 31.75 28.94
N VAL B 151 -27.72 32.75 29.80
CA VAL B 151 -28.73 33.77 29.59
C VAL B 151 -28.40 34.60 28.36
N LEU B 152 -27.14 35.00 28.24
CA LEU B 152 -26.67 35.65 27.01
C LEU B 152 -26.69 34.68 25.84
N GLY B 153 -26.45 33.40 26.10
CA GLY B 153 -26.40 32.44 25.02
C GLY B 153 -27.77 32.12 24.45
N SER B 154 -28.77 32.02 25.32
CA SER B 154 -30.09 31.61 24.87
C SER B 154 -30.73 32.67 23.98
N LEU B 155 -30.66 33.93 24.42
CA LEU B 155 -31.31 35.03 23.72
C LEU B 155 -30.76 35.23 22.32
N LEU B 156 -29.48 34.93 22.12
CA LEU B 156 -28.91 34.99 20.78
C LEU B 156 -29.43 33.83 19.94
N SER B 157 -29.55 32.65 20.54
CA SER B 157 -30.09 31.52 19.80
C SER B 157 -31.59 31.66 19.58
N TRP B 158 -32.28 32.39 20.46
CA TRP B 158 -33.66 32.73 20.16
C TRP B 158 -33.72 33.67 18.96
N THR B 159 -32.77 34.60 18.86
CA THR B 159 -32.87 35.70 17.90
C THR B 159 -32.63 35.20 16.48
N HIS B 160 -31.55 34.45 16.27
CA HIS B 160 -31.26 33.94 14.94
C HIS B 160 -32.28 32.92 14.49
N PHE B 161 -32.83 32.14 15.42
CA PHE B 161 -33.94 31.27 15.08
C PHE B 161 -35.20 32.08 14.82
N GLY B 162 -35.32 33.25 15.44
CA GLY B 162 -36.50 34.07 15.23
C GLY B 162 -36.50 34.75 13.89
N ILE B 163 -35.34 35.27 13.45
CA ILE B 163 -35.28 36.03 12.22
C ILE B 163 -35.45 35.12 11.01
N LEU B 164 -34.82 33.93 11.06
CA LEU B 164 -34.86 33.04 9.92
C LEU B 164 -36.24 32.46 9.69
N VAL B 165 -36.92 32.04 10.77
CA VAL B 165 -38.25 31.47 10.63
C VAL B 165 -39.23 32.53 10.14
N TRP B 166 -39.12 33.75 10.65
CA TRP B 166 -40.01 34.82 10.22
C TRP B 166 -39.75 35.23 8.77
N GLN B 167 -38.52 35.04 8.28
CA GLN B 167 -38.27 35.35 6.88
C GLN B 167 -38.89 34.33 5.95
N LYS B 168 -39.11 33.11 6.43
CA LYS B 168 -39.58 32.04 5.57
C LYS B 168 -41.07 31.76 5.70
N VAL B 169 -41.75 32.33 6.69
CA VAL B 169 -43.20 32.20 6.77
C VAL B 169 -43.86 32.95 5.63
N ASP B 170 -43.57 34.24 5.52
CA ASP B 170 -43.87 34.92 4.27
C ASP B 170 -42.82 34.56 3.22
N CYS B 171 -43.13 34.94 1.98
CA CYS B 171 -42.32 34.72 0.78
C CYS B 171 -41.54 33.41 0.67
N PRO B 172 -42.23 32.26 0.54
CA PRO B 172 -41.48 31.05 0.21
C PRO B 172 -41.06 30.99 -1.24
N LYS B 173 -41.94 31.39 -2.16
CA LYS B 173 -41.61 31.32 -3.58
C LYS B 173 -40.65 32.43 -3.95
N THR B 174 -39.53 32.06 -4.59
CA THR B 174 -38.42 32.98 -4.86
C THR B 174 -37.96 32.78 -6.29
N PRO B 175 -37.75 33.85 -7.05
CA PRO B 175 -37.39 33.70 -8.47
C PRO B 175 -35.92 33.45 -8.76
N GLN B 176 -35.15 33.04 -7.77
CA GLN B 176 -33.71 32.88 -7.96
C GLN B 176 -33.38 31.61 -8.75
N ILE B 177 -33.75 30.45 -8.23
CA ILE B 177 -33.39 29.16 -8.81
C ILE B 177 -34.62 28.31 -9.09
N TYR B 178 -35.49 28.17 -8.10
CA TYR B 178 -36.62 27.26 -8.21
C TYR B 178 -37.76 27.83 -7.39
N LYS B 179 -38.96 27.28 -7.61
CA LYS B 179 -40.17 27.78 -6.98
C LYS B 179 -40.18 27.55 -5.47
N TYR B 180 -39.45 26.54 -4.98
CA TYR B 180 -39.40 26.23 -3.56
C TYR B 180 -37.98 26.12 -3.03
N TYR B 181 -37.01 26.75 -3.68
CA TYR B 181 -35.62 26.36 -3.44
C TYR B 181 -35.09 26.86 -2.11
N ALA B 182 -35.31 28.13 -1.80
CA ALA B 182 -34.78 28.69 -0.56
C ALA B 182 -35.48 28.12 0.67
N LEU B 183 -36.71 27.62 0.52
CA LEU B 183 -37.33 26.91 1.63
C LEU B 183 -36.64 25.57 1.86
N PHE B 184 -36.50 24.78 0.79
CA PHE B 184 -35.77 23.52 0.91
C PHE B 184 -34.28 23.73 1.12
N GLY B 185 -33.74 24.87 0.70
CA GLY B 185 -32.33 25.11 0.91
C GLY B 185 -31.97 25.41 2.35
N SER B 186 -32.93 25.85 3.15
CA SER B 186 -32.66 26.29 4.51
C SER B 186 -33.10 25.28 5.56
N LEU B 187 -33.45 24.08 5.15
CA LEU B 187 -33.92 23.06 6.10
C LEU B 187 -32.88 22.57 7.10
N PRO B 188 -31.59 22.41 6.76
CA PRO B 188 -30.63 22.19 7.86
C PRO B 188 -30.42 23.40 8.72
N GLN B 189 -30.36 24.59 8.11
CA GLN B 189 -30.02 25.80 8.86
C GLN B 189 -31.12 26.19 9.84
N ILE B 190 -32.37 25.88 9.52
CA ILE B 190 -33.45 26.08 10.49
C ILE B 190 -33.30 25.12 11.66
N ALA B 191 -33.27 23.82 11.37
CA ALA B 191 -33.37 22.81 12.42
C ALA B 191 -32.10 22.73 13.25
N CYS B 192 -30.99 23.26 12.75
CA CYS B 192 -29.77 23.20 13.53
C CYS B 192 -29.70 24.34 14.54
N LEU B 193 -30.35 25.47 14.25
CA LEU B 193 -30.52 26.50 15.27
C LEU B 193 -31.52 26.08 16.32
N ALA B 194 -32.46 25.20 15.96
CA ALA B 194 -33.41 24.70 16.94
C ALA B 194 -32.74 23.84 17.99
N PHE B 195 -31.60 23.22 17.64
CA PHE B 195 -30.84 22.51 18.64
C PHE B 195 -30.17 23.46 19.62
N LEU B 196 -29.79 24.66 19.14
CA LEU B 196 -29.26 25.65 20.07
C LEU B 196 -30.33 26.18 21.00
N SER B 197 -31.58 26.19 20.55
CA SER B 197 -32.66 26.67 21.40
C SER B 197 -33.09 25.64 22.43
N PHE B 198 -32.77 24.36 22.23
CA PHE B 198 -33.08 23.34 23.22
C PHE B 198 -31.85 22.88 23.98
N GLN B 199 -30.77 23.64 23.94
CA GLN B 199 -29.57 23.28 24.68
C GLN B 199 -29.14 24.35 25.66
N TYR B 200 -29.08 25.61 25.24
CA TYR B 200 -28.70 26.67 26.16
C TYR B 200 -29.72 26.91 27.27
N PRO B 201 -31.05 26.89 27.04
CA PRO B 201 -31.93 26.90 28.21
C PRO B 201 -31.94 25.58 28.95
N LEU B 202 -31.71 24.48 28.25
CA LEU B 202 -31.68 23.19 28.92
C LEU B 202 -30.47 23.07 29.83
N LEU B 203 -29.34 23.64 29.43
CA LEU B 203 -28.17 23.57 30.27
C LEU B 203 -28.17 24.67 31.31
N LEU B 204 -28.92 25.76 31.08
CA LEU B 204 -29.13 26.74 32.13
C LEU B 204 -29.99 26.17 33.25
N PHE B 205 -30.97 25.35 32.89
CA PHE B 205 -31.84 24.73 33.90
C PHE B 205 -31.10 23.71 34.74
N LYS B 206 -30.01 23.14 34.22
CA LYS B 206 -29.18 22.25 35.02
C LYS B 206 -28.34 22.99 36.04
N GLY B 207 -28.26 24.32 35.97
CA GLY B 207 -27.56 25.10 36.97
C GLY B 207 -28.24 25.18 38.31
N LEU B 208 -29.48 24.69 38.42
CA LEU B 208 -30.15 24.58 39.70
C LEU B 208 -29.44 23.58 40.62
N GLN B 209 -28.79 22.57 40.03
CA GLN B 209 -28.06 21.56 40.78
C GLN B 209 -26.63 21.96 41.12
N ASN B 210 -26.33 23.28 41.08
CA ASN B 210 -25.00 23.85 41.34
C ASN B 210 -23.94 23.26 40.43
N THR B 211 -24.25 23.20 39.14
CA THR B 211 -23.29 22.83 38.11
C THR B 211 -22.50 24.03 37.60
N GLU B 212 -22.60 25.18 38.25
CA GLU B 212 -21.81 26.36 37.93
C GLU B 212 -20.76 26.68 38.98
N THR B 213 -20.80 26.02 40.13
CA THR B 213 -19.72 26.11 41.11
C THR B 213 -18.53 25.23 40.74
N ALA B 214 -18.70 24.33 39.76
CA ALA B 214 -17.60 23.53 39.25
C ALA B 214 -16.74 24.40 38.31
N ASN B 215 -15.57 23.89 37.96
CA ASN B 215 -14.53 24.69 37.32
C ASN B 215 -14.22 24.16 35.93
N ALA B 216 -13.34 24.86 35.23
CA ALA B 216 -12.94 24.53 33.87
C ALA B 216 -11.74 23.60 33.81
N SER B 217 -11.57 22.75 34.82
CA SER B 217 -10.53 21.72 34.81
C SER B 217 -10.82 20.71 33.71
N GLU B 218 -10.01 20.73 32.65
CA GLU B 218 -10.30 19.92 31.49
C GLU B 218 -9.96 18.45 31.70
N ASP B 219 -9.15 18.13 32.70
CA ASP B 219 -8.83 16.75 33.04
C ASP B 219 -9.77 16.18 34.09
N LEU B 220 -11.01 16.67 34.12
CA LEU B 220 -12.01 16.26 35.10
C LEU B 220 -12.29 14.77 34.96
N SER B 221 -11.93 14.03 36.00
CA SER B 221 -11.85 12.57 35.90
C SER B 221 -13.24 11.97 35.78
N SER B 222 -13.69 11.79 34.55
CA SER B 222 -15.00 11.22 34.31
C SER B 222 -14.95 9.72 34.47
N SER B 223 -16.08 9.07 34.21
CA SER B 223 -16.08 7.63 34.13
C SER B 223 -15.41 7.13 32.86
N TYR B 224 -15.27 7.98 31.85
CA TYR B 224 -14.69 7.56 30.59
C TYR B 224 -13.20 7.25 30.72
N TYR B 225 -12.45 8.18 31.32
CA TYR B 225 -11.00 8.00 31.45
C TYR B 225 -10.67 6.84 32.36
N ARG B 226 -11.49 6.63 33.38
CA ARG B 226 -11.23 5.57 34.34
C ARG B 226 -11.57 4.21 33.74
N ASP B 227 -12.69 4.13 33.03
CA ASP B 227 -13.10 2.86 32.45
C ASP B 227 -12.22 2.46 31.27
N TYR B 228 -11.60 3.44 30.60
CA TYR B 228 -10.76 3.07 29.47
C TYR B 228 -9.47 2.40 29.94
N VAL B 229 -8.88 2.89 31.02
CA VAL B 229 -7.75 2.18 31.61
C VAL B 229 -8.23 0.86 32.20
N LYS B 230 -9.45 0.86 32.74
CA LYS B 230 -10.02 -0.36 33.30
C LYS B 230 -10.23 -1.41 32.24
N LYS B 231 -10.54 -1.01 31.00
CA LYS B 231 -10.74 -1.98 29.94
C LYS B 231 -9.44 -2.66 29.54
N ILE B 232 -8.31 -1.97 29.71
CA ILE B 232 -7.03 -2.54 29.35
C ILE B 232 -6.66 -3.65 30.32
N LEU B 233 -6.75 -3.37 31.62
CA LEU B 233 -6.25 -4.30 32.61
C LEU B 233 -7.22 -5.45 32.89
N LYS B 234 -8.53 -5.18 32.87
CA LYS B 234 -9.54 -6.22 33.10
C LYS B 234 -9.62 -7.22 31.95
N LYS B 235 -9.04 -6.86 30.79
CA LYS B 235 -9.25 -7.55 29.51
C LYS B 235 -8.88 -9.03 29.54
N LYS B 236 -8.01 -9.45 30.46
CA LYS B 236 -7.50 -10.81 30.52
C LYS B 236 -8.62 -11.80 30.83
N LYS B 237 -9.64 -11.38 31.56
CA LYS B 237 -10.76 -12.24 31.91
C LYS B 237 -11.80 -12.39 30.78
N PRO B 238 -12.07 -11.38 29.93
CA PRO B 238 -12.76 -11.69 28.66
C PRO B 238 -11.84 -12.11 27.53
N THR B 239 -10.52 -12.20 27.74
CA THR B 239 -9.62 -12.69 26.70
C THR B 239 -9.86 -14.16 26.38
N LYS B 240 -10.41 -14.91 27.34
CA LYS B 240 -10.87 -16.27 27.09
C LYS B 240 -11.97 -16.26 26.04
N ILE B 241 -11.69 -16.82 24.87
CA ILE B 241 -12.56 -16.66 23.71
C ILE B 241 -13.70 -17.68 23.79
N SER B 242 -14.73 -17.42 23.00
CA SER B 242 -15.84 -18.34 22.83
C SER B 242 -15.57 -19.23 21.62
N SER B 243 -16.59 -19.97 21.19
CA SER B 243 -16.50 -20.74 19.96
C SER B 243 -16.79 -19.85 18.75
N SER B 244 -16.79 -20.46 17.57
CA SER B 244 -17.09 -19.77 16.33
C SER B 244 -18.38 -20.32 15.72
N THR B 245 -19.15 -19.44 15.11
CA THR B 245 -20.41 -19.82 14.48
C THR B 245 -20.20 -20.11 12.99
N SER B 246 -21.24 -20.68 12.37
CA SER B 246 -21.20 -21.06 10.97
C SER B 246 -22.50 -20.66 10.30
N LYS B 247 -22.39 -19.95 9.18
CA LYS B 247 -23.54 -19.52 8.39
C LYS B 247 -23.38 -19.99 6.95
N PRO B 248 -24.46 -20.41 6.29
CA PRO B 248 -24.34 -20.87 4.90
C PRO B 248 -24.13 -19.77 3.89
N LYS B 249 -24.12 -20.15 2.61
CA LYS B 249 -23.75 -19.24 1.53
C LYS B 249 -24.85 -18.23 1.27
N LEU B 250 -24.44 -17.00 0.95
CA LEU B 250 -25.22 -15.87 0.46
C LEU B 250 -26.12 -15.22 1.51
N PHE B 251 -26.19 -15.77 2.73
CA PHE B 251 -26.68 -15.02 3.87
C PHE B 251 -25.56 -14.51 4.74
N ASP B 252 -24.45 -15.25 4.81
CA ASP B 252 -23.21 -14.70 5.34
C ASP B 252 -22.71 -13.57 4.46
N ARG B 253 -22.97 -13.66 3.15
CA ARG B 253 -22.65 -12.54 2.25
C ARG B 253 -23.56 -11.34 2.50
N LEU B 254 -24.77 -11.57 2.99
CA LEU B 254 -25.60 -10.51 3.53
C LEU B 254 -25.36 -10.28 5.02
N ARG B 255 -24.31 -10.89 5.57
CA ARG B 255 -23.91 -10.64 6.94
C ARG B 255 -22.49 -10.08 7.04
N ASP B 256 -21.61 -10.44 6.12
CA ASP B 256 -20.31 -9.76 6.04
C ASP B 256 -20.48 -8.30 5.62
N ALA B 257 -21.55 -8.00 4.87
CA ALA B 257 -21.88 -6.60 4.60
C ALA B 257 -22.42 -5.91 5.84
N VAL B 258 -23.01 -6.67 6.76
CA VAL B 258 -23.38 -6.09 8.05
C VAL B 258 -22.12 -5.85 8.87
N LYS B 259 -21.10 -6.70 8.69
CA LYS B 259 -19.86 -6.52 9.45
C LYS B 259 -19.11 -5.26 9.05
N SER B 260 -19.32 -4.77 7.83
CA SER B 260 -18.86 -3.44 7.50
C SER B 260 -19.82 -2.35 7.96
N TYR B 261 -21.09 -2.70 8.19
CA TYR B 261 -22.03 -1.70 8.70
C TYR B 261 -21.81 -1.40 10.17
N ILE B 262 -21.25 -2.34 10.93
CA ILE B 262 -21.28 -2.26 12.40
C ILE B 262 -20.33 -1.16 12.86
N TYR B 263 -20.92 0.00 13.11
CA TYR B 263 -20.28 1.11 13.80
C TYR B 263 -20.60 1.08 15.28
N THR B 264 -21.44 0.14 15.71
CA THR B 264 -22.07 0.12 17.01
C THR B 264 -21.26 -0.24 18.25
N PRO B 265 -20.24 -1.14 18.19
CA PRO B 265 -20.06 -2.16 19.25
C PRO B 265 -19.77 -1.56 20.62
N GLU B 266 -20.16 -2.30 21.67
CA GLU B 266 -20.05 -1.82 23.03
C GLU B 266 -18.60 -1.55 23.40
N ASP B 267 -18.29 -0.28 23.59
CA ASP B 267 -16.91 0.11 23.81
C ASP B 267 -16.90 1.38 24.62
N VAL B 268 -15.87 1.52 25.43
CA VAL B 268 -15.59 2.77 26.14
C VAL B 268 -14.66 3.53 25.20
N PHE B 269 -15.25 4.27 24.27
CA PHE B 269 -14.45 5.00 23.30
C PHE B 269 -15.23 6.20 22.80
N ARG B 270 -14.62 7.37 22.88
CA ARG B 270 -15.27 8.60 22.44
C ARG B 270 -14.36 9.34 21.47
N PHE B 271 -14.97 9.86 20.40
CA PHE B 271 -14.24 10.47 19.31
C PHE B 271 -13.59 11.77 19.74
N PRO B 272 -12.60 12.24 19.01
CA PRO B 272 -12.18 13.63 19.14
C PRO B 272 -13.27 14.56 18.67
N LEU B 273 -13.17 15.81 19.12
CA LEU B 273 -14.17 16.80 18.75
C LEU B 273 -14.03 17.19 17.29
N LYS B 274 -12.80 17.37 16.82
CA LYS B 274 -12.57 17.81 15.46
C LYS B 274 -12.98 16.73 14.45
N LEU B 275 -12.91 15.46 14.84
CA LEU B 275 -13.34 14.40 13.95
C LEU B 275 -14.85 14.25 13.95
N ALA B 276 -15.49 14.52 15.09
CA ALA B 276 -16.93 14.30 15.18
C ALA B 276 -17.70 15.36 14.44
N ILE B 277 -17.15 16.57 14.36
CA ILE B 277 -17.75 17.64 13.57
C ILE B 277 -17.74 17.28 12.08
N SER B 278 -16.62 16.72 11.62
CA SER B 278 -16.38 16.49 10.21
C SER B 278 -17.30 15.46 9.59
N VAL B 279 -17.97 14.63 10.39
CA VAL B 279 -18.92 13.69 9.82
C VAL B 279 -20.24 14.37 9.54
N VAL B 280 -20.71 15.20 10.48
CA VAL B 280 -22.00 15.86 10.31
C VAL B 280 -21.92 16.93 9.25
N VAL B 281 -20.83 17.72 9.25
CA VAL B 281 -20.65 18.77 8.26
C VAL B 281 -20.50 18.16 6.86
N ALA B 282 -19.94 16.96 6.78
CA ALA B 282 -20.00 16.23 5.53
C ALA B 282 -21.42 15.83 5.19
N PHE B 283 -22.21 15.43 6.19
CA PHE B 283 -23.57 14.97 5.91
C PHE B 283 -24.47 16.11 5.47
N ILE B 284 -24.23 17.32 5.95
CA ILE B 284 -24.95 18.46 5.43
C ILE B 284 -24.53 18.77 4.00
N ALA B 285 -23.23 18.64 3.71
CA ALA B 285 -22.72 18.93 2.37
C ALA B 285 -23.24 17.94 1.35
N LEU B 286 -23.46 16.70 1.77
CA LEU B 286 -24.13 15.73 0.91
C LEU B 286 -25.56 16.16 0.60
N TYR B 287 -26.24 16.72 1.59
CA TYR B 287 -27.62 17.18 1.39
C TYR B 287 -27.68 18.38 0.46
N GLN B 288 -26.63 19.18 0.42
CA GLN B 288 -26.67 20.41 -0.37
C GLN B 288 -26.30 20.16 -1.82
N MET B 289 -25.41 19.22 -2.10
CA MET B 289 -25.14 18.91 -3.49
C MET B 289 -26.28 18.12 -4.11
N ALA B 290 -26.94 17.27 -3.32
CA ALA B 290 -28.06 16.50 -3.85
C ALA B 290 -29.27 17.37 -4.15
N LEU B 291 -29.37 18.52 -3.50
CA LEU B 291 -30.42 19.47 -3.82
C LEU B 291 -30.03 20.37 -4.98
N LEU B 292 -28.76 20.72 -5.10
CA LEU B 292 -28.35 21.61 -6.16
C LEU B 292 -28.39 20.91 -7.52
N LEU B 293 -28.14 19.60 -7.54
CA LEU B 293 -28.17 18.90 -8.82
C LEU B 293 -29.59 18.66 -9.30
N ILE B 294 -30.49 18.28 -8.39
CA ILE B 294 -31.88 18.01 -8.77
C ILE B 294 -32.58 19.30 -9.17
N SER B 295 -32.46 20.32 -8.33
CA SER B 295 -33.16 21.57 -8.54
C SER B 295 -32.38 22.56 -9.39
N GLY B 296 -31.57 22.06 -10.32
CA GLY B 296 -30.91 22.92 -11.27
C GLY B 296 -31.03 22.39 -12.69
N VAL B 297 -31.52 21.16 -12.83
CA VAL B 297 -31.53 20.46 -14.10
C VAL B 297 -32.94 20.16 -14.57
N LEU B 298 -33.75 19.56 -13.69
CA LEU B 298 -35.16 19.32 -14.01
C LEU B 298 -35.98 20.55 -14.42
N PRO B 299 -35.71 21.79 -13.94
CA PRO B 299 -36.38 22.94 -14.58
C PRO B 299 -36.07 23.09 -16.05
N THR B 300 -34.84 22.88 -16.48
CA THR B 300 -34.57 22.97 -17.90
C THR B 300 -34.84 21.67 -18.65
N LEU B 301 -35.54 20.72 -18.03
CA LEU B 301 -35.97 19.52 -18.72
C LEU B 301 -37.47 19.45 -18.94
N HIS B 302 -38.27 19.90 -17.97
CA HIS B 302 -39.71 19.89 -18.18
C HIS B 302 -40.13 20.91 -19.23
N ILE B 303 -39.39 22.02 -19.33
CA ILE B 303 -39.69 23.06 -20.31
C ILE B 303 -39.53 22.52 -21.73
N VAL B 304 -38.51 21.69 -21.94
CA VAL B 304 -38.35 21.05 -23.24
C VAL B 304 -39.39 19.94 -23.40
N ARG B 305 -39.73 19.24 -22.32
CA ARG B 305 -40.75 18.20 -22.40
C ARG B 305 -42.13 18.79 -22.66
N ARG B 306 -42.37 20.04 -22.23
CA ARG B 306 -43.58 20.73 -22.63
C ARG B 306 -43.41 21.38 -24.00
N GLY B 307 -42.47 22.34 -24.10
CA GLY B 307 -42.29 23.09 -25.33
C GLY B 307 -41.51 22.33 -26.37
N VAL B 308 -42.15 21.32 -26.96
CA VAL B 308 -41.46 20.39 -27.83
C VAL B 308 -41.19 21.02 -29.19
N ASP B 309 -42.17 21.77 -29.71
CA ASP B 309 -42.15 22.44 -31.02
C ASP B 309 -41.91 21.43 -32.15
N GLU B 310 -42.90 20.54 -32.30
CA GLU B 310 -42.79 19.41 -33.22
C GLU B 310 -42.73 19.88 -34.67
N ASN B 311 -43.36 21.02 -34.97
CA ASN B 311 -43.19 21.62 -36.28
C ASN B 311 -41.77 22.16 -36.46
N ILE B 312 -41.19 22.70 -35.40
CA ILE B 312 -39.81 23.18 -35.48
C ILE B 312 -38.83 22.03 -35.36
N ALA B 313 -39.16 21.01 -34.55
CA ALA B 313 -38.28 19.85 -34.41
C ALA B 313 -38.31 18.97 -35.65
N PHE B 314 -39.35 19.09 -36.48
CA PHE B 314 -39.32 18.47 -37.79
C PHE B 314 -38.21 19.06 -38.65
N LEU B 315 -38.12 20.38 -38.70
CA LEU B 315 -37.02 21.03 -39.43
C LEU B 315 -35.70 20.85 -38.71
N LEU B 316 -35.73 20.67 -37.39
CA LEU B 316 -34.52 20.23 -36.69
C LEU B 316 -34.15 18.82 -37.07
N ALA B 317 -35.14 17.97 -37.36
CA ALA B 317 -34.86 16.62 -37.81
C ALA B 317 -34.44 16.62 -39.27
N GLY B 318 -35.17 17.34 -40.12
CA GLY B 318 -34.92 17.34 -41.55
C GLY B 318 -33.63 18.02 -41.98
N PHE B 319 -33.00 18.79 -41.09
CA PHE B 319 -31.74 19.46 -41.44
C PHE B 319 -30.55 18.56 -41.18
N ASN B 320 -30.68 17.57 -40.30
CA ASN B 320 -29.57 16.69 -39.96
C ASN B 320 -29.84 15.24 -40.29
N ILE B 321 -30.97 14.68 -39.86
CA ILE B 321 -31.16 13.24 -39.89
C ILE B 321 -32.46 12.88 -40.62
N ILE B 322 -32.84 11.62 -40.54
CA ILE B 322 -33.95 11.06 -41.29
C ILE B 322 -35.20 11.02 -40.40
N LEU B 323 -36.33 11.41 -40.98
CA LEU B 323 -37.61 11.36 -40.28
C LEU B 323 -38.01 9.94 -39.92
N SER B 324 -37.81 9.02 -40.88
CA SER B 324 -37.88 7.56 -40.79
C SER B 324 -39.29 6.99 -40.67
N ASN B 325 -40.30 7.82 -40.38
CA ASN B 325 -41.75 7.72 -40.65
C ASN B 325 -42.44 8.91 -39.98
N ASP B 326 -43.64 9.23 -40.49
CA ASP B 326 -44.80 9.71 -39.71
C ASP B 326 -44.53 10.86 -38.76
N ARG B 327 -44.38 12.09 -39.28
CA ARG B 327 -43.97 13.25 -38.47
C ARG B 327 -44.90 13.56 -37.29
N GLN B 328 -46.14 13.05 -37.29
CA GLN B 328 -46.97 13.12 -36.09
C GLN B 328 -46.43 12.18 -35.00
N GLU B 329 -46.01 10.98 -35.39
CA GLU B 329 -45.56 9.97 -34.43
C GLU B 329 -44.20 10.31 -33.84
N VAL B 330 -43.49 11.28 -34.43
CA VAL B 330 -42.22 11.76 -33.89
C VAL B 330 -42.40 12.40 -32.52
N VAL B 331 -43.59 12.97 -32.28
CA VAL B 331 -43.98 13.41 -30.94
C VAL B 331 -43.94 12.25 -29.96
N ARG B 332 -44.39 11.08 -30.39
CA ARG B 332 -44.25 9.91 -29.53
C ARG B 332 -42.79 9.47 -29.46
N ILE B 333 -41.99 9.77 -30.48
CA ILE B 333 -40.62 9.25 -30.53
C ILE B 333 -39.71 10.05 -29.60
N VAL B 334 -39.66 11.37 -29.77
CA VAL B 334 -38.68 12.18 -29.05
C VAL B 334 -39.06 12.28 -27.57
N VAL B 335 -40.36 12.19 -27.26
CA VAL B 335 -40.78 12.10 -25.87
C VAL B 335 -40.34 10.79 -25.25
N TYR B 336 -40.42 9.69 -26.00
CA TYR B 336 -40.03 8.39 -25.49
C TYR B 336 -38.54 8.26 -25.24
N TYR B 337 -37.72 9.21 -25.69
CA TYR B 337 -36.36 9.28 -25.22
C TYR B 337 -36.17 10.27 -24.08
N LEU B 338 -36.89 11.38 -24.09
CA LEU B 338 -36.76 12.31 -22.98
C LEU B 338 -37.51 11.88 -21.73
N TRP B 339 -38.25 10.77 -21.77
CA TRP B 339 -38.49 10.07 -20.53
C TRP B 339 -37.18 9.59 -19.94
N CYS B 340 -36.36 8.92 -20.76
CA CYS B 340 -35.22 8.17 -20.25
C CYS B 340 -34.06 9.06 -19.82
N VAL B 341 -33.98 10.28 -20.34
CA VAL B 341 -32.94 11.19 -19.87
C VAL B 341 -33.26 11.64 -18.44
N GLU B 342 -34.53 11.88 -18.17
CA GLU B 342 -34.94 12.29 -16.83
C GLU B 342 -34.85 11.12 -15.86
N ILE B 343 -35.15 9.91 -16.33
CA ILE B 343 -35.05 8.73 -15.47
C ILE B 343 -33.59 8.42 -15.16
N CYS B 344 -32.70 8.64 -16.13
CA CYS B 344 -31.29 8.36 -15.90
C CYS B 344 -30.68 9.34 -14.91
N TYR B 345 -30.96 10.63 -15.07
CA TYR B 345 -30.30 11.64 -14.24
C TYR B 345 -30.82 11.62 -12.82
N VAL B 346 -32.06 11.19 -12.61
CA VAL B 346 -32.55 10.97 -11.26
C VAL B 346 -31.88 9.75 -10.65
N SER B 347 -31.74 8.68 -11.43
CA SER B 347 -31.11 7.48 -10.92
C SER B 347 -29.62 7.68 -10.68
N ALA B 348 -29.00 8.61 -11.39
CA ALA B 348 -27.57 8.84 -11.20
C ALA B 348 -27.30 9.56 -9.89
N VAL B 349 -28.18 10.48 -9.49
CA VAL B 349 -27.98 11.16 -8.22
C VAL B 349 -28.28 10.23 -7.07
N THR B 350 -29.37 9.47 -7.17
CA THR B 350 -29.72 8.54 -6.12
C THR B 350 -28.75 7.37 -6.02
N LEU B 351 -27.97 7.11 -7.06
CA LEU B 351 -26.88 6.17 -6.90
C LEU B 351 -25.70 6.82 -6.21
N SER B 352 -25.34 8.04 -6.63
CA SER B 352 -24.18 8.71 -6.07
C SER B 352 -24.44 9.20 -4.66
N CYS B 353 -25.68 9.50 -4.32
CA CYS B 353 -25.97 9.89 -2.95
C CYS B 353 -25.95 8.70 -2.02
N LEU B 354 -26.31 7.52 -2.53
CA LEU B 354 -26.33 6.33 -1.69
C LEU B 354 -24.91 5.85 -1.39
N VAL B 355 -24.01 5.98 -2.36
CA VAL B 355 -22.65 5.48 -2.20
C VAL B 355 -21.90 6.30 -1.17
N ASN B 356 -22.01 7.62 -1.25
CA ASN B 356 -21.34 8.46 -0.26
C ASN B 356 -22.00 8.36 1.10
N LEU B 357 -23.27 8.00 1.14
CA LEU B 357 -23.91 7.66 2.42
C LEU B 357 -23.34 6.36 2.96
N LEU B 358 -23.03 5.42 2.07
CA LEU B 358 -22.44 4.17 2.51
C LEU B 358 -20.99 4.36 2.93
N MET B 359 -20.30 5.33 2.36
CA MET B 359 -18.88 5.49 2.66
C MET B 359 -18.64 6.21 3.98
N LEU B 360 -19.41 7.26 4.28
CA LEU B 360 -19.20 7.98 5.53
C LEU B 360 -19.60 7.14 6.73
N MET B 361 -20.55 6.25 6.56
CA MET B 361 -20.80 5.24 7.59
C MET B 361 -19.60 4.32 7.71
N ARG B 362 -19.03 3.91 6.58
CA ARG B 362 -17.83 3.09 6.60
C ARG B 362 -16.63 3.88 7.06
N SER B 363 -16.57 5.18 6.76
CA SER B 363 -15.49 6.00 7.25
C SER B 363 -15.61 6.30 8.74
N MET B 364 -16.73 5.98 9.36
CA MET B 364 -16.88 6.18 10.78
C MET B 364 -16.26 5.03 11.57
N VAL B 365 -16.45 3.80 11.10
CA VAL B 365 -15.90 2.67 11.85
C VAL B 365 -14.40 2.60 11.64
N LEU B 366 -13.89 3.14 10.54
CA LEU B 366 -12.47 3.00 10.32
C LEU B 366 -11.68 4.07 11.06
N HIS B 367 -12.32 5.20 11.39
CA HIS B 367 -11.67 6.12 12.31
C HIS B 367 -11.54 5.54 13.71
N ARG B 368 -12.45 4.64 14.09
CA ARG B 368 -12.33 3.99 15.39
C ARG B 368 -11.10 3.11 15.44
N SER B 369 -10.93 2.26 14.43
CA SER B 369 -9.86 1.27 14.50
C SER B 369 -8.51 1.88 14.16
N ASN B 370 -8.47 2.95 13.36
CA ASN B 370 -7.21 3.64 13.14
C ASN B 370 -6.70 4.30 14.40
N LEU B 371 -7.61 4.72 15.27
CA LEU B 371 -7.24 5.53 16.40
C LEU B 371 -6.89 4.69 17.62
N LYS B 372 -7.51 3.53 17.79
CA LYS B 372 -7.06 2.61 18.82
C LYS B 372 -5.73 2.00 18.44
N GLY B 373 -5.51 1.74 17.16
CA GLY B 373 -4.26 1.15 16.73
C GLY B 373 -3.10 2.10 16.80
N LEU B 374 -3.37 3.40 16.87
CA LEU B 374 -2.33 4.40 17.02
C LEU B 374 -2.09 4.71 18.49
N TYR B 375 -2.97 4.26 19.37
CA TYR B 375 -2.65 4.27 20.79
C TYR B 375 -1.54 3.27 21.10
N ARG B 376 -1.64 2.08 20.53
CA ARG B 376 -0.67 1.03 20.81
C ARG B 376 0.69 1.32 20.21
N GLY B 377 0.75 2.12 19.15
CA GLY B 377 1.94 2.15 18.33
C GLY B 377 2.09 0.86 17.56
N ASP B 378 0.97 0.23 17.22
CA ASP B 378 0.94 -1.17 16.79
C ASP B 378 1.35 -1.30 15.34
N SER B 379 1.18 -2.51 14.80
CA SER B 379 1.60 -2.88 13.45
C SER B 379 0.45 -2.82 12.45
N LEU B 380 -0.46 -1.85 12.60
CA LEU B 380 -1.53 -1.63 11.64
C LEU B 380 -1.25 -0.41 10.75
N ASN B 381 -1.15 0.77 11.36
CA ASN B 381 -0.73 1.98 10.66
C ASN B 381 0.75 2.25 10.87
N VAL B 382 1.57 1.20 10.91
CA VAL B 382 2.99 1.28 11.23
C VAL B 382 3.82 1.57 9.99
N PHE B 383 3.16 1.93 8.88
CA PHE B 383 3.88 2.44 7.73
C PHE B 383 4.55 3.78 8.05
N ASN B 384 3.97 4.55 8.97
CA ASN B 384 4.62 5.73 9.53
C ASN B 384 4.72 5.71 11.05
N CYS B 385 4.01 4.80 11.74
CA CYS B 385 4.05 4.71 13.21
C CYS B 385 5.29 3.99 13.72
N HIS B 386 6.13 3.46 12.83
CA HIS B 386 7.44 2.97 13.26
C HIS B 386 8.40 4.12 13.54
N ARG B 387 8.11 5.31 13.03
CA ARG B 387 8.90 6.51 13.30
C ARG B 387 8.45 7.18 14.60
N SER B 388 9.00 8.37 14.85
CA SER B 388 8.78 9.05 16.11
C SER B 388 7.52 9.91 16.07
N ILE B 389 6.76 9.88 17.16
CA ILE B 389 5.65 10.81 17.35
C ILE B 389 6.26 12.17 17.68
N ARG B 390 6.08 13.13 16.80
CA ARG B 390 6.76 14.40 16.95
C ARG B 390 5.92 15.51 16.33
N PRO B 391 5.32 16.38 17.13
CA PRO B 391 4.39 17.37 16.59
C PRO B 391 5.10 18.50 15.84
N SER B 392 5.43 18.26 14.58
CA SER B 392 6.28 19.16 13.81
C SER B 392 5.49 20.40 13.37
N ARG B 393 6.12 21.22 12.53
CA ARG B 393 5.40 22.38 11.99
C ARG B 393 4.31 21.98 11.01
N PRO B 394 4.58 21.30 9.88
CA PRO B 394 3.50 21.06 8.92
C PRO B 394 2.50 20.01 9.36
N ALA B 395 2.76 19.29 10.45
CA ALA B 395 1.73 18.47 11.05
C ALA B 395 0.63 19.33 11.64
N LEU B 396 0.96 20.54 12.07
CA LEU B 396 -0.02 21.35 12.76
C LEU B 396 -0.95 22.07 11.81
N VAL B 397 -0.47 22.43 10.62
CA VAL B 397 -1.31 23.12 9.64
C VAL B 397 -2.36 22.16 9.11
N CYS B 398 -2.00 20.90 8.95
CA CYS B 398 -2.98 19.90 8.51
C CYS B 398 -4.06 19.68 9.57
N TRP B 399 -3.71 19.84 10.84
CA TRP B 399 -4.72 19.75 11.88
C TRP B 399 -5.60 20.98 11.89
N MET B 400 -5.03 22.14 11.61
CA MET B 400 -5.81 23.37 11.54
C MET B 400 -6.62 23.34 10.26
N GLY B 401 -7.84 22.88 10.33
CA GLY B 401 -8.59 22.78 9.12
C GLY B 401 -8.48 21.39 8.53
N PHE B 402 -8.79 20.39 9.34
CA PHE B 402 -9.12 19.09 8.79
C PHE B 402 -10.59 18.96 8.45
N THR B 403 -11.47 19.59 9.24
CA THR B 403 -12.90 19.52 8.97
C THR B 403 -13.27 20.15 7.64
N SER B 404 -12.55 21.18 7.23
CA SER B 404 -12.86 21.81 5.96
C SER B 404 -12.49 20.92 4.79
N TYR B 405 -11.39 20.17 4.94
CA TYR B 405 -10.97 19.27 3.89
C TYR B 405 -11.94 18.12 3.70
N GLN B 406 -12.58 17.68 4.78
CA GLN B 406 -13.51 16.57 4.67
C GLN B 406 -14.76 16.98 3.92
N ALA B 407 -15.30 18.16 4.21
CA ALA B 407 -16.49 18.60 3.53
C ALA B 407 -16.20 19.20 2.15
N ALA B 408 -14.95 19.50 1.85
CA ALA B 408 -14.64 19.96 0.50
C ALA B 408 -14.50 18.79 -0.46
N PHE B 409 -13.89 17.69 -0.01
CA PHE B 409 -13.70 16.56 -0.91
C PHE B 409 -14.97 15.79 -1.15
N LEU B 410 -16.02 16.04 -0.37
CA LEU B 410 -17.26 15.33 -0.61
C LEU B 410 -18.11 16.04 -1.66
N CYS B 411 -18.03 17.35 -1.73
CA CYS B 411 -18.77 18.09 -2.75
C CYS B 411 -18.21 17.81 -4.14
N LEU B 412 -16.89 17.69 -4.26
CA LEU B 412 -16.33 17.20 -5.52
C LEU B 412 -16.65 15.75 -5.75
N GLY B 413 -16.91 14.99 -4.69
CA GLY B 413 -17.28 13.59 -4.87
C GLY B 413 -18.61 13.46 -5.57
N MET B 414 -19.62 14.19 -5.10
CA MET B 414 -20.94 14.11 -5.71
C MET B 414 -20.98 14.71 -7.11
N ALA B 415 -20.03 15.56 -7.45
CA ALA B 415 -20.01 16.11 -8.80
C ALA B 415 -19.55 15.06 -9.79
N ILE B 416 -18.34 14.58 -9.61
CA ILE B 416 -17.75 13.59 -10.51
C ILE B 416 -18.51 12.27 -10.55
N GLN B 417 -18.92 11.77 -9.39
CA GLN B 417 -19.63 10.49 -9.36
C GLN B 417 -20.95 10.55 -10.10
N THR B 418 -21.63 11.69 -10.08
CA THR B 418 -22.86 11.75 -10.83
C THR B 418 -22.59 11.94 -12.32
N LEU B 419 -21.53 12.66 -12.65
CA LEU B 419 -21.17 12.91 -14.04
C LEU B 419 -20.69 11.63 -14.72
N VAL B 420 -20.17 10.70 -13.92
CA VAL B 420 -19.66 9.44 -14.45
C VAL B 420 -20.79 8.42 -14.58
N PHE B 421 -21.56 8.26 -13.51
CA PHE B 421 -22.67 7.31 -13.50
C PHE B 421 -23.77 7.70 -14.48
N PHE B 422 -23.87 8.97 -14.83
CA PHE B 422 -24.85 9.40 -15.83
C PHE B 422 -24.52 8.83 -17.19
N ILE B 423 -23.23 8.80 -17.51
CA ILE B 423 -22.76 8.26 -18.78
C ILE B 423 -22.59 6.75 -18.74
N CYS B 424 -22.75 6.15 -17.57
CA CYS B 424 -22.60 4.70 -17.42
C CYS B 424 -23.93 3.97 -17.43
N ILE B 425 -25.02 4.71 -17.43
CA ILE B 425 -26.35 4.13 -17.45
C ILE B 425 -27.02 4.32 -18.80
N LEU B 426 -26.76 5.45 -19.46
CA LEU B 426 -27.20 5.63 -20.84
C LEU B 426 -26.55 4.62 -21.77
N PHE B 427 -25.29 4.27 -21.49
CA PHE B 427 -24.62 3.18 -22.18
C PHE B 427 -25.30 1.84 -21.89
N ALA B 428 -26.01 1.72 -20.77
CA ALA B 428 -26.79 0.52 -20.53
C ALA B 428 -28.22 0.65 -21.03
N VAL B 429 -28.84 1.82 -20.82
CA VAL B 429 -30.24 1.98 -21.18
C VAL B 429 -30.42 2.01 -22.67
N PHE B 430 -29.64 2.83 -23.37
CA PHE B 430 -29.75 2.88 -24.82
C PHE B 430 -29.15 1.67 -25.53
N LEU B 431 -28.57 0.72 -24.82
CA LEU B 431 -27.96 -0.36 -25.58
C LEU B 431 -28.46 -1.74 -25.20
N ILE B 432 -28.76 -2.00 -23.93
CA ILE B 432 -29.22 -3.35 -23.61
C ILE B 432 -30.62 -3.32 -23.01
N ILE B 433 -31.01 -2.20 -22.42
CA ILE B 433 -32.28 -2.19 -21.69
C ILE B 433 -33.43 -2.02 -22.66
N ILE B 434 -33.39 -0.95 -23.45
CA ILE B 434 -34.39 -0.73 -24.50
C ILE B 434 -34.52 -1.88 -25.49
N PRO B 435 -33.43 -2.43 -26.07
CA PRO B 435 -33.65 -3.48 -27.09
C PRO B 435 -34.19 -4.77 -26.55
N ILE B 436 -33.81 -5.16 -25.32
CA ILE B 436 -34.46 -6.30 -24.68
C ILE B 436 -35.92 -5.96 -24.38
N LEU B 437 -36.20 -4.70 -24.05
CA LEU B 437 -37.57 -4.31 -23.81
C LEU B 437 -38.34 -4.21 -25.11
N TRP B 438 -37.81 -3.48 -26.08
CA TRP B 438 -38.54 -3.15 -27.30
C TRP B 438 -37.94 -3.79 -28.55
N GLY B 439 -36.68 -3.54 -28.83
CA GLY B 439 -36.03 -4.10 -29.99
C GLY B 439 -35.90 -3.20 -31.19
N THR B 440 -35.73 -1.89 -31.00
CA THR B 440 -35.52 -1.01 -32.14
C THR B 440 -34.10 -1.18 -32.69
N ASN B 441 -33.10 -0.79 -31.91
CA ASN B 441 -31.71 -0.81 -32.33
C ASN B 441 -31.01 -2.01 -31.71
N LEU B 442 -30.11 -2.61 -32.47
CA LEU B 442 -29.36 -3.79 -32.06
C LEU B 442 -27.88 -3.61 -32.36
N MET B 443 -27.32 -2.49 -31.92
CA MET B 443 -25.96 -2.14 -32.33
C MET B 443 -24.92 -3.06 -31.72
N LEU B 444 -25.09 -3.46 -30.45
CA LEU B 444 -24.09 -4.33 -29.85
C LEU B 444 -24.27 -5.77 -30.28
N PHE B 445 -25.50 -6.21 -30.51
CA PHE B 445 -25.73 -7.60 -30.87
C PHE B 445 -25.52 -7.85 -32.35
N HIS B 446 -25.14 -6.84 -33.13
CA HIS B 446 -24.46 -7.02 -34.39
C HIS B 446 -22.95 -6.99 -34.24
N ILE B 447 -22.46 -6.56 -33.09
CA ILE B 447 -21.03 -6.67 -32.82
C ILE B 447 -20.71 -8.00 -32.16
N ILE B 448 -21.40 -8.31 -31.05
CA ILE B 448 -21.16 -9.57 -30.37
C ILE B 448 -21.66 -10.76 -31.18
N GLY B 449 -22.72 -10.56 -31.96
CA GLY B 449 -23.18 -11.59 -32.87
C GLY B 449 -22.24 -11.88 -34.02
N ASN B 450 -21.28 -11.00 -34.29
CA ASN B 450 -20.26 -11.23 -35.29
C ASN B 450 -18.92 -11.61 -34.67
N LEU B 451 -18.91 -12.00 -33.40
CA LEU B 451 -17.72 -12.54 -32.76
C LEU B 451 -18.03 -13.77 -31.91
N TRP B 452 -19.15 -14.44 -32.17
CA TRP B 452 -19.57 -15.55 -31.33
C TRP B 452 -18.69 -16.81 -31.41
N PRO B 453 -17.91 -17.11 -32.50
CA PRO B 453 -16.90 -18.16 -32.31
C PRO B 453 -15.61 -17.64 -31.71
N PHE B 454 -15.37 -16.32 -31.79
CA PHE B 454 -14.08 -15.79 -31.37
C PHE B 454 -13.90 -15.87 -29.86
N TRP B 455 -14.91 -15.45 -29.11
CA TRP B 455 -14.81 -15.48 -27.66
C TRP B 455 -14.96 -16.85 -27.06
N LEU B 456 -15.24 -17.88 -27.87
CA LEU B 456 -15.23 -19.22 -27.32
C LEU B 456 -13.80 -19.66 -27.01
N THR B 457 -12.85 -19.26 -27.87
CA THR B 457 -11.49 -19.77 -27.74
C THR B 457 -10.72 -19.08 -26.63
N LEU B 458 -11.10 -17.86 -26.27
CA LEU B 458 -10.53 -17.28 -25.06
C LEU B 458 -11.04 -18.00 -23.83
N VAL B 459 -12.22 -18.59 -23.90
CA VAL B 459 -12.73 -19.38 -22.78
C VAL B 459 -12.07 -20.74 -22.76
N LEU B 460 -12.06 -21.44 -23.90
CA LEU B 460 -11.60 -22.82 -23.94
C LEU B 460 -10.11 -22.95 -23.67
N ALA B 461 -9.31 -21.97 -24.07
CA ALA B 461 -7.89 -22.02 -23.74
C ALA B 461 -7.67 -21.69 -22.27
N ALA B 462 -8.44 -20.74 -21.73
CA ALA B 462 -8.40 -20.50 -20.30
C ALA B 462 -9.05 -21.63 -19.53
N LEU B 463 -9.95 -22.37 -20.17
CA LEU B 463 -10.45 -23.60 -19.57
C LEU B 463 -9.36 -24.66 -19.53
N ILE B 464 -8.61 -24.79 -20.62
CA ILE B 464 -7.65 -25.89 -20.66
C ILE B 464 -6.43 -25.59 -19.82
N GLN B 465 -6.20 -24.33 -19.43
CA GLN B 465 -5.08 -24.07 -18.54
C GLN B 465 -5.43 -24.37 -17.10
N HIS B 466 -6.67 -24.09 -16.69
CA HIS B 466 -7.06 -24.41 -15.32
C HIS B 466 -7.33 -25.90 -15.15
N VAL B 467 -7.91 -26.55 -16.16
CA VAL B 467 -8.31 -27.94 -16.03
C VAL B 467 -7.10 -28.86 -16.03
N ALA B 468 -6.19 -28.67 -16.99
CA ALA B 468 -5.03 -29.53 -17.08
C ALA B 468 -4.03 -29.28 -15.95
N SER B 469 -4.12 -28.14 -15.27
CA SER B 469 -3.21 -27.88 -14.17
C SER B 469 -3.60 -28.68 -12.93
N ARG B 470 -4.85 -28.61 -12.52
CA ARG B 470 -5.27 -29.26 -11.29
C ARG B 470 -5.33 -30.78 -11.41
N PHE B 471 -5.44 -31.31 -12.62
CA PHE B 471 -5.66 -32.73 -12.79
C PHE B 471 -4.47 -33.48 -13.37
N LEU B 472 -3.53 -32.78 -13.99
CA LEU B 472 -2.35 -33.47 -14.52
C LEU B 472 -1.05 -32.98 -13.90
N PHE B 473 -0.85 -31.67 -13.80
CA PHE B 473 0.45 -31.19 -13.35
C PHE B 473 0.58 -31.24 -11.83
N ILE B 474 -0.29 -30.50 -11.14
CA ILE B 474 -0.20 -30.37 -9.69
C ILE B 474 -0.56 -31.70 -9.03
N ARG B 475 0.39 -32.25 -8.28
CA ARG B 475 0.25 -33.55 -7.66
C ARG B 475 0.25 -33.37 -6.15
N LYS B 476 -0.95 -33.39 -5.56
CA LYS B 476 -1.08 -33.40 -4.11
C LYS B 476 -0.55 -34.71 -3.56
N ASP B 477 0.30 -34.62 -2.56
CA ASP B 477 1.03 -35.77 -2.04
C ASP B 477 0.77 -35.91 -0.55
N GLY B 478 1.60 -36.69 0.13
CA GLY B 478 1.49 -36.77 1.57
C GLY B 478 1.77 -35.43 2.23
N GLY B 479 1.03 -35.13 3.29
CA GLY B 479 1.13 -33.83 3.92
C GLY B 479 0.47 -32.72 3.16
N THR B 480 -0.35 -33.05 2.15
CA THR B 480 -1.05 -32.13 1.24
C THR B 480 -0.08 -31.19 0.51
N ARG B 481 1.17 -31.60 0.40
CA ARG B 481 2.20 -30.80 -0.25
C ARG B 481 2.23 -31.17 -1.71
N ASP B 482 2.08 -30.17 -2.56
CA ASP B 482 1.80 -30.37 -3.98
C ASP B 482 3.00 -29.97 -4.82
N LEU B 483 3.52 -30.92 -5.58
CA LEU B 483 4.57 -30.69 -6.56
C LEU B 483 3.97 -30.87 -7.95
N ASN B 484 4.83 -30.85 -8.96
CA ASN B 484 4.39 -30.80 -10.35
C ASN B 484 5.08 -31.85 -11.22
N ASN B 485 4.33 -32.35 -12.20
CA ASN B 485 4.84 -33.22 -13.26
C ASN B 485 5.35 -32.32 -14.38
N ARG B 486 6.66 -32.14 -14.44
CA ARG B 486 7.27 -31.12 -15.28
C ARG B 486 7.29 -31.56 -16.75
N GLY B 487 8.05 -30.82 -17.56
CA GLY B 487 8.33 -31.21 -18.93
C GLY B 487 7.20 -30.95 -19.89
N SER B 488 6.07 -31.62 -19.65
CA SER B 488 4.89 -31.39 -20.45
C SER B 488 4.33 -29.99 -20.25
N LEU B 489 4.63 -29.36 -19.12
CA LEU B 489 4.10 -28.05 -18.84
C LEU B 489 4.83 -26.96 -19.62
N PHE B 490 6.14 -27.11 -19.84
CA PHE B 490 6.90 -26.12 -20.59
C PHE B 490 6.43 -26.06 -22.03
N LEU B 491 5.93 -27.18 -22.55
CA LEU B 491 5.37 -27.19 -23.89
C LEU B 491 4.06 -26.42 -23.94
N LEU B 492 3.20 -26.62 -22.94
CA LEU B 492 1.85 -26.05 -23.00
C LEU B 492 1.88 -24.55 -22.80
N SER B 493 2.87 -24.04 -22.07
CA SER B 493 3.05 -22.60 -21.94
C SER B 493 3.74 -21.99 -23.14
N TYR B 494 4.01 -22.78 -24.17
CA TYR B 494 4.55 -22.29 -25.42
C TYR B 494 3.58 -22.40 -26.58
N ILE B 495 2.73 -23.43 -26.59
CA ILE B 495 1.69 -23.50 -27.61
C ILE B 495 0.67 -22.38 -27.38
N LEU B 496 0.39 -22.05 -26.13
CA LEU B 496 -0.59 -21.04 -25.81
C LEU B 496 0.00 -19.65 -25.69
N PHE B 497 1.09 -19.36 -26.40
CA PHE B 497 1.73 -18.07 -26.22
C PHE B 497 0.97 -16.95 -26.91
N LEU B 498 0.66 -17.12 -28.19
CA LEU B 498 -0.10 -16.07 -28.86
C LEU B 498 -1.55 -16.03 -28.44
N VAL B 499 -2.07 -17.10 -27.86
CA VAL B 499 -3.43 -17.05 -27.34
C VAL B 499 -3.49 -16.17 -26.12
N ASN B 500 -2.52 -16.33 -25.23
CA ASN B 500 -2.50 -15.58 -23.98
C ASN B 500 -2.23 -14.10 -24.17
N VAL B 501 -1.79 -13.67 -25.35
CA VAL B 501 -1.79 -12.24 -25.61
C VAL B 501 -3.22 -11.74 -25.76
N MET B 502 -4.07 -12.51 -26.44
CA MET B 502 -5.46 -12.12 -26.57
C MET B 502 -6.24 -12.27 -25.28
N ILE B 503 -5.78 -13.09 -24.34
CA ILE B 503 -6.38 -13.01 -23.01
C ILE B 503 -5.84 -11.79 -22.30
N GLY B 504 -4.60 -11.41 -22.59
CA GLY B 504 -3.98 -10.25 -21.95
C GLY B 504 -4.57 -8.91 -22.33
N VAL B 505 -5.46 -8.87 -23.31
CA VAL B 505 -6.15 -7.62 -23.60
C VAL B 505 -7.42 -7.51 -22.77
N VAL B 506 -8.09 -8.64 -22.53
CA VAL B 506 -9.27 -8.64 -21.68
C VAL B 506 -8.91 -8.31 -20.25
N LEU B 507 -7.76 -8.78 -19.77
CA LEU B 507 -7.30 -8.31 -18.47
C LEU B 507 -6.74 -6.91 -18.54
N GLY B 508 -6.39 -6.44 -19.73
CA GLY B 508 -5.90 -5.08 -19.85
C GLY B 508 -6.98 -4.04 -19.64
N ILE B 509 -8.16 -4.28 -20.19
CA ILE B 509 -9.23 -3.32 -19.98
C ILE B 509 -9.84 -3.48 -18.60
N TRP B 510 -9.64 -4.62 -17.95
CA TRP B 510 -10.18 -4.77 -16.60
C TRP B 510 -9.33 -4.02 -15.60
N ARG B 511 -8.03 -3.93 -15.83
CA ARG B 511 -7.15 -3.14 -14.96
C ARG B 511 -7.47 -1.66 -15.05
N VAL B 512 -7.88 -1.21 -16.24
CA VAL B 512 -8.23 0.20 -16.43
C VAL B 512 -9.59 0.52 -15.82
N VAL B 513 -10.53 -0.42 -15.94
CA VAL B 513 -11.87 -0.22 -15.40
C VAL B 513 -11.85 -0.24 -13.87
N ILE B 514 -11.28 -1.29 -13.28
CA ILE B 514 -11.41 -1.51 -11.84
C ILE B 514 -10.64 -0.49 -11.03
N THR B 515 -9.77 0.26 -11.69
CA THR B 515 -9.04 1.35 -11.06
C THR B 515 -9.90 2.62 -11.15
N ALA B 516 -10.74 2.71 -12.19
CA ALA B 516 -11.63 3.84 -12.39
C ALA B 516 -12.76 3.78 -11.37
N LEU B 517 -13.44 2.64 -11.26
CA LEU B 517 -14.50 2.54 -10.28
C LEU B 517 -13.99 2.81 -8.89
N PHE B 518 -12.81 2.29 -8.55
CA PHE B 518 -12.32 2.41 -7.19
C PHE B 518 -11.85 3.81 -6.87
N ASN B 519 -11.48 4.57 -7.89
CA ASN B 519 -11.00 5.93 -7.68
C ASN B 519 -12.16 6.91 -7.49
N ILE B 520 -13.35 6.54 -7.95
CA ILE B 520 -14.52 7.42 -7.79
C ILE B 520 -15.33 7.05 -6.55
N VAL B 521 -15.50 5.77 -6.27
CA VAL B 521 -16.23 5.37 -5.08
C VAL B 521 -15.55 5.94 -3.85
N HIS B 522 -14.25 5.70 -3.72
CA HIS B 522 -13.47 6.14 -2.58
C HIS B 522 -12.85 7.50 -2.79
N LEU B 523 -13.46 8.34 -3.61
CA LEU B 523 -12.89 9.64 -3.88
C LEU B 523 -13.17 10.63 -2.76
N GLY B 524 -14.28 10.48 -2.07
CA GLY B 524 -14.61 11.37 -0.99
C GLY B 524 -14.29 10.81 0.38
N ARG B 525 -13.14 10.14 0.49
CA ARG B 525 -12.66 9.68 1.77
C ARG B 525 -11.24 10.17 1.97
N LEU B 526 -10.88 10.36 3.23
CA LEU B 526 -9.55 10.88 3.57
C LEU B 526 -8.67 9.86 4.23
N ASP B 527 -9.22 8.79 4.74
CA ASP B 527 -8.49 7.81 5.51
C ASP B 527 -7.79 6.79 4.64
N ILE B 528 -7.81 6.97 3.33
CA ILE B 528 -7.38 5.95 2.40
C ILE B 528 -6.62 6.64 1.29
N SER B 529 -5.50 6.08 0.89
CA SER B 529 -4.65 6.70 -0.10
C SER B 529 -4.90 6.05 -1.45
N LEU B 530 -5.14 6.87 -2.46
CA LEU B 530 -5.50 6.32 -3.76
C LEU B 530 -4.28 5.90 -4.57
N LEU B 531 -3.10 6.36 -4.19
CA LEU B 531 -1.90 6.02 -4.95
C LEU B 531 -1.38 4.67 -4.49
N ASN B 532 -0.17 4.33 -4.92
CA ASN B 532 0.46 3.08 -4.54
C ASN B 532 0.85 3.11 -3.07
N ARG B 533 1.09 1.91 -2.52
CA ARG B 533 1.75 1.75 -1.23
C ARG B 533 3.02 2.57 -1.11
N ASN B 534 3.87 2.55 -2.14
CA ASN B 534 5.17 3.18 -2.01
C ASN B 534 5.12 4.70 -2.10
N VAL B 535 4.02 5.28 -2.57
CA VAL B 535 3.97 6.73 -2.76
C VAL B 535 2.76 7.36 -2.11
N GLU B 536 2.31 6.81 -0.96
CA GLU B 536 1.12 7.34 -0.28
C GLU B 536 1.28 8.79 0.14
N ALA B 537 2.49 9.21 0.47
CA ALA B 537 2.70 10.49 1.13
C ALA B 537 2.50 11.69 0.22
N PHE B 538 2.33 11.49 -1.08
CA PHE B 538 2.10 12.60 -1.99
C PHE B 538 0.63 12.81 -2.30
N ASP B 539 -0.22 11.85 -2.01
CA ASP B 539 -1.65 12.08 -2.05
C ASP B 539 -2.01 13.08 -0.97
N PRO B 540 -2.53 14.25 -1.32
CA PRO B 540 -2.69 15.29 -0.30
C PRO B 540 -3.83 15.03 0.64
N GLY B 541 -4.77 14.17 0.27
CA GLY B 541 -5.85 13.84 1.17
C GLY B 541 -5.42 12.96 2.31
N TYR B 542 -4.72 11.88 2.01
CA TYR B 542 -4.21 11.00 3.05
C TYR B 542 -3.09 11.66 3.84
N ARG B 543 -2.41 12.65 3.25
CA ARG B 543 -1.38 13.36 3.98
C ARG B 543 -1.96 14.18 5.11
N CYS B 544 -3.04 14.92 4.85
CA CYS B 544 -3.65 15.72 5.91
C CYS B 544 -4.42 14.89 6.91
N TYR B 545 -4.69 13.62 6.61
CA TYR B 545 -5.37 12.81 7.60
C TYR B 545 -4.42 12.18 8.58
N SER B 546 -3.21 11.80 8.14
CA SER B 546 -2.26 11.23 9.07
C SER B 546 -1.73 12.29 10.01
N HIS B 547 -1.46 13.48 9.49
CA HIS B 547 -0.91 14.54 10.34
C HIS B 547 -1.95 15.09 11.30
N TYR B 548 -3.23 14.96 10.97
CA TYR B 548 -4.27 15.10 11.98
C TYR B 548 -4.09 14.09 13.08
N LEU B 549 -4.14 12.81 12.70
CA LEU B 549 -4.30 11.74 13.66
C LEU B 549 -3.03 11.53 14.46
N LYS B 550 -1.91 12.07 13.97
CA LYS B 550 -0.68 12.03 14.75
C LYS B 550 -0.66 13.08 15.84
N ILE B 551 -1.16 14.28 15.56
CA ILE B 551 -1.13 15.29 16.59
C ILE B 551 -2.31 15.14 17.54
N GLU B 552 -3.31 14.35 17.17
CA GLU B 552 -4.42 14.14 18.09
C GLU B 552 -4.03 13.18 19.20
N VAL B 553 -3.12 12.27 18.92
CA VAL B 553 -2.71 11.32 19.94
C VAL B 553 -1.55 11.85 20.78
N SER B 554 -0.79 12.80 20.27
CA SER B 554 0.32 13.34 21.05
C SER B 554 -0.11 14.44 22.01
N GLN B 555 -1.39 14.75 22.07
CA GLN B 555 -1.84 15.80 22.96
C GLN B 555 -2.86 15.32 23.98
N SER B 556 -3.68 14.35 23.64
CA SER B 556 -4.79 13.96 24.50
C SER B 556 -4.93 12.45 24.54
N HIS B 557 -3.85 11.74 24.84
CA HIS B 557 -3.93 10.29 24.89
C HIS B 557 -4.74 9.87 26.11
N PRO B 558 -5.71 8.96 25.95
CA PRO B 558 -6.62 8.64 27.05
C PRO B 558 -6.03 7.76 28.13
N VAL B 559 -4.72 7.60 28.21
CA VAL B 559 -4.07 6.99 29.34
C VAL B 559 -3.33 8.02 30.18
N MET B 560 -2.56 8.92 29.55
CA MET B 560 -1.92 9.95 30.34
C MET B 560 -2.90 11.02 30.79
N LYS B 561 -4.06 11.12 30.15
CA LYS B 561 -5.08 12.04 30.63
C LYS B 561 -5.90 11.40 31.74
N ALA B 562 -5.92 10.07 31.80
CA ALA B 562 -6.43 9.38 32.97
C ALA B 562 -5.38 9.24 34.05
N PHE B 563 -4.10 9.35 33.70
CA PHE B 563 -3.04 9.20 34.68
C PHE B 563 -2.95 10.41 35.59
N CYS B 564 -3.06 11.61 35.01
CA CYS B 564 -3.04 12.81 35.81
C CYS B 564 -4.27 12.94 36.68
N GLY B 565 -5.35 12.22 36.36
CA GLY B 565 -6.51 12.21 37.23
C GLY B 565 -6.26 11.53 38.56
N LEU B 566 -5.42 10.51 38.58
CA LEU B 566 -5.04 9.91 39.85
C LEU B 566 -4.02 10.73 40.61
N LEU B 567 -3.30 11.61 39.94
CA LEU B 567 -2.36 12.46 40.64
C LEU B 567 -2.98 13.77 41.08
N LEU B 568 -4.10 14.16 40.47
CA LEU B 568 -4.72 15.41 40.86
C LEU B 568 -5.77 15.19 41.94
N GLN B 569 -6.76 14.33 41.67
CA GLN B 569 -7.88 14.15 42.59
C GLN B 569 -7.53 13.32 43.82
N SER B 570 -6.31 12.81 43.91
CA SER B 570 -5.82 12.26 45.17
C SER B 570 -5.03 13.28 45.96
N SER B 571 -4.39 14.23 45.28
CA SER B 571 -3.59 15.24 45.97
C SER B 571 -4.46 16.23 46.72
N GLY B 572 -5.57 16.65 46.11
CA GLY B 572 -6.47 17.58 46.75
C GLY B 572 -7.40 16.97 47.78
N GLN B 573 -7.40 15.64 47.94
CA GLN B 573 -8.28 14.97 48.87
C GLN B 573 -7.54 14.04 49.83
N ASP B 574 -6.27 14.33 50.10
CA ASP B 574 -5.52 13.65 51.16
C ASP B 574 -4.97 14.66 52.15
N ASN B 598 7.21 9.15 57.30
CA ASN B 598 7.48 8.53 58.60
C ASN B 598 7.52 7.00 58.52
N LYS B 599 7.45 6.35 59.67
CA LYS B 599 7.38 4.90 59.69
C LYS B 599 6.02 4.39 59.25
N VAL B 600 4.97 5.21 59.41
CA VAL B 600 3.65 4.79 58.96
C VAL B 600 3.55 4.88 57.45
N SER B 601 4.10 5.95 56.86
CA SER B 601 4.21 6.00 55.41
C SER B 601 5.26 5.04 54.88
N ASN B 602 6.20 4.62 55.74
CA ASN B 602 7.12 3.57 55.34
C ASN B 602 6.40 2.23 55.23
N ALA B 603 5.35 2.02 56.01
CA ALA B 603 4.52 0.84 55.84
C ALA B 603 3.76 0.91 54.51
N LYS B 604 3.37 2.12 54.10
CA LYS B 604 2.88 2.30 52.74
C LYS B 604 4.00 2.05 51.73
N ARG B 605 5.23 2.47 52.07
CA ARG B 605 6.37 2.14 51.22
C ARG B 605 6.71 0.65 51.29
N ALA B 606 6.44 0.01 52.42
CA ALA B 606 6.65 -1.42 52.51
C ALA B 606 5.62 -2.18 51.69
N ARG B 607 4.44 -1.61 51.51
CA ARG B 607 3.51 -2.15 50.51
C ARG B 607 3.98 -1.80 49.11
N ALA B 608 4.59 -0.62 48.95
CA ALA B 608 5.01 -0.16 47.64
C ALA B 608 6.19 -0.97 47.12
N HIS B 609 7.10 -1.35 48.00
CA HIS B 609 8.21 -2.19 47.59
C HIS B 609 7.76 -3.60 47.24
N TRP B 610 6.69 -4.08 47.86
CA TRP B 610 6.19 -5.39 47.52
C TRP B 610 5.41 -5.36 46.21
N GLN B 611 4.68 -4.28 45.95
CA GLN B 611 3.97 -4.17 44.69
C GLN B 611 4.91 -3.95 43.51
N LEU B 612 6.12 -3.44 43.75
CA LEU B 612 7.14 -3.50 42.73
C LEU B 612 7.52 -4.93 42.42
N LEU B 613 7.61 -5.77 43.46
CA LEU B 613 8.00 -7.14 43.22
C LEU B 613 6.88 -7.94 42.58
N TYR B 614 5.62 -7.68 42.97
CA TYR B 614 4.50 -8.44 42.44
C TYR B 614 4.30 -8.17 40.94
N THR B 615 4.70 -7.00 40.47
CA THR B 615 4.64 -6.74 39.04
C THR B 615 5.77 -7.43 38.30
N LEU B 616 6.98 -7.37 38.84
CA LEU B 616 8.14 -7.90 38.15
C LEU B 616 8.18 -9.42 38.11
N VAL B 617 7.52 -10.09 39.06
CA VAL B 617 7.43 -11.54 39.01
C VAL B 617 6.54 -11.97 37.86
N ASN B 618 5.37 -11.37 37.74
CA ASN B 618 4.45 -11.75 36.68
C ASN B 618 4.78 -11.10 35.34
N ASN B 619 5.81 -10.27 35.27
CA ASN B 619 6.23 -9.62 34.02
C ASN B 619 7.73 -9.69 33.93
N PRO B 620 8.26 -10.73 33.27
CA PRO B 620 9.72 -10.96 33.33
C PRO B 620 10.53 -9.99 32.48
N SER B 621 10.05 -9.65 31.28
CA SER B 621 10.86 -8.89 30.33
C SER B 621 11.05 -7.43 30.72
N LEU B 622 10.36 -6.96 31.74
CA LEU B 622 10.52 -5.60 32.21
C LEU B 622 11.70 -5.44 33.15
N VAL B 623 12.25 -6.55 33.65
CA VAL B 623 13.30 -6.48 34.66
C VAL B 623 14.57 -5.91 34.06
N GLY B 624 14.91 -6.32 32.84
CA GLY B 624 16.00 -5.68 32.12
C GLY B 624 15.70 -4.22 31.82
N SER B 625 14.47 -3.93 31.40
CA SER B 625 14.10 -2.54 31.15
C SER B 625 13.76 -1.78 32.41
N ARG B 626 13.82 -2.43 33.58
CA ARG B 626 13.84 -1.67 34.82
C ARG B 626 15.26 -1.30 35.22
N LYS B 627 16.15 -2.29 35.25
CA LYS B 627 17.52 -2.08 35.73
C LYS B 627 18.35 -1.26 34.76
N HIS B 628 18.10 -1.40 33.45
CA HIS B 628 18.79 -0.54 32.50
C HIS B 628 18.21 0.86 32.48
N PHE B 629 16.99 1.03 33.00
CA PHE B 629 16.31 2.32 33.03
C PHE B 629 16.01 2.79 34.45
N GLN B 630 16.73 2.27 35.45
CA GLN B 630 16.60 2.78 36.82
C GLN B 630 17.57 3.94 37.03
N GLU C 26 -1.12 4.04 -54.57
CA GLU C 26 -1.11 4.52 -55.94
C GLU C 26 -0.26 3.62 -56.83
N VAL C 27 0.46 2.69 -56.21
CA VAL C 27 1.21 1.67 -56.92
C VAL C 27 0.77 0.30 -56.41
N ILE C 28 0.82 -0.69 -57.30
CA ILE C 28 0.45 -2.07 -56.94
C ILE C 28 1.53 -2.99 -57.49
N PRO C 29 2.30 -3.65 -56.65
CA PRO C 29 3.26 -4.65 -57.13
C PRO C 29 2.63 -6.02 -57.20
N PRO C 30 2.73 -6.70 -58.34
CA PRO C 30 2.60 -8.15 -58.35
C PRO C 30 3.88 -8.77 -57.82
N CYS C 31 3.75 -9.97 -57.26
CA CYS C 31 4.87 -10.57 -56.55
C CYS C 31 4.97 -12.05 -56.90
N ASP C 32 5.99 -12.40 -57.68
CA ASP C 32 6.46 -13.79 -57.71
C ASP C 32 6.81 -14.40 -56.35
N PRO C 33 7.28 -13.66 -55.32
CA PRO C 33 7.32 -14.29 -53.98
C PRO C 33 5.96 -14.63 -53.40
N THR C 34 4.97 -13.74 -53.52
CA THR C 34 3.64 -13.97 -52.96
C THR C 34 2.92 -15.10 -53.68
N ALA C 35 3.05 -15.17 -55.00
CA ALA C 35 2.56 -16.32 -55.76
C ALA C 35 3.28 -17.61 -55.38
N ASP C 36 4.51 -17.53 -54.87
CA ASP C 36 5.18 -18.69 -54.32
C ASP C 36 5.01 -18.78 -52.80
N GLU C 37 4.55 -17.71 -52.15
CA GLU C 37 4.32 -17.73 -50.71
C GLU C 37 3.22 -18.71 -50.34
N GLY C 38 2.23 -18.89 -51.23
CA GLY C 38 1.26 -19.95 -51.04
C GLY C 38 1.89 -21.33 -51.14
N LEU C 39 2.96 -21.46 -51.91
CA LEU C 39 3.74 -22.69 -51.89
C LEU C 39 4.84 -22.65 -50.83
N PHE C 40 5.31 -21.46 -50.43
CA PHE C 40 6.19 -21.38 -49.27
C PHE C 40 5.44 -21.65 -47.97
N HIS C 41 4.13 -21.45 -47.95
CA HIS C 41 3.34 -22.00 -46.86
C HIS C 41 3.35 -23.53 -46.90
N ILE C 42 3.31 -24.12 -48.09
CA ILE C 42 3.31 -25.57 -48.18
C ILE C 42 4.73 -26.11 -47.99
N CYS C 43 5.73 -25.39 -48.47
CA CYS C 43 7.11 -25.89 -48.42
C CYS C 43 7.63 -25.94 -46.98
N ILE C 44 7.54 -24.83 -46.26
CA ILE C 44 8.15 -24.73 -44.93
C ILE C 44 7.43 -25.62 -43.94
N ALA C 45 6.10 -25.70 -44.04
CA ALA C 45 5.33 -26.60 -43.18
C ALA C 45 5.60 -28.07 -43.48
N ALA C 46 6.08 -28.38 -44.68
CA ALA C 46 6.60 -29.72 -44.92
C ALA C 46 7.96 -29.91 -44.28
N ILE C 47 8.75 -28.84 -44.17
CA ILE C 47 10.05 -28.97 -43.52
C ILE C 47 9.88 -29.08 -42.02
N SER C 48 8.98 -28.29 -41.45
CA SER C 48 8.85 -28.24 -40.00
C SER C 48 8.23 -29.50 -39.44
N LEU C 49 7.46 -30.23 -40.25
CA LEU C 49 6.84 -31.45 -39.75
C LEU C 49 7.84 -32.59 -39.70
N VAL C 50 8.87 -32.55 -40.55
CA VAL C 50 9.86 -33.63 -40.56
C VAL C 50 10.76 -33.53 -39.34
N VAL C 51 11.29 -32.33 -39.06
CA VAL C 51 12.30 -32.14 -38.04
C VAL C 51 11.73 -32.40 -36.65
N MET C 52 10.43 -32.14 -36.47
CA MET C 52 9.78 -32.46 -35.20
C MET C 52 9.72 -33.97 -34.97
N LEU C 53 9.51 -34.75 -36.02
CA LEU C 53 9.40 -36.18 -35.85
C LEU C 53 10.77 -36.87 -35.85
N VAL C 54 11.80 -36.19 -36.36
CA VAL C 54 13.17 -36.68 -36.19
C VAL C 54 13.56 -36.62 -34.72
N LEU C 55 13.16 -35.55 -34.04
CA LEU C 55 13.45 -35.41 -32.62
C LEU C 55 12.61 -36.35 -31.77
N ALA C 56 11.49 -36.85 -32.30
CA ALA C 56 10.76 -37.91 -31.63
C ALA C 56 11.49 -39.24 -31.74
N ILE C 57 12.32 -39.41 -32.77
CA ILE C 57 13.09 -40.64 -32.91
C ILE C 57 14.29 -40.62 -31.98
N LEU C 58 14.98 -39.49 -31.90
CA LEU C 58 16.16 -39.38 -31.06
C LEU C 58 15.84 -39.42 -29.58
N ALA C 59 14.63 -39.03 -29.20
CA ALA C 59 14.23 -39.16 -27.80
C ALA C 59 13.98 -40.62 -27.42
N ARG C 60 13.67 -41.46 -28.40
CA ARG C 60 13.65 -42.90 -28.21
C ARG C 60 15.01 -43.54 -28.46
N ARG C 61 16.06 -42.73 -28.58
CA ARG C 61 17.41 -43.21 -28.71
C ARG C 61 18.38 -42.61 -27.70
N GLN C 62 17.89 -41.84 -26.72
CA GLN C 62 18.78 -41.21 -25.77
C GLN C 62 18.40 -41.40 -24.31
N LYS C 63 17.21 -41.93 -24.01
CA LYS C 63 16.71 -42.18 -22.65
C LYS C 63 16.76 -40.91 -21.81
N LEU C 64 16.03 -39.89 -22.28
CA LEU C 64 16.12 -38.56 -21.73
C LEU C 64 15.38 -38.46 -20.40
N SER C 65 15.60 -37.32 -19.76
CA SER C 65 14.94 -36.89 -18.53
C SER C 65 13.57 -36.33 -18.84
N ASP C 66 13.06 -35.49 -17.94
CA ASP C 66 11.75 -34.85 -18.03
C ASP C 66 11.47 -34.06 -19.31
N ASN C 67 12.48 -33.82 -20.15
CA ASN C 67 12.37 -33.08 -21.41
C ASN C 67 11.39 -33.69 -22.41
N GLN C 68 10.95 -34.92 -22.19
CA GLN C 68 9.93 -35.51 -23.03
C GLN C 68 8.53 -35.09 -22.57
N ARG C 69 7.60 -35.12 -23.52
CA ARG C 69 6.20 -34.81 -23.23
C ARG C 69 5.56 -35.91 -22.40
N GLY C 70 4.91 -35.53 -21.32
CA GLY C 70 4.21 -36.46 -20.46
C GLY C 70 2.85 -36.88 -20.93
N LEU C 71 2.48 -36.51 -22.16
CA LEU C 71 1.23 -36.94 -22.77
C LEU C 71 1.45 -37.74 -24.04
N THR C 72 2.39 -37.34 -24.87
CA THR C 72 2.74 -38.06 -26.10
C THR C 72 4.17 -38.55 -26.11
N GLY C 73 5.14 -37.66 -25.91
CA GLY C 73 6.53 -38.06 -25.94
C GLY C 73 7.41 -37.17 -26.79
N LEU C 74 6.84 -36.10 -27.31
CA LEU C 74 7.58 -35.11 -28.08
C LEU C 74 8.54 -34.33 -27.16
N LEU C 75 9.57 -33.74 -27.76
CA LEU C 75 10.51 -32.95 -26.98
C LEU C 75 9.85 -31.70 -26.42
N SER C 76 10.31 -31.31 -25.25
CA SER C 76 10.02 -29.98 -24.78
C SER C 76 10.96 -28.99 -25.44
N PRO C 77 10.54 -27.75 -25.60
CA PRO C 77 11.50 -26.69 -25.93
C PRO C 77 12.37 -26.32 -24.74
N VAL C 78 13.13 -25.23 -24.88
CA VAL C 78 14.17 -24.86 -23.93
C VAL C 78 13.59 -24.67 -22.53
N ASN C 79 14.25 -25.28 -21.53
CA ASN C 79 13.82 -25.28 -20.14
C ASN C 79 13.74 -23.87 -19.59
N PHE C 80 12.58 -23.51 -19.07
CA PHE C 80 12.38 -22.16 -18.58
C PHE C 80 12.83 -21.98 -17.15
N LEU C 81 12.91 -23.05 -16.38
CA LEU C 81 13.29 -22.93 -14.98
C LEU C 81 14.77 -23.14 -14.76
N ASP C 82 15.61 -22.73 -15.70
CA ASP C 82 17.05 -22.67 -15.51
C ASP C 82 17.46 -21.21 -15.52
N HIS C 83 18.37 -20.86 -14.64
CA HIS C 83 18.88 -19.51 -14.58
C HIS C 83 20.25 -19.37 -15.23
N THR C 84 20.94 -20.48 -15.45
CA THR C 84 22.25 -20.43 -16.05
C THR C 84 22.26 -20.79 -17.53
N GLN C 85 21.11 -21.16 -18.09
CA GLN C 85 21.05 -21.57 -19.47
C GLN C 85 21.15 -20.34 -20.37
N HIS C 86 21.75 -20.53 -21.54
CA HIS C 86 21.99 -19.40 -22.42
C HIS C 86 20.69 -18.91 -23.04
N LYS C 87 20.41 -17.63 -22.88
CA LYS C 87 19.11 -17.06 -23.23
C LYS C 87 19.14 -16.31 -24.54
N GLY C 88 20.00 -16.71 -25.47
CA GLY C 88 20.00 -16.09 -26.78
C GLY C 88 18.97 -16.68 -27.72
N LEU C 89 18.66 -17.96 -27.56
CA LEU C 89 17.73 -18.60 -28.48
C LEU C 89 16.30 -18.21 -28.18
N ALA C 90 15.92 -18.26 -26.90
CA ALA C 90 14.52 -18.10 -26.53
C ALA C 90 14.05 -16.67 -26.70
N VAL C 91 14.92 -15.70 -26.42
CA VAL C 91 14.56 -14.31 -26.65
C VAL C 91 14.42 -14.04 -28.13
N ALA C 92 15.19 -14.74 -28.95
CA ALA C 92 15.11 -14.56 -30.39
C ALA C 92 13.80 -15.09 -30.96
N VAL C 93 13.38 -16.28 -30.54
CA VAL C 93 12.22 -16.92 -31.16
C VAL C 93 10.93 -16.24 -30.72
N TYR C 94 10.82 -15.85 -29.45
CA TYR C 94 9.64 -15.08 -29.05
C TYR C 94 9.63 -13.70 -29.68
N GLY C 95 10.79 -13.14 -29.98
CA GLY C 95 10.87 -11.88 -30.68
C GLY C 95 10.42 -11.97 -32.13
N VAL C 96 10.43 -13.17 -32.70
CA VAL C 96 9.87 -13.38 -34.02
C VAL C 96 8.39 -13.71 -33.95
N LEU C 97 8.00 -14.53 -32.98
CA LEU C 97 6.60 -14.92 -32.83
C LEU C 97 5.70 -13.76 -32.47
N PHE C 98 6.24 -12.72 -31.84
CA PHE C 98 5.39 -11.58 -31.55
C PHE C 98 5.15 -10.72 -32.78
N CYS C 99 6.15 -10.62 -33.67
CA CYS C 99 6.02 -9.74 -34.83
C CYS C 99 5.01 -10.27 -35.82
N LYS C 100 4.85 -11.58 -35.92
CA LYS C 100 3.84 -12.15 -36.80
C LYS C 100 2.44 -11.88 -36.29
N LEU C 101 2.27 -11.64 -35.00
CA LEU C 101 0.97 -11.23 -34.50
C LEU C 101 0.65 -9.81 -34.93
N VAL C 102 1.66 -8.95 -34.99
CA VAL C 102 1.44 -7.54 -35.35
C VAL C 102 0.98 -7.43 -36.80
N GLY C 103 1.66 -8.12 -37.71
CA GLY C 103 1.26 -8.10 -39.10
C GLY C 103 -0.04 -8.83 -39.37
N MET C 104 -0.45 -9.74 -38.48
CA MET C 104 -1.64 -10.53 -38.75
C MET C 104 -2.91 -9.72 -38.50
N VAL C 105 -2.84 -8.74 -37.60
CA VAL C 105 -4.02 -7.92 -37.31
C VAL C 105 -4.32 -7.00 -38.48
N LEU C 106 -3.27 -6.47 -39.12
CA LEU C 106 -3.45 -5.45 -40.15
C LEU C 106 -4.02 -6.04 -41.43
N SER C 107 -3.37 -7.06 -41.97
CA SER C 107 -3.90 -7.75 -43.14
C SER C 107 -5.13 -8.54 -42.71
N HIS C 108 -6.26 -8.33 -43.39
CA HIS C 108 -7.51 -8.95 -42.97
C HIS C 108 -7.55 -10.43 -43.30
N HIS C 109 -7.09 -10.78 -44.49
CA HIS C 109 -7.19 -12.11 -45.10
C HIS C 109 -6.27 -13.24 -44.60
N PRO C 110 -5.11 -12.97 -43.98
CA PRO C 110 -3.82 -13.53 -44.44
C PRO C 110 -3.70 -15.02 -44.68
N LEU C 111 -4.52 -15.87 -44.06
CA LEU C 111 -4.43 -17.31 -44.28
C LEU C 111 -5.78 -17.91 -44.69
N PRO C 112 -6.18 -17.76 -45.95
CA PRO C 112 -7.27 -18.60 -46.50
C PRO C 112 -6.78 -19.76 -47.35
N PHE C 113 -5.47 -20.02 -47.34
CA PHE C 113 -4.75 -20.39 -48.57
C PHE C 113 -5.14 -21.77 -49.10
N THR C 114 -5.12 -22.81 -48.26
CA THR C 114 -5.45 -24.14 -48.76
C THR C 114 -6.51 -24.84 -47.95
N LYS C 115 -6.88 -24.33 -46.79
CA LYS C 115 -7.86 -24.94 -45.92
C LYS C 115 -9.21 -24.26 -46.11
N GLU C 116 -10.23 -24.85 -45.50
CA GLU C 116 -11.56 -24.23 -45.57
C GLU C 116 -11.63 -23.00 -44.69
N VAL C 117 -12.47 -22.06 -45.10
CA VAL C 117 -12.67 -20.86 -44.31
C VAL C 117 -13.54 -21.14 -43.09
N ALA C 118 -14.73 -21.73 -43.31
CA ALA C 118 -15.67 -22.16 -42.26
C ALA C 118 -16.02 -21.01 -41.32
N ASN C 119 -16.77 -20.04 -41.88
CA ASN C 119 -17.11 -18.76 -41.25
C ASN C 119 -15.85 -17.95 -40.94
N LYS C 120 -15.28 -17.33 -41.98
CA LYS C 120 -13.92 -16.77 -42.11
C LYS C 120 -13.28 -16.16 -40.87
N GLU C 121 -14.09 -15.52 -40.02
CA GLU C 121 -13.56 -15.04 -38.74
C GLU C 121 -13.10 -16.20 -37.84
N PHE C 122 -13.66 -17.39 -38.03
CA PHE C 122 -13.11 -18.57 -37.37
C PHE C 122 -11.75 -18.93 -37.93
N TRP C 123 -11.49 -18.62 -39.18
CA TRP C 123 -10.20 -18.90 -39.79
C TRP C 123 -9.13 -17.89 -39.39
N MET C 124 -9.51 -16.81 -38.70
CA MET C 124 -8.55 -15.88 -38.12
C MET C 124 -8.22 -16.23 -36.67
N ILE C 125 -8.37 -17.50 -36.30
CA ILE C 125 -8.17 -17.96 -34.93
C ILE C 125 -7.05 -18.98 -34.84
N LEU C 126 -7.09 -20.00 -35.70
CA LEU C 126 -6.09 -21.06 -35.65
C LEU C 126 -4.70 -20.60 -36.05
N ALA C 127 -4.59 -19.43 -36.66
CA ALA C 127 -3.29 -18.86 -36.95
C ALA C 127 -2.55 -18.44 -35.68
N LEU C 128 -3.27 -18.26 -34.56
CA LEU C 128 -2.62 -18.10 -33.28
C LEU C 128 -1.91 -19.38 -32.87
N LEU C 129 -2.45 -20.53 -33.25
CA LEU C 129 -1.81 -21.81 -33.00
C LEU C 129 -0.92 -22.26 -34.13
N TYR C 130 -0.74 -21.44 -35.17
CA TYR C 130 0.01 -21.90 -36.32
C TYR C 130 1.47 -21.49 -36.27
N TYR C 131 1.73 -20.22 -35.98
CA TYR C 131 3.11 -19.73 -35.92
C TYR C 131 3.97 -20.38 -34.84
N PRO C 132 3.51 -20.65 -33.60
CA PRO C 132 4.38 -21.41 -32.69
C PRO C 132 4.60 -22.84 -33.12
N THR C 133 3.68 -23.43 -33.87
CA THR C 133 3.93 -24.76 -34.42
C THR C 133 5.01 -24.70 -35.50
N LEU C 134 4.99 -23.63 -36.29
CA LEU C 134 5.91 -23.51 -37.42
C LEU C 134 7.33 -23.27 -36.94
N TYR C 135 7.52 -22.36 -36.00
CA TYR C 135 8.84 -22.04 -35.51
C TYR C 135 9.31 -22.97 -34.40
N TYR C 136 8.55 -24.02 -34.11
CA TYR C 136 8.90 -24.94 -33.03
C TYR C 136 10.23 -25.68 -33.18
N PRO C 137 10.65 -26.21 -34.34
CA PRO C 137 11.96 -26.87 -34.38
C PRO C 137 13.14 -25.95 -34.20
N LEU C 138 12.96 -24.63 -34.27
CA LEU C 138 14.07 -23.73 -34.02
C LEU C 138 14.51 -23.79 -32.56
N LEU C 139 13.56 -23.69 -31.63
CA LEU C 139 13.90 -23.81 -30.23
C LEU C 139 14.25 -25.23 -29.85
N ALA C 140 13.73 -26.21 -30.57
CA ALA C 140 13.89 -27.60 -30.15
C ALA C 140 15.30 -28.11 -30.33
N CYS C 141 16.13 -27.44 -31.15
CA CYS C 141 17.49 -27.93 -31.37
C CYS C 141 18.38 -27.71 -30.16
N GLY C 142 18.12 -26.66 -29.38
CA GLY C 142 19.00 -26.31 -28.31
C GLY C 142 18.99 -27.26 -27.13
N THR C 143 18.02 -28.16 -27.07
CA THR C 143 17.91 -29.06 -25.94
C THR C 143 18.72 -30.33 -26.09
N LEU C 144 19.59 -30.43 -27.10
CA LEU C 144 20.33 -31.67 -27.29
C LEU C 144 21.84 -31.50 -27.24
N HIS C 145 22.36 -30.44 -27.87
CA HIS C 145 23.80 -30.14 -27.94
C HIS C 145 24.59 -31.28 -28.56
N ASN C 146 24.32 -31.54 -29.84
CA ASN C 146 25.05 -32.55 -30.59
C ASN C 146 25.19 -32.11 -32.04
N LYS C 147 25.84 -32.95 -32.84
CA LYS C 147 26.05 -32.64 -34.26
C LYS C 147 24.75 -32.68 -35.04
N VAL C 148 23.76 -33.42 -34.54
CA VAL C 148 22.48 -33.50 -35.25
C VAL C 148 21.73 -32.19 -35.13
N GLY C 149 21.78 -31.56 -33.96
CA GLY C 149 20.86 -30.47 -33.68
C GLY C 149 21.20 -29.18 -34.41
N TYR C 150 22.48 -28.82 -34.40
CA TYR C 150 22.86 -27.52 -34.92
C TYR C 150 22.92 -27.50 -36.43
N VAL C 151 23.21 -28.64 -37.06
CA VAL C 151 23.17 -28.72 -38.51
C VAL C 151 21.74 -28.58 -39.00
N LEU C 152 20.81 -29.29 -38.36
CA LEU C 152 19.40 -29.09 -38.64
C LEU C 152 18.94 -27.71 -38.20
N GLY C 153 19.54 -27.16 -37.15
CA GLY C 153 19.09 -25.88 -36.66
C GLY C 153 19.54 -24.73 -37.54
N SER C 154 20.75 -24.82 -38.09
CA SER C 154 21.30 -23.70 -38.86
C SER C 154 20.54 -23.53 -40.17
N LEU C 155 20.31 -24.64 -40.87
CA LEU C 155 19.69 -24.61 -42.19
C LEU C 155 18.27 -24.06 -42.14
N LEU C 156 17.57 -24.27 -41.04
CA LEU C 156 16.26 -23.66 -40.87
C LEU C 156 16.38 -22.17 -40.63
N SER C 157 17.38 -21.76 -39.85
CA SER C 157 17.58 -20.34 -39.63
C SER C 157 18.16 -19.66 -40.85
N TRP C 158 18.88 -20.40 -41.69
CA TRP C 158 19.24 -19.85 -42.99
C TRP C 158 18.00 -19.63 -43.85
N THR C 159 17.05 -20.56 -43.78
CA THR C 159 15.94 -20.58 -44.73
C THR C 159 14.95 -19.44 -44.46
N HIS C 160 14.54 -19.27 -43.20
CA HIS C 160 13.61 -18.21 -42.87
C HIS C 160 14.25 -16.84 -43.03
N PHE C 161 15.55 -16.73 -42.76
CA PHE C 161 16.24 -15.49 -43.07
C PHE C 161 16.38 -15.31 -44.57
N GLY C 162 16.43 -16.41 -45.32
CA GLY C 162 16.56 -16.29 -46.76
C GLY C 162 15.28 -15.85 -47.44
N ILE C 163 14.14 -16.37 -46.99
CA ILE C 163 12.87 -16.07 -47.65
C ILE C 163 12.45 -14.63 -47.37
N LEU C 164 12.65 -14.18 -46.12
CA LEU C 164 12.18 -12.85 -45.74
C LEU C 164 13.00 -11.76 -46.42
N VAL C 165 14.32 -11.92 -46.47
CA VAL C 165 15.16 -10.91 -47.11
C VAL C 165 14.88 -10.85 -48.60
N TRP C 166 14.70 -12.01 -49.24
CA TRP C 166 14.41 -12.02 -50.66
C TRP C 166 13.04 -11.44 -50.97
N GLN C 167 12.10 -11.52 -50.03
CA GLN C 167 10.80 -10.90 -50.28
C GLN C 167 10.87 -9.39 -50.21
N LYS C 168 11.84 -8.85 -49.50
CA LYS C 168 11.90 -7.41 -49.28
C LYS C 168 12.90 -6.69 -50.17
N VAL C 169 13.76 -7.43 -50.89
CA VAL C 169 14.64 -6.78 -51.86
C VAL C 169 13.84 -6.23 -53.03
N ASP C 170 13.07 -7.10 -53.67
CA ASP C 170 12.04 -6.59 -54.55
C ASP C 170 10.84 -6.12 -53.71
N CYS C 171 9.93 -5.41 -54.39
CA CYS C 171 8.70 -4.83 -53.85
C CYS C 171 8.76 -4.25 -52.42
N PRO C 172 9.50 -3.16 -52.19
CA PRO C 172 9.35 -2.50 -50.90
C PRO C 172 8.08 -1.68 -50.80
N LYS C 173 7.70 -0.96 -51.85
CA LYS C 173 6.51 -0.13 -51.80
C LYS C 173 5.25 -1.00 -51.89
N THR C 174 4.35 -0.82 -50.92
CA THR C 174 3.18 -1.68 -50.75
C THR C 174 1.95 -0.81 -50.51
N PRO C 175 0.83 -1.08 -51.19
CA PRO C 175 -0.34 -0.20 -51.07
C PRO C 175 -1.24 -0.47 -49.86
N GLN C 176 -0.74 -1.19 -48.85
CA GLN C 176 -1.59 -1.57 -47.72
C GLN C 176 -1.82 -0.39 -46.78
N ILE C 177 -0.75 0.16 -46.20
CA ILE C 177 -0.85 1.20 -45.18
C ILE C 177 -0.06 2.44 -45.58
N TYR C 178 1.20 2.26 -45.97
CA TYR C 178 2.10 3.37 -46.21
C TYR C 178 3.07 2.95 -47.30
N LYS C 179 3.78 3.94 -47.85
CA LYS C 179 4.69 3.72 -48.97
C LYS C 179 5.90 2.89 -48.57
N TYR C 180 6.29 2.90 -47.30
CA TYR C 180 7.44 2.15 -46.82
C TYR C 180 7.12 1.28 -45.62
N TYR C 181 5.86 0.90 -45.41
CA TYR C 181 5.45 0.40 -44.11
C TYR C 181 5.96 -1.00 -43.83
N ALA C 182 5.79 -1.92 -44.78
CA ALA C 182 6.19 -3.30 -44.56
C ALA C 182 7.70 -3.45 -44.50
N LEU C 183 8.46 -2.53 -45.09
CA LEU C 183 9.89 -2.54 -44.90
C LEU C 183 10.25 -2.14 -43.48
N PHE C 184 9.72 -1.00 -43.03
CA PHE C 184 9.93 -0.59 -41.65
C PHE C 184 9.21 -1.47 -40.65
N GLY C 185 8.14 -2.16 -41.07
CA GLY C 185 7.44 -3.03 -40.15
C GLY C 185 8.19 -4.31 -39.85
N SER C 186 9.12 -4.71 -40.71
CA SER C 186 9.80 -5.98 -40.58
C SER C 186 11.22 -5.85 -40.07
N LEU C 187 11.61 -4.68 -39.61
CA LEU C 187 12.97 -4.45 -39.14
C LEU C 187 13.36 -5.24 -37.88
N PRO C 188 12.49 -5.46 -36.87
CA PRO C 188 12.89 -6.43 -35.85
C PRO C 188 12.91 -7.85 -36.35
N GLN C 189 11.93 -8.23 -37.19
CA GLN C 189 11.82 -9.62 -37.61
C GLN C 189 12.96 -10.05 -38.51
N ILE C 190 13.53 -9.11 -39.28
CA ILE C 190 14.73 -9.42 -40.05
C ILE C 190 15.90 -9.64 -39.12
N ALA C 191 16.22 -8.65 -38.29
CA ALA C 191 17.45 -8.65 -37.53
C ALA C 191 17.44 -9.67 -36.40
N CYS C 192 16.26 -10.15 -36.02
CA CYS C 192 16.20 -11.13 -34.95
C CYS C 192 16.45 -12.53 -35.48
N LEU C 193 16.12 -12.79 -36.75
CA LEU C 193 16.53 -14.03 -37.38
C LEU C 193 18.02 -14.04 -37.69
N ALA C 194 18.61 -12.86 -37.85
CA ALA C 194 20.05 -12.78 -38.06
C ALA C 194 20.82 -13.20 -36.82
N PHE C 195 20.21 -13.05 -35.64
CA PHE C 195 20.84 -13.58 -34.45
C PHE C 195 20.80 -15.10 -34.42
N LEU C 196 19.77 -15.70 -35.00
CA LEU C 196 19.76 -17.15 -35.11
C LEU C 196 20.81 -17.65 -36.10
N SER C 197 21.13 -16.84 -37.11
CA SER C 197 22.14 -17.24 -38.07
C SER C 197 23.55 -17.09 -37.54
N PHE C 198 23.76 -16.28 -36.50
CA PHE C 198 25.08 -16.16 -35.90
C PHE C 198 25.18 -16.87 -34.56
N GLN C 199 24.25 -17.78 -34.28
CA GLN C 199 24.31 -18.54 -33.03
C GLN C 199 24.37 -20.04 -33.26
N TYR C 200 23.50 -20.58 -34.10
CA TYR C 200 23.54 -22.01 -34.38
C TYR C 200 24.82 -22.46 -35.10
N PRO C 201 25.36 -21.74 -36.11
CA PRO C 201 26.69 -22.14 -36.58
C PRO C 201 27.78 -21.79 -35.60
N LEU C 202 27.60 -20.74 -34.81
CA LEU C 202 28.61 -20.37 -33.83
C LEU C 202 28.69 -21.39 -32.72
N LEU C 203 27.56 -21.96 -32.33
CA LEU C 203 27.59 -22.96 -31.29
C LEU C 203 27.91 -24.34 -31.84
N LEU C 204 27.69 -24.55 -33.13
CA LEU C 204 28.17 -25.77 -33.77
C LEU C 204 29.68 -25.79 -33.84
N PHE C 205 30.28 -24.62 -34.07
CA PHE C 205 31.73 -24.52 -34.15
C PHE C 205 32.39 -24.74 -32.79
N LYS C 206 31.67 -24.50 -31.70
CA LYS C 206 32.18 -24.81 -30.38
C LYS C 206 32.18 -26.29 -30.07
N GLY C 207 31.53 -27.11 -30.91
CA GLY C 207 31.57 -28.56 -30.74
C GLY C 207 32.90 -29.20 -31.07
N LEU C 208 33.83 -28.44 -31.64
CA LEU C 208 35.20 -28.93 -31.85
C LEU C 208 35.90 -29.18 -30.53
N GLN C 209 35.54 -28.45 -29.48
CA GLN C 209 36.13 -28.59 -28.16
C GLN C 209 35.45 -29.67 -27.32
N ASN C 210 34.72 -30.60 -27.96
CA ASN C 210 33.98 -31.69 -27.32
C ASN C 210 32.97 -31.16 -26.29
N THR C 211 32.21 -30.16 -26.70
CA THR C 211 31.08 -29.66 -25.92
C THR C 211 29.79 -30.40 -26.20
N GLU C 212 29.86 -31.52 -26.93
CA GLU C 212 28.72 -32.38 -27.17
C GLU C 212 28.80 -33.71 -26.44
N THR C 213 29.95 -34.03 -25.84
CA THR C 213 30.05 -35.18 -24.95
C THR C 213 29.51 -34.87 -23.56
N ALA C 214 29.25 -33.59 -23.24
CA ALA C 214 28.61 -33.22 -22.00
C ALA C 214 27.10 -33.51 -22.09
N ASN C 215 26.43 -33.45 -20.95
CA ASN C 215 25.08 -33.97 -20.83
C ASN C 215 24.10 -32.85 -20.47
N ALA C 216 22.83 -33.22 -20.39
CA ALA C 216 21.75 -32.28 -20.11
C ALA C 216 21.45 -32.17 -18.62
N SER C 217 22.45 -32.35 -17.78
CA SER C 217 22.31 -32.14 -16.34
C SER C 217 22.08 -30.66 -16.06
N GLU C 218 20.85 -30.33 -15.66
CA GLU C 218 20.48 -28.93 -15.53
C GLU C 218 21.05 -28.28 -14.28
N ASP C 219 21.50 -29.08 -13.30
CA ASP C 219 22.15 -28.55 -12.11
C ASP C 219 23.66 -28.49 -12.26
N LEU C 220 24.15 -28.29 -13.48
CA LEU C 220 25.57 -28.25 -13.79
C LEU C 220 26.22 -27.12 -13.04
N SER C 221 27.12 -27.47 -12.11
CA SER C 221 27.59 -26.52 -11.12
C SER C 221 28.49 -25.48 -11.76
N SER C 222 27.90 -24.37 -12.18
CA SER C 222 28.65 -23.31 -12.82
C SER C 222 29.36 -22.48 -11.76
N SER C 223 30.04 -21.44 -12.22
CA SER C 223 30.58 -20.47 -11.28
C SER C 223 29.49 -19.61 -10.66
N TYR C 224 28.31 -19.54 -11.29
CA TYR C 224 27.24 -18.70 -10.79
C TYR C 224 26.68 -19.21 -9.47
N TYR C 225 26.34 -20.50 -9.42
CA TYR C 225 25.75 -21.07 -8.22
C TYR C 225 26.73 -21.09 -7.07
N ARG C 226 28.00 -21.26 -7.37
CA ARG C 226 29.00 -21.34 -6.32
C ARG C 226 29.30 -19.95 -5.78
N ASP C 227 29.41 -18.96 -6.67
CA ASP C 227 29.72 -17.61 -6.22
C ASP C 227 28.54 -16.96 -5.51
N TYR C 228 27.31 -17.39 -5.80
CA TYR C 228 26.18 -16.78 -5.13
C TYR C 228 26.11 -17.20 -3.67
N VAL C 229 26.40 -18.46 -3.37
CA VAL C 229 26.54 -18.87 -1.98
C VAL C 229 27.76 -18.22 -1.37
N LYS C 230 28.81 -18.06 -2.18
CA LYS C 230 30.03 -17.42 -1.71
C LYS C 230 29.78 -15.98 -1.33
N LYS C 231 28.87 -15.30 -2.04
CA LYS C 231 28.60 -13.90 -1.72
C LYS C 231 27.88 -13.75 -0.39
N ILE C 232 27.13 -14.77 0.02
CA ILE C 232 26.41 -14.71 1.28
C ILE C 232 27.39 -14.80 2.45
N LEU C 233 28.29 -15.78 2.40
CA LEU C 233 29.14 -16.05 3.55
C LEU C 233 30.34 -15.10 3.63
N LYS C 234 30.91 -14.71 2.49
CA LYS C 234 32.04 -13.79 2.47
C LYS C 234 31.63 -12.37 2.88
N LYS C 235 30.33 -12.08 2.88
CA LYS C 235 29.78 -10.73 2.97
C LYS C 235 30.21 -9.96 4.22
N LYS C 236 30.60 -10.68 5.28
CA LYS C 236 30.94 -10.05 6.55
C LYS C 236 32.18 -9.17 6.44
N LYS C 237 33.09 -9.48 5.53
CA LYS C 237 34.29 -8.70 5.32
C LYS C 237 34.07 -7.43 4.47
N PRO C 238 33.17 -7.40 3.47
CA PRO C 238 32.73 -6.09 2.96
C PRO C 238 31.57 -5.47 3.72
N THR C 239 31.07 -6.10 4.79
CA THR C 239 30.01 -5.49 5.60
C THR C 239 30.51 -4.25 6.34
N LYS C 240 31.82 -4.17 6.58
CA LYS C 240 32.44 -2.96 7.11
C LYS C 240 32.25 -1.82 6.11
N ILE C 241 31.46 -0.82 6.49
CA ILE C 241 31.01 0.19 5.56
C ILE C 241 32.08 1.27 5.40
N SER C 242 31.94 2.05 4.35
CA SER C 242 32.79 3.21 4.10
C SER C 242 32.12 4.45 4.69
N SER C 243 32.65 5.62 4.36
CA SER C 243 32.01 6.87 4.72
C SER C 243 30.91 7.22 3.73
N SER C 244 30.28 8.37 3.94
CA SER C 244 29.25 8.87 3.06
C SER C 244 29.71 10.16 2.38
N THR C 245 29.30 10.33 1.13
CA THR C 245 29.66 11.50 0.35
C THR C 245 28.57 12.57 0.44
N SER C 246 28.90 13.76 -0.04
CA SER C 246 28.00 14.90 0.01
C SER C 246 28.03 15.64 -1.33
N LYS C 247 26.84 15.88 -1.89
CA LYS C 247 26.70 16.60 -3.14
C LYS C 247 25.74 17.76 -2.95
N PRO C 248 26.00 18.92 -3.59
CA PRO C 248 25.11 20.07 -3.41
C PRO C 248 23.78 19.95 -4.16
N LYS C 249 22.99 21.01 -4.11
CA LYS C 249 21.62 20.98 -4.60
C LYS C 249 21.60 20.98 -6.13
N LEU C 250 20.64 20.24 -6.69
CA LEU C 250 20.22 20.18 -8.08
C LEU C 250 21.21 19.46 -9.00
N PHE C 251 22.37 19.03 -8.49
CA PHE C 251 23.17 18.03 -9.16
C PHE C 251 23.00 16.66 -8.53
N ASP C 252 22.78 16.62 -7.21
CA ASP C 252 22.28 15.41 -6.57
C ASP C 252 20.89 15.07 -7.09
N ARG C 253 20.10 16.08 -7.44
CA ARG C 253 18.81 15.83 -8.09
C ARG C 253 18.99 15.29 -9.49
N LEU C 254 20.08 15.63 -10.16
CA LEU C 254 20.48 14.94 -11.38
C LEU C 254 21.36 13.73 -11.10
N ARG C 255 21.47 13.31 -9.85
CA ARG C 255 22.16 12.09 -9.49
C ARG C 255 21.26 11.08 -8.80
N ASP C 256 20.24 11.54 -8.07
CA ASP C 256 19.22 10.62 -7.58
C ASP C 256 18.41 10.04 -8.72
N ALA C 257 18.28 10.79 -9.82
CA ALA C 257 17.69 10.22 -11.03
C ALA C 257 18.61 9.21 -11.68
N VAL C 258 19.91 9.33 -11.47
CA VAL C 258 20.81 8.27 -11.91
C VAL C 258 20.66 7.06 -11.00
N LYS C 259 20.33 7.28 -9.73
CA LYS C 259 20.16 6.16 -8.80
C LYS C 259 18.95 5.31 -9.15
N SER C 260 17.96 5.88 -9.83
CA SER C 260 16.92 5.07 -10.42
C SER C 260 17.33 4.48 -11.75
N TYR C 261 18.32 5.07 -12.42
CA TYR C 261 18.77 4.52 -13.69
C TYR C 261 19.62 3.27 -13.49
N ILE C 262 20.28 3.14 -12.33
CA ILE C 262 21.34 2.14 -12.16
C ILE C 262 20.72 0.74 -12.11
N TYR C 263 20.75 0.09 -13.26
CA TYR C 263 20.46 -1.31 -13.42
C TYR C 263 21.74 -2.14 -13.38
N THR C 264 22.89 -1.47 -13.32
CA THR C 264 24.20 -2.04 -13.57
C THR C 264 24.83 -2.96 -12.52
N PRO C 265 24.61 -2.78 -11.18
CA PRO C 265 25.72 -2.91 -10.21
C PRO C 265 26.33 -4.31 -10.16
N GLU C 266 27.61 -4.35 -9.80
CA GLU C 266 28.37 -5.60 -9.80
C GLU C 266 27.76 -6.61 -8.85
N ASP C 267 27.22 -7.67 -9.43
CA ASP C 267 26.48 -8.63 -8.63
C ASP C 267 26.56 -9.97 -9.34
N VAL C 268 26.55 -11.03 -8.53
CA VAL C 268 26.41 -12.38 -9.03
C VAL C 268 24.91 -12.65 -9.00
N PHE C 269 24.22 -12.26 -10.07
CA PHE C 269 22.78 -12.42 -10.12
C PHE C 269 22.33 -12.52 -11.56
N ARG C 270 21.59 -13.57 -11.87
CA ARG C 270 21.10 -13.80 -13.22
C ARG C 270 19.60 -14.01 -13.21
N PHE C 271 18.92 -13.38 -14.17
CA PHE C 271 17.47 -13.36 -14.22
C PHE C 271 16.90 -14.74 -14.51
N PRO C 272 15.63 -14.96 -14.21
CA PRO C 272 14.94 -16.10 -14.79
C PRO C 272 14.78 -15.93 -16.28
N LEU C 273 14.55 -17.06 -16.96
CA LEU C 273 14.40 -17.01 -18.41
C LEU C 273 13.09 -16.37 -18.80
N LYS C 274 12.00 -16.69 -18.08
CA LYS C 274 10.70 -16.16 -18.44
C LYS C 274 10.62 -14.66 -18.19
N LEU C 275 11.40 -14.15 -17.24
CA LEU C 275 11.40 -12.72 -17.00
C LEU C 275 12.27 -11.98 -18.02
N ALA C 276 13.34 -12.63 -18.49
CA ALA C 276 14.27 -11.96 -19.39
C ALA C 276 13.69 -11.82 -20.78
N ILE C 277 12.83 -12.76 -21.17
CA ILE C 277 12.13 -12.66 -22.44
C ILE C 277 11.18 -11.48 -22.44
N SER C 278 10.47 -11.29 -21.33
CA SER C 278 9.39 -10.32 -21.22
C SER C 278 9.85 -8.88 -21.33
N VAL C 279 11.14 -8.61 -21.15
CA VAL C 279 11.60 -7.24 -21.32
C VAL C 279 11.83 -6.94 -22.79
N VAL C 280 12.43 -7.87 -23.53
CA VAL C 280 12.72 -7.64 -24.94
C VAL C 280 11.45 -7.67 -25.76
N VAL C 281 10.55 -8.61 -25.47
CA VAL C 281 9.28 -8.70 -26.19
C VAL C 281 8.42 -7.48 -25.91
N ALA C 282 8.56 -6.89 -24.72
CA ALA C 282 7.96 -5.58 -24.49
C ALA C 282 8.64 -4.52 -25.33
N PHE C 283 9.95 -4.60 -25.49
CA PHE C 283 10.66 -3.55 -26.23
C PHE C 283 10.34 -3.60 -27.71
N ILE C 284 10.07 -4.78 -28.25
CA ILE C 284 9.60 -4.87 -29.63
C ILE C 284 8.20 -4.31 -29.74
N ALA C 285 7.34 -4.58 -28.75
CA ALA C 285 5.96 -4.11 -28.79
C ALA C 285 5.88 -2.59 -28.69
N LEU C 286 6.83 -1.99 -27.97
CA LEU C 286 6.94 -0.54 -27.96
C LEU C 286 7.30 0.00 -29.33
N TYR C 287 8.17 -0.71 -30.06
CA TYR C 287 8.56 -0.30 -31.40
C TYR C 287 7.42 -0.43 -32.38
N GLN C 288 6.50 -1.35 -32.14
CA GLN C 288 5.43 -1.58 -33.11
C GLN C 288 4.26 -0.64 -32.92
N MET C 289 3.97 -0.24 -31.68
CA MET C 289 2.92 0.76 -31.51
C MET C 289 3.40 2.13 -31.93
N ALA C 290 4.68 2.43 -31.74
CA ALA C 290 5.20 3.74 -32.14
C ALA C 290 5.27 3.89 -33.65
N LEU C 291 5.33 2.78 -34.37
CA LEU C 291 5.25 2.82 -35.82
C LEU C 291 3.83 2.85 -36.31
N LEU C 292 2.91 2.17 -35.63
CA LEU C 292 1.54 2.14 -36.09
C LEU C 292 0.85 3.48 -35.87
N LEU C 293 1.24 4.22 -34.84
CA LEU C 293 0.60 5.51 -34.60
C LEU C 293 1.09 6.57 -35.58
N ILE C 294 2.41 6.60 -35.84
CA ILE C 294 2.96 7.60 -36.74
C ILE C 294 2.52 7.33 -38.17
N SER C 295 2.65 6.08 -38.62
CA SER C 295 2.36 5.73 -39.99
C SER C 295 0.91 5.33 -40.19
N GLY C 296 0.00 5.91 -39.43
CA GLY C 296 -1.42 5.72 -39.67
C GLY C 296 -2.18 7.02 -39.63
N VAL C 297 -1.52 8.10 -39.22
CA VAL C 297 -2.16 9.38 -38.96
C VAL C 297 -1.64 10.47 -39.88
N LEU C 298 -0.31 10.61 -39.95
CA LEU C 298 0.29 11.55 -40.88
C LEU C 298 -0.07 11.38 -42.36
N PRO C 299 -0.37 10.18 -42.89
CA PRO C 299 -0.96 10.15 -44.24
C PRO C 299 -2.28 10.89 -44.36
N THR C 300 -3.16 10.79 -43.38
CA THR C 300 -4.40 11.55 -43.47
C THR C 300 -4.27 12.96 -42.96
N LEU C 301 -3.05 13.45 -42.73
CA LEU C 301 -2.83 14.85 -42.38
C LEU C 301 -2.17 15.66 -43.47
N HIS C 302 -1.21 15.09 -44.19
CA HIS C 302 -0.59 15.82 -45.29
C HIS C 302 -1.57 16.04 -46.44
N ILE C 303 -2.49 15.10 -46.64
CA ILE C 303 -3.49 15.20 -47.70
C ILE C 303 -4.40 16.40 -47.46
N VAL C 304 -4.76 16.64 -46.20
CA VAL C 304 -5.53 17.82 -45.86
C VAL C 304 -4.65 19.07 -45.93
N ARG C 305 -3.38 18.95 -45.54
CA ARG C 305 -2.46 20.08 -45.63
C ARG C 305 -2.17 20.45 -47.08
N ARG C 306 -2.24 19.49 -48.00
CA ARG C 306 -2.18 19.82 -49.42
C ARG C 306 -3.54 20.23 -49.94
N GLY C 307 -4.51 19.30 -49.90
CA GLY C 307 -5.83 19.54 -50.45
C GLY C 307 -6.70 20.38 -49.55
N VAL C 308 -6.37 21.67 -49.46
CA VAL C 308 -7.01 22.54 -48.47
C VAL C 308 -8.42 22.91 -48.92
N ASP C 309 -8.58 23.19 -50.22
CA ASP C 309 -9.85 23.62 -50.86
C ASP C 309 -10.39 24.89 -50.20
N GLU C 310 -9.60 25.96 -50.37
CA GLU C 310 -9.89 27.23 -49.70
C GLU C 310 -11.18 27.86 -50.20
N ASN C 311 -11.54 27.59 -51.46
CA ASN C 311 -12.85 28.00 -51.94
C ASN C 311 -13.95 27.19 -51.28
N ILE C 312 -13.71 25.91 -51.04
CA ILE C 312 -14.69 25.08 -50.35
C ILE C 312 -14.65 25.32 -48.84
N ALA C 313 -13.46 25.58 -48.29
CA ALA C 313 -13.34 25.84 -46.86
C ALA C 313 -13.89 27.22 -46.50
N PHE C 314 -14.00 28.12 -47.49
CA PHE C 314 -14.72 29.36 -47.27
C PHE C 314 -16.19 29.08 -46.98
N LEU C 315 -16.83 28.24 -47.79
CA LEU C 315 -18.20 27.85 -47.53
C LEU C 315 -18.31 26.94 -46.32
N LEU C 316 -17.24 26.21 -46.00
CA LEU C 316 -17.18 25.51 -44.72
C LEU C 316 -17.08 26.51 -43.58
N ALA C 317 -16.42 27.64 -43.80
CA ALA C 317 -16.35 28.68 -42.78
C ALA C 317 -17.66 29.46 -42.70
N GLY C 318 -18.19 29.86 -43.86
CA GLY C 318 -19.38 30.69 -43.91
C GLY C 318 -20.67 30.00 -43.47
N PHE C 319 -20.66 28.67 -43.37
CA PHE C 319 -21.86 27.95 -42.94
C PHE C 319 -21.94 27.84 -41.43
N ASN C 320 -20.81 27.95 -40.73
CA ASN C 320 -20.78 27.81 -39.29
C ASN C 320 -20.29 29.06 -38.58
N ILE C 321 -19.14 29.61 -38.97
CA ILE C 321 -18.46 30.62 -38.18
C ILE C 321 -18.17 31.87 -39.01
N ILE C 322 -17.37 32.76 -38.45
CA ILE C 322 -17.11 34.07 -39.03
C ILE C 322 -15.77 34.04 -39.76
N LEU C 323 -15.76 34.64 -40.95
CA LEU C 323 -14.55 34.76 -41.76
C LEU C 323 -13.48 35.59 -41.06
N SER C 324 -13.91 36.70 -40.46
CA SER C 324 -13.21 37.59 -39.54
C SER C 324 -12.13 38.48 -40.18
N ASN C 325 -11.73 38.17 -41.42
CA ASN C 325 -11.12 39.03 -42.47
C ASN C 325 -10.74 38.13 -43.64
N ASP C 326 -10.61 38.76 -44.83
CA ASP C 326 -9.61 38.43 -45.86
C ASP C 326 -9.53 36.97 -46.27
N ARG C 327 -10.50 36.47 -47.05
CA ARG C 327 -10.59 35.05 -47.38
C ARG C 327 -9.35 34.47 -48.07
N GLN C 328 -8.49 35.31 -48.65
CA GLN C 328 -7.18 34.82 -49.10
C GLN C 328 -6.28 34.49 -47.92
N GLU C 329 -6.30 35.32 -46.88
CA GLU C 329 -5.42 35.15 -45.74
C GLU C 329 -5.84 33.97 -44.86
N VAL C 330 -7.05 33.44 -45.07
CA VAL C 330 -7.53 32.27 -44.36
C VAL C 330 -6.68 31.04 -44.69
N VAL C 331 -6.10 31.02 -45.90
CA VAL C 331 -5.09 30.03 -46.26
C VAL C 331 -3.92 30.11 -45.31
N ARG C 332 -3.50 31.31 -44.94
CA ARG C 332 -2.47 31.43 -43.92
C ARG C 332 -3.01 31.06 -42.55
N ILE C 333 -4.31 31.20 -42.33
CA ILE C 333 -4.86 30.98 -41.00
C ILE C 333 -4.99 29.50 -40.68
N VAL C 334 -5.69 28.75 -41.55
CA VAL C 334 -6.00 27.36 -41.24
C VAL C 334 -4.74 26.49 -41.35
N VAL C 335 -3.79 26.89 -42.19
CA VAL C 335 -2.50 26.21 -42.21
C VAL C 335 -1.73 26.45 -40.92
N TYR C 336 -1.81 27.66 -40.39
CA TYR C 336 -1.08 27.99 -39.16
C TYR C 336 -1.65 27.29 -37.94
N TYR C 337 -2.81 26.64 -38.03
CA TYR C 337 -3.21 25.71 -36.99
C TYR C 337 -2.88 24.26 -37.33
N LEU C 338 -2.96 23.87 -38.59
CA LEU C 338 -2.60 22.50 -38.92
C LEU C 338 -1.09 22.28 -38.98
N TRP C 339 -0.27 23.31 -38.81
CA TRP C 339 1.06 23.05 -38.32
C TRP C 339 0.99 22.41 -36.94
N CYS C 340 0.23 23.04 -36.04
CA CYS C 340 0.31 22.70 -34.62
C CYS C 340 -0.35 21.38 -34.29
N VAL C 341 -1.28 20.90 -35.11
CA VAL C 341 -1.85 19.59 -34.86
C VAL C 341 -0.82 18.51 -35.16
N GLU C 342 -0.04 18.70 -36.21
CA GLU C 342 1.00 17.74 -36.55
C GLU C 342 2.15 17.81 -35.56
N ILE C 343 2.46 19.00 -35.06
CA ILE C 343 3.53 19.15 -34.08
C ILE C 343 3.11 18.54 -32.75
N CYS C 344 1.83 18.65 -32.39
CA CYS C 344 1.36 18.09 -31.14
C CYS C 344 1.37 16.56 -31.17
N TYR C 345 0.86 15.98 -32.25
CA TYR C 345 0.71 14.53 -32.29
C TYR C 345 2.05 13.83 -32.43
N VAL C 346 3.04 14.49 -33.03
CA VAL C 346 4.39 13.94 -33.02
C VAL C 346 4.98 14.04 -31.63
N SER C 347 4.78 15.16 -30.96
CA SER C 347 5.31 15.32 -29.62
C SER C 347 4.62 14.41 -28.61
N ALA C 348 3.37 14.03 -28.88
CA ALA C 348 2.66 13.16 -27.95
C ALA C 348 3.19 11.75 -28.00
N VAL C 349 3.57 11.27 -29.18
CA VAL C 349 4.12 9.93 -29.29
C VAL C 349 5.52 9.89 -28.71
N THR C 350 6.33 10.89 -29.03
CA THR C 350 7.69 10.94 -28.50
C THR C 350 7.74 11.21 -27.00
N LEU C 351 6.65 11.72 -26.43
CA LEU C 351 6.58 11.76 -24.98
C LEU C 351 6.19 10.39 -24.43
N SER C 352 5.18 9.76 -25.04
CA SER C 352 4.71 8.48 -24.52
C SER C 352 5.69 7.36 -24.81
N CYS C 353 6.48 7.47 -25.86
CA CYS C 353 7.48 6.44 -26.11
C CYS C 353 8.65 6.58 -25.16
N LEU C 354 8.95 7.81 -24.74
CA LEU C 354 10.07 8.02 -23.83
C LEU C 354 9.74 7.54 -22.43
N VAL C 355 8.48 7.72 -22.00
CA VAL C 355 8.09 7.36 -20.64
C VAL C 355 8.11 5.85 -20.46
N ASN C 356 7.57 5.11 -21.43
CA ASN C 356 7.59 3.66 -21.32
C ASN C 356 8.99 3.10 -21.52
N LEU C 357 9.85 3.84 -22.22
CA LEU C 357 11.26 3.49 -22.25
C LEU C 357 11.90 3.72 -20.88
N LEU C 358 11.46 4.76 -20.18
CA LEU C 358 12.00 5.02 -18.86
C LEU C 358 11.46 4.03 -17.84
N MET C 359 10.27 3.48 -18.07
CA MET C 359 9.67 2.59 -17.08
C MET C 359 10.22 1.18 -17.16
N LEU C 360 10.42 0.64 -18.38
CA LEU C 360 10.94 -0.71 -18.49
C LEU C 360 12.38 -0.80 -18.02
N MET C 361 13.14 0.27 -18.18
CA MET C 361 14.44 0.35 -17.53
C MET C 361 14.27 0.35 -16.02
N ARG C 362 13.30 1.10 -15.52
CA ARG C 362 13.02 1.11 -14.09
C ARG C 362 12.39 -0.21 -13.65
N SER C 363 11.60 -0.84 -14.51
CA SER C 363 11.06 -2.14 -14.17
C SER C 363 12.09 -3.25 -14.21
N MET C 364 13.28 -2.98 -14.73
CA MET C 364 14.34 -3.98 -14.73
C MET C 364 15.06 -4.02 -13.40
N VAL C 365 15.32 -2.86 -12.80
CA VAL C 365 16.04 -2.87 -11.53
C VAL C 365 15.12 -3.32 -10.41
N LEU C 366 13.81 -3.15 -10.57
CA LEU C 366 12.95 -3.51 -9.47
C LEU C 366 12.64 -5.01 -9.48
N HIS C 367 12.76 -5.67 -10.62
CA HIS C 367 12.70 -7.12 -10.60
C HIS C 367 13.91 -7.71 -9.91
N ARG C 368 15.05 -7.02 -9.92
CA ARG C 368 16.21 -7.51 -9.20
C ARG C 368 15.96 -7.49 -7.69
N SER C 369 15.48 -6.37 -7.18
CA SER C 369 15.36 -6.24 -5.73
C SER C 369 14.15 -6.96 -5.19
N ASN C 370 13.10 -7.14 -6.00
CA ASN C 370 11.97 -7.95 -5.57
C ASN C 370 12.37 -9.41 -5.41
N LEU C 371 13.31 -9.86 -6.21
CA LEU C 371 13.63 -11.27 -6.29
C LEU C 371 14.69 -11.68 -5.28
N LYS C 372 15.62 -10.78 -4.95
CA LYS C 372 16.52 -11.08 -3.84
C LYS C 372 15.78 -11.01 -2.52
N GLY C 373 14.82 -10.09 -2.41
CA GLY C 373 14.09 -9.96 -1.17
C GLY C 373 13.13 -11.10 -0.92
N LEU C 374 12.79 -11.85 -1.97
CA LEU C 374 11.95 -13.01 -1.84
C LEU C 374 12.76 -14.27 -1.62
N TYR C 375 14.07 -14.19 -1.83
CA TYR C 375 14.95 -15.26 -1.36
C TYR C 375 15.00 -15.29 0.15
N ARG C 376 15.12 -14.12 0.78
CA ARG C 376 15.24 -14.05 2.22
C ARG C 376 13.96 -14.41 2.93
N GLY C 377 12.81 -14.26 2.28
CA GLY C 377 11.55 -14.23 3.01
C GLY C 377 11.45 -12.97 3.84
N ASP C 378 12.05 -11.88 3.36
CA ASP C 378 12.32 -10.71 4.18
C ASP C 378 11.08 -9.86 4.34
N SER C 379 11.27 -8.66 4.92
CA SER C 379 10.20 -7.73 5.25
C SER C 379 10.05 -6.63 4.21
N LEU C 380 10.24 -6.96 2.93
CA LEU C 380 10.01 -6.02 1.83
C LEU C 380 8.71 -6.34 1.10
N ASN C 381 8.61 -7.53 0.50
CA ASN C 381 7.37 -8.00 -0.10
C ASN C 381 6.62 -8.93 0.84
N VAL C 382 6.67 -8.63 2.14
CA VAL C 382 6.11 -9.49 3.19
C VAL C 382 4.63 -9.21 3.41
N PHE C 383 4.01 -8.44 2.50
CA PHE C 383 2.57 -8.31 2.51
C PHE C 383 1.89 -9.64 2.17
N ASN C 384 2.57 -10.49 1.39
CA ASN C 384 2.15 -11.86 1.19
C ASN C 384 3.23 -12.89 1.53
N CYS C 385 4.49 -12.47 1.71
CA CYS C 385 5.59 -13.39 2.04
C CYS C 385 5.61 -13.78 3.50
N HIS C 386 4.72 -13.23 4.33
CA HIS C 386 4.54 -13.74 5.68
C HIS C 386 3.77 -15.05 5.68
N ARG C 387 3.05 -15.36 4.60
CA ARG C 387 2.33 -16.62 4.45
C ARG C 387 3.26 -17.70 3.88
N SER C 388 2.66 -18.83 3.55
CA SER C 388 3.43 -20.00 3.13
C SER C 388 3.72 -19.99 1.64
N ILE C 389 4.95 -20.37 1.28
CA ILE C 389 5.30 -20.62 -0.11
C ILE C 389 4.66 -21.94 -0.51
N ARG C 390 3.70 -21.89 -1.41
CA ARG C 390 2.93 -23.09 -1.71
C ARG C 390 2.46 -23.03 -3.16
N PRO C 391 3.01 -23.85 -4.05
CA PRO C 391 2.69 -23.73 -5.47
C PRO C 391 1.30 -24.25 -5.81
N SER C 392 0.29 -23.41 -5.62
CA SER C 392 -1.11 -23.83 -5.71
C SER C 392 -1.52 -24.00 -7.18
N ARG C 393 -2.82 -24.23 -7.40
CA ARG C 393 -3.31 -24.32 -8.78
C ARG C 393 -3.29 -22.96 -9.48
N PRO C 394 -3.98 -21.91 -9.00
CA PRO C 394 -4.02 -20.68 -9.81
C PRO C 394 -2.73 -19.89 -9.79
N ALA C 395 -1.77 -20.26 -8.94
CA ALA C 395 -0.44 -19.70 -9.07
C ALA C 395 0.23 -20.16 -10.34
N LEU C 396 -0.13 -21.35 -10.83
CA LEU C 396 0.57 -21.90 -11.96
C LEU C 396 0.07 -21.34 -13.28
N VAL C 397 -1.22 -21.00 -13.35
CA VAL C 397 -1.77 -20.44 -14.58
C VAL C 397 -1.23 -19.05 -14.82
N CYS C 398 -1.01 -18.29 -13.75
CA CYS C 398 -0.40 -16.98 -13.88
C CYS C 398 1.04 -17.08 -14.35
N TRP C 399 1.73 -18.15 -14.00
CA TRP C 399 3.07 -18.35 -14.51
C TRP C 399 3.05 -18.77 -15.97
N MET C 400 2.06 -19.55 -16.36
CA MET C 400 1.91 -19.95 -17.75
C MET C 400 1.40 -18.76 -18.53
N GLY C 401 2.31 -18.01 -19.12
CA GLY C 401 1.85 -16.84 -19.81
C GLY C 401 1.92 -15.63 -18.91
N PHE C 402 3.09 -15.40 -18.36
CA PHE C 402 3.40 -14.08 -17.82
C PHE C 402 3.99 -13.17 -18.87
N THR C 403 4.77 -13.70 -19.81
CA THR C 403 5.37 -12.89 -20.87
C THR C 403 4.33 -12.27 -21.77
N SER C 404 3.21 -12.94 -21.99
CA SER C 404 2.18 -12.39 -22.83
C SER C 404 1.48 -11.22 -22.15
N TYR C 405 1.32 -11.30 -20.84
CA TYR C 405 0.68 -10.21 -20.11
C TYR C 405 1.54 -8.97 -20.09
N GLN C 406 2.86 -9.12 -20.10
CA GLN C 406 3.74 -7.96 -20.08
C GLN C 406 3.68 -7.20 -21.40
N ALA C 407 3.69 -7.93 -22.51
CA ALA C 407 3.63 -7.25 -23.79
C ALA C 407 2.22 -6.86 -24.20
N ALA C 408 1.21 -7.37 -23.51
CA ALA C 408 -0.14 -6.90 -23.81
C ALA C 408 -0.45 -5.60 -23.10
N PHE C 409 0.01 -5.45 -21.85
CA PHE C 409 -0.29 -4.24 -21.12
C PHE C 409 0.53 -3.05 -21.58
N LEU C 410 1.56 -3.28 -22.39
CA LEU C 410 2.33 -2.16 -22.88
C LEU C 410 1.72 -1.56 -24.14
N CYS C 411 1.08 -2.39 -24.97
CA CYS C 411 0.42 -1.88 -26.16
C CYS C 411 -0.79 -1.03 -25.79
N LEU C 412 -1.53 -1.42 -24.76
CA LEU C 412 -2.56 -0.53 -24.23
C LEU C 412 -1.97 0.68 -23.55
N GLY C 413 -0.73 0.57 -23.08
CA GLY C 413 -0.09 1.71 -22.46
C GLY C 413 0.16 2.82 -23.46
N MET C 414 0.73 2.47 -24.62
CA MET C 414 1.02 3.47 -25.63
C MET C 414 -0.23 4.03 -26.28
N ALA C 415 -1.35 3.31 -26.20
CA ALA C 415 -2.58 3.84 -26.77
C ALA C 415 -3.12 4.97 -25.91
N ILE C 416 -3.44 4.64 -24.66
CA ILE C 416 -4.00 5.61 -23.73
C ILE C 416 -3.09 6.79 -23.44
N GLN C 417 -1.81 6.51 -23.21
CA GLN C 417 -0.88 7.59 -22.89
C GLN C 417 -0.75 8.60 -24.01
N THR C 418 -0.84 8.15 -25.26
CA THR C 418 -0.77 9.11 -26.34
C THR C 418 -2.09 9.85 -26.50
N LEU C 419 -3.20 9.17 -26.25
CA LEU C 419 -4.51 9.78 -26.37
C LEU C 419 -4.73 10.85 -25.30
N VAL C 420 -4.07 10.68 -24.17
CA VAL C 420 -4.20 11.62 -23.06
C VAL C 420 -3.28 12.81 -23.24
N PHE C 421 -2.00 12.52 -23.52
CA PHE C 421 -1.01 13.58 -23.71
C PHE C 421 -1.31 14.43 -24.94
N PHE C 422 -2.05 13.90 -25.90
CA PHE C 422 -2.43 14.69 -27.06
C PHE C 422 -3.39 15.80 -26.68
N ILE C 423 -4.29 15.50 -25.76
CA ILE C 423 -5.27 16.47 -25.27
C ILE C 423 -4.70 17.37 -24.16
N CYS C 424 -3.52 17.01 -23.66
CA CYS C 424 -2.90 17.78 -22.59
C CYS C 424 -1.90 18.81 -23.09
N ILE C 425 -1.60 18.78 -24.38
CA ILE C 425 -0.67 19.71 -24.98
C ILE C 425 -1.39 20.76 -25.82
N LEU C 426 -2.48 20.36 -26.48
CA LEU C 426 -3.34 21.32 -27.15
C LEU C 426 -3.96 22.30 -26.15
N PHE C 427 -4.28 21.81 -24.96
CA PHE C 427 -4.68 22.67 -23.86
C PHE C 427 -3.56 23.61 -23.43
N ALA C 428 -2.31 23.25 -23.69
CA ALA C 428 -1.23 24.19 -23.44
C ALA C 428 -0.89 25.02 -24.66
N VAL C 429 -0.88 24.40 -25.84
CA VAL C 429 -0.46 25.12 -27.05
C VAL C 429 -1.49 26.17 -27.44
N PHE C 430 -2.77 25.78 -27.52
CA PHE C 430 -3.80 26.74 -27.87
C PHE C 430 -4.14 27.71 -26.75
N LEU C 431 -3.52 27.60 -25.58
CA LEU C 431 -3.98 28.52 -24.54
C LEU C 431 -2.85 29.36 -23.94
N ILE C 432 -1.65 28.82 -23.78
CA ILE C 432 -0.62 29.66 -23.18
C ILE C 432 0.56 29.83 -24.13
N ILE C 433 0.74 28.90 -25.07
CA ILE C 433 1.94 28.96 -25.89
C ILE C 433 1.78 29.95 -27.01
N ILE C 434 0.73 29.77 -27.81
CA ILE C 434 0.40 30.75 -28.86
C ILE C 434 0.21 32.18 -28.35
N PRO C 435 -0.57 32.44 -27.29
CA PRO C 435 -0.79 33.85 -26.94
C PRO C 435 0.44 34.55 -26.38
N ILE C 436 1.30 33.84 -25.65
CA ILE C 436 2.59 34.41 -25.29
C ILE C 436 3.45 34.61 -26.52
N LEU C 437 3.33 33.72 -27.50
CA LEU C 437 4.08 33.89 -28.74
C LEU C 437 3.48 34.99 -29.59
N TRP C 438 2.17 34.95 -29.83
CA TRP C 438 1.54 35.84 -30.79
C TRP C 438 0.55 36.81 -30.13
N GLY C 439 -0.44 36.30 -29.41
CA GLY C 439 -1.40 37.15 -28.75
C GLY C 439 -2.74 37.31 -29.43
N THR C 440 -3.21 36.29 -30.14
CA THR C 440 -4.54 36.38 -30.75
C THR C 440 -5.63 36.25 -29.70
N ASN C 441 -5.74 35.08 -29.08
CA ASN C 441 -6.78 34.79 -28.12
C ASN C 441 -6.21 34.85 -26.71
N LEU C 442 -7.00 35.34 -25.77
CA LEU C 442 -6.61 35.51 -24.38
C LEU C 442 -7.69 34.97 -23.46
N MET C 443 -8.12 33.74 -23.70
CA MET C 443 -9.31 33.22 -23.01
C MET C 443 -9.01 32.97 -21.53
N LEU C 444 -7.83 32.46 -21.20
CA LEU C 444 -7.55 32.20 -19.79
C LEU C 444 -7.19 33.48 -19.04
N PHE C 445 -6.51 34.40 -19.71
CA PHE C 445 -6.10 35.62 -19.02
C PHE C 445 -7.20 36.66 -18.93
N HIS C 446 -8.38 36.36 -19.46
CA HIS C 446 -9.60 37.03 -19.04
C HIS C 446 -10.31 36.27 -17.92
N ILE C 447 -9.91 35.03 -17.64
CA ILE C 447 -10.42 34.34 -16.47
C ILE C 447 -9.54 34.61 -15.27
N ILE C 448 -8.24 34.38 -15.39
CA ILE C 448 -7.33 34.62 -14.27
C ILE C 448 -7.19 36.11 -14.00
N GLY C 449 -7.28 36.94 -15.03
CA GLY C 449 -7.28 38.37 -14.84
C GLY C 449 -8.51 38.92 -14.15
N ASN C 450 -9.58 38.13 -14.07
CA ASN C 450 -10.77 38.51 -13.32
C ASN C 450 -10.88 37.79 -11.99
N LEU C 451 -9.77 37.19 -11.52
CA LEU C 451 -9.72 36.63 -10.18
C LEU C 451 -8.42 36.98 -9.46
N TRP C 452 -7.73 38.03 -9.89
CA TRP C 452 -6.43 38.37 -9.33
C TRP C 452 -6.43 38.84 -7.87
N PRO C 453 -7.53 39.42 -7.29
CA PRO C 453 -7.50 39.54 -5.82
C PRO C 453 -7.96 38.28 -5.11
N PHE C 454 -8.68 37.39 -5.81
CA PHE C 454 -9.28 36.25 -5.13
C PHE C 454 -8.24 35.23 -4.71
N TRP C 455 -7.30 34.90 -5.60
CA TRP C 455 -6.27 33.93 -5.27
C TRP C 455 -5.19 34.48 -4.38
N LEU C 456 -5.21 35.76 -4.06
CA LEU C 456 -4.26 36.25 -3.07
C LEU C 456 -4.62 35.73 -1.69
N THR C 457 -5.91 35.64 -1.39
CA THR C 457 -6.33 35.30 -0.03
C THR C 457 -6.21 33.83 0.27
N LEU C 458 -6.24 32.98 -0.75
CA LEU C 458 -5.88 31.59 -0.51
C LEU C 458 -4.40 31.45 -0.21
N VAL C 459 -3.59 32.37 -0.72
CA VAL C 459 -2.17 32.34 -0.38
C VAL C 459 -1.95 32.91 1.00
N LEU C 460 -2.51 34.09 1.27
CA LEU C 460 -2.21 34.81 2.52
C LEU C 460 -2.74 34.08 3.75
N ALA C 461 -3.87 33.39 3.62
CA ALA C 461 -4.36 32.60 4.75
C ALA C 461 -3.53 31.35 4.94
N ALA C 462 -3.11 30.71 3.84
CA ALA C 462 -2.17 29.61 3.95
C ALA C 462 -0.79 30.10 4.34
N LEU C 463 -0.47 31.36 4.06
CA LEU C 463 0.73 31.95 4.59
C LEU C 463 0.62 32.14 6.08
N ILE C 464 -0.53 32.63 6.56
CA ILE C 464 -0.63 32.94 7.98
C ILE C 464 -0.77 31.69 8.82
N GLN C 465 -1.12 30.55 8.22
CA GLN C 465 -1.17 29.33 9.02
C GLN C 465 0.21 28.73 9.19
N HIS C 466 1.05 28.81 8.17
CA HIS C 466 2.40 28.28 8.32
C HIS C 466 3.28 29.22 9.12
N VAL C 467 3.12 30.52 8.95
CA VAL C 467 4.01 31.49 9.60
C VAL C 467 3.73 31.56 11.10
N ALA C 468 2.46 31.69 11.47
CA ALA C 468 2.13 31.80 12.89
C ALA C 468 2.34 30.50 13.64
N SER C 469 2.41 29.38 12.94
CA SER C 469 2.65 28.10 13.61
C SER C 469 4.09 27.96 14.07
N ARG C 470 5.04 28.18 13.15
CA ARG C 470 6.44 27.95 13.48
C ARG C 470 7.01 29.02 14.40
N PHE C 471 6.38 30.19 14.49
CA PHE C 471 6.97 31.29 15.23
C PHE C 471 6.21 31.65 16.49
N LEU C 472 4.96 31.22 16.64
CA LEU C 472 4.23 31.50 17.86
C LEU C 472 3.79 30.25 18.59
N PHE C 473 3.21 29.26 17.90
CA PHE C 473 2.66 28.13 18.62
C PHE C 473 3.74 27.12 18.99
N ILE C 474 4.42 26.56 17.99
CA ILE C 474 5.39 25.49 18.20
C ILE C 474 6.61 26.05 18.92
N ARG C 475 6.88 25.51 20.10
CA ARG C 475 7.95 25.99 20.95
C ARG C 475 9.00 24.89 21.08
N LYS C 476 10.08 25.01 20.30
CA LYS C 476 11.22 24.13 20.45
C LYS C 476 11.89 24.38 21.79
N ASP C 477 12.14 23.31 22.53
CA ASP C 477 12.60 23.39 23.90
C ASP C 477 13.90 22.62 24.04
N GLY C 478 14.29 22.32 25.27
CA GLY C 478 15.45 21.47 25.49
C GLY C 478 15.23 20.08 24.93
N GLY C 479 16.28 19.51 24.35
CA GLY C 479 16.17 18.24 23.68
C GLY C 479 15.49 18.31 22.34
N THR C 480 15.32 19.52 21.79
CA THR C 480 14.64 19.82 20.52
C THR C 480 13.20 19.31 20.49
N ARG C 481 12.61 19.11 21.67
CA ARG C 481 11.26 18.59 21.79
C ARG C 481 10.32 19.77 21.82
N ASP C 482 9.36 19.76 20.91
CA ASP C 482 8.54 20.92 20.61
C ASP C 482 7.10 20.73 21.09
N LEU C 483 6.66 21.60 21.98
CA LEU C 483 5.29 21.66 22.43
C LEU C 483 4.65 22.94 21.88
N ASN C 484 3.43 23.22 22.34
CA ASN C 484 2.63 24.28 21.75
C ASN C 484 2.05 25.21 22.81
N ASN C 485 1.93 26.48 22.43
CA ASN C 485 1.23 27.51 23.20
C ASN C 485 -0.24 27.46 22.79
N ARG C 486 -1.06 26.85 23.62
CA ARG C 486 -2.43 26.49 23.27
C ARG C 486 -3.33 27.71 23.34
N GLY C 487 -4.65 27.46 23.28
CA GLY C 487 -5.64 28.48 23.51
C GLY C 487 -5.86 29.42 22.36
N SER C 488 -4.82 30.16 22.01
CA SER C 488 -4.87 31.04 20.86
C SER C 488 -5.01 30.25 19.56
N LEU C 489 -4.59 28.99 19.55
CA LEU C 489 -4.65 28.20 18.34
C LEU C 489 -6.05 27.72 18.04
N PHE C 490 -6.85 27.41 19.07
CA PHE C 490 -8.22 26.96 18.85
C PHE C 490 -9.06 28.06 18.23
N LEU C 491 -8.72 29.31 18.51
CA LEU C 491 -9.40 30.43 17.88
C LEU C 491 -9.06 30.53 16.41
N LEU C 492 -7.78 30.35 16.07
CA LEU C 492 -7.34 30.59 14.70
C LEU C 492 -7.83 29.51 13.77
N SER C 493 -8.02 28.29 14.27
CA SER C 493 -8.62 27.22 13.48
C SER C 493 -10.13 27.34 13.40
N TYR C 494 -10.71 28.40 13.94
CA TYR C 494 -12.12 28.68 13.82
C TYR C 494 -12.41 29.90 12.98
N ILE C 495 -11.55 30.92 13.03
CA ILE C 495 -11.71 32.06 12.13
C ILE C 495 -11.48 31.63 10.70
N LEU C 496 -10.53 30.73 10.48
CA LEU C 496 -10.18 30.29 9.15
C LEU C 496 -10.98 29.08 8.69
N PHE C 497 -12.20 28.91 9.19
CA PHE C 497 -12.94 27.70 8.84
C PHE C 497 -13.51 27.77 7.43
N LEU C 498 -14.22 28.85 7.09
CA LEU C 498 -14.75 28.93 5.75
C LEU C 498 -13.68 29.24 4.71
N VAL C 499 -12.53 29.76 5.14
CA VAL C 499 -11.46 29.97 4.18
C VAL C 499 -10.88 28.64 3.76
N ASN C 500 -10.67 27.74 4.72
CA ASN C 500 -10.07 26.44 4.45
C ASN C 500 -10.96 25.52 3.65
N VAL C 501 -12.24 25.83 3.50
CA VAL C 501 -13.03 25.10 2.52
C VAL C 501 -12.58 25.48 1.11
N MET C 502 -12.31 26.76 0.88
CA MET C 502 -11.84 27.18 -0.42
C MET C 502 -10.39 26.77 -0.68
N ILE C 503 -9.61 26.48 0.35
CA ILE C 503 -8.34 25.82 0.07
C ILE C 503 -8.61 24.35 -0.22
N GLY C 504 -9.64 23.77 0.40
CA GLY C 504 -9.97 22.38 0.20
C GLY C 504 -10.49 22.02 -1.18
N VAL C 505 -10.76 23.01 -2.03
CA VAL C 505 -11.12 22.70 -3.40
C VAL C 505 -9.88 22.62 -4.27
N VAL C 506 -8.88 23.46 -3.98
CA VAL C 506 -7.62 23.40 -4.71
C VAL C 506 -6.89 22.10 -4.44
N LEU C 507 -6.94 21.60 -3.20
CA LEU C 507 -6.43 20.27 -2.95
C LEU C 507 -7.36 19.20 -3.48
N GLY C 508 -8.62 19.52 -3.72
CA GLY C 508 -9.53 18.54 -4.27
C GLY C 508 -9.22 18.19 -5.71
N ILE C 509 -8.90 19.21 -6.51
CA ILE C 509 -8.58 18.91 -7.89
C ILE C 509 -7.17 18.37 -8.02
N TRP C 510 -6.32 18.57 -7.01
CA TRP C 510 -4.99 18.02 -7.08
C TRP C 510 -4.99 16.53 -6.80
N ARG C 511 -5.89 16.08 -5.93
CA ARG C 511 -6.05 14.65 -5.66
C ARG C 511 -6.56 13.91 -6.89
N VAL C 512 -7.40 14.57 -7.68
CA VAL C 512 -7.94 13.96 -8.88
C VAL C 512 -6.90 13.93 -10.00
N VAL C 513 -6.09 14.99 -10.10
CA VAL C 513 -5.06 15.06 -11.12
C VAL C 513 -3.93 14.07 -10.84
N ILE C 514 -3.37 14.10 -9.64
CA ILE C 514 -2.15 13.36 -9.35
C ILE C 514 -2.38 11.86 -9.34
N THR C 515 -3.64 11.46 -9.29
CA THR C 515 -4.01 10.06 -9.36
C THR C 515 -4.13 9.68 -10.85
N ALA C 516 -4.51 10.64 -11.69
CA ALA C 516 -4.64 10.43 -13.12
C ALA C 516 -3.26 10.28 -13.75
N LEU C 517 -2.35 11.21 -13.48
CA LEU C 517 -1.01 11.08 -14.04
C LEU C 517 -0.37 9.77 -13.61
N PHE C 518 -0.54 9.40 -12.35
CA PHE C 518 0.16 8.24 -11.84
C PHE C 518 -0.42 6.94 -12.36
N ASN C 519 -1.69 6.97 -12.75
CA ASN C 519 -2.35 5.79 -13.27
C ASN C 519 -1.99 5.54 -14.73
N ILE C 520 -1.56 6.57 -15.45
CA ILE C 520 -1.18 6.40 -16.85
C ILE C 520 0.32 6.15 -17.01
N VAL C 521 1.15 6.84 -16.23
CA VAL C 521 2.58 6.62 -16.32
C VAL C 521 2.90 5.17 -15.99
N HIS C 522 2.40 4.69 -14.86
CA HIS C 522 2.65 3.35 -14.39
C HIS C 522 1.61 2.37 -14.85
N LEU C 523 0.98 2.62 -16.00
CA LEU C 523 -0.06 1.74 -16.47
C LEU C 523 0.50 0.50 -17.14
N GLY C 524 1.67 0.61 -17.75
CA GLY C 524 2.28 -0.52 -18.40
C GLY C 524 3.34 -1.19 -17.57
N ARG C 525 3.09 -1.32 -16.27
CA ARG C 525 3.98 -2.07 -15.39
C ARG C 525 3.16 -3.10 -14.64
N LEU C 526 3.82 -4.21 -14.29
CA LEU C 526 3.16 -5.29 -13.60
C LEU C 526 3.59 -5.46 -12.17
N ASP C 527 4.72 -4.88 -11.79
CA ASP C 527 5.29 -5.08 -10.48
C ASP C 527 4.69 -4.16 -9.44
N ILE C 528 3.66 -3.41 -9.80
CA ILE C 528 3.16 -2.33 -8.97
C ILE C 528 1.66 -2.37 -9.04
N SER C 529 1.01 -2.22 -7.90
CA SER C 529 -0.44 -2.32 -7.86
C SER C 529 -1.04 -0.92 -7.83
N LEU C 530 -1.99 -0.67 -8.72
CA LEU C 530 -2.54 0.67 -8.83
C LEU C 530 -3.61 0.94 -7.79
N LEU C 531 -4.16 -0.08 -7.16
CA LEU C 531 -5.20 0.12 -6.18
C LEU C 531 -4.59 0.46 -4.82
N ASN C 532 -5.42 0.45 -3.78
CA ASN C 532 -4.95 0.73 -2.43
C ASN C 532 -4.08 -0.41 -1.94
N ARG C 533 -3.31 -0.12 -0.88
CA ARG C 533 -2.64 -1.12 -0.07
C ARG C 533 -3.56 -2.26 0.35
N ASN C 534 -4.77 -1.93 0.80
CA ASN C 534 -5.63 -2.96 1.38
C ASN C 534 -6.30 -3.83 0.33
N VAL C 535 -6.29 -3.44 -0.94
CA VAL C 535 -7.00 -4.21 -1.95
C VAL C 535 -6.14 -4.52 -3.16
N GLU C 536 -4.83 -4.74 -2.94
CA GLU C 536 -3.92 -5.01 -4.05
C GLU C 536 -4.27 -6.27 -4.82
N ALA C 537 -4.86 -7.26 -4.14
CA ALA C 537 -5.00 -8.59 -4.73
C ALA C 537 -6.06 -8.66 -5.82
N PHE C 538 -6.85 -7.62 -6.03
CA PHE C 538 -7.86 -7.63 -7.07
C PHE C 538 -7.40 -6.95 -8.34
N ASP C 539 -6.33 -6.17 -8.28
CA ASP C 539 -5.69 -5.69 -9.49
C ASP C 539 -5.12 -6.88 -10.24
N PRO C 540 -5.58 -7.18 -11.45
CA PRO C 540 -5.17 -8.43 -12.08
C PRO C 540 -3.76 -8.40 -12.60
N GLY C 541 -3.18 -7.23 -12.79
CA GLY C 541 -1.81 -7.15 -13.22
C GLY C 541 -0.82 -7.52 -12.14
N TYR C 542 -0.98 -6.93 -10.96
CA TYR C 542 -0.13 -7.28 -9.83
C TYR C 542 -0.40 -8.68 -9.32
N ARG C 543 -1.60 -9.20 -9.57
CA ARG C 543 -1.91 -10.56 -9.15
C ARG C 543 -1.10 -11.58 -9.93
N CYS C 544 -1.02 -11.42 -11.26
CA CYS C 544 -0.25 -12.36 -12.06
C CYS C 544 1.25 -12.16 -11.91
N TYR C 545 1.69 -11.06 -11.33
CA TYR C 545 3.12 -10.90 -11.13
C TYR C 545 3.59 -11.54 -9.85
N SER C 546 2.78 -11.52 -8.79
CA SER C 546 3.21 -12.16 -7.56
C SER C 546 3.17 -13.67 -7.71
N HIS C 547 2.16 -14.20 -8.39
CA HIS C 547 2.07 -15.64 -8.54
C HIS C 547 3.10 -16.19 -9.51
N TYR C 548 3.59 -15.35 -10.42
CA TYR C 548 4.83 -15.67 -11.12
C TYR C 548 5.96 -15.82 -10.13
N LEU C 549 6.24 -14.74 -9.40
CA LEU C 549 7.46 -14.62 -8.65
C LEU C 549 7.47 -15.55 -7.45
N LYS C 550 6.31 -16.05 -7.06
CA LYS C 550 6.23 -17.03 -6.00
C LYS C 550 6.60 -18.42 -6.50
N ILE C 551 6.17 -18.78 -7.70
CA ILE C 551 6.49 -20.12 -8.17
C ILE C 551 7.88 -20.14 -8.78
N GLU C 552 8.47 -18.99 -9.07
CA GLU C 552 9.82 -18.99 -9.59
C GLU C 552 10.83 -19.27 -8.50
N VAL C 553 10.52 -18.89 -7.27
CA VAL C 553 11.45 -19.12 -6.18
C VAL C 553 11.23 -20.49 -5.53
N SER C 554 10.05 -21.08 -5.68
CA SER C 554 9.81 -22.40 -5.10
C SER C 554 10.30 -23.53 -5.98
N GLN C 555 10.91 -23.23 -7.11
CA GLN C 555 11.37 -24.29 -7.99
C GLN C 555 12.86 -24.23 -8.25
N SER C 556 13.45 -23.05 -8.28
CA SER C 556 14.83 -22.90 -8.70
C SER C 556 15.56 -21.91 -7.80
N HIS C 557 15.51 -22.12 -6.49
CA HIS C 557 16.18 -21.21 -5.60
C HIS C 557 17.69 -21.39 -5.71
N PRO C 558 18.46 -20.31 -5.86
CA PRO C 558 19.88 -20.44 -6.14
C PRO C 558 20.74 -20.83 -4.95
N VAL C 559 20.16 -21.33 -3.87
CA VAL C 559 20.91 -21.96 -2.80
C VAL C 559 20.71 -23.47 -2.79
N MET C 560 19.47 -23.95 -2.92
CA MET C 560 19.27 -25.38 -3.00
C MET C 560 19.70 -25.94 -4.35
N LYS C 561 19.80 -25.10 -5.37
CA LYS C 561 20.32 -25.57 -6.64
C LYS C 561 21.84 -25.54 -6.64
N ALA C 562 22.44 -24.74 -5.78
CA ALA C 562 23.86 -24.86 -5.51
C ALA C 562 24.16 -25.91 -4.47
N PHE C 563 23.17 -26.28 -3.66
CA PHE C 563 23.40 -27.28 -2.62
C PHE C 563 23.53 -28.67 -3.20
N CYS C 564 22.66 -29.00 -4.16
CA CYS C 564 22.74 -30.30 -4.80
C CYS C 564 23.99 -30.43 -5.66
N GLY C 565 24.62 -29.32 -6.03
CA GLY C 565 25.89 -29.38 -6.73
C GLY C 565 27.02 -29.93 -5.88
N LEU C 566 27.00 -29.65 -4.59
CA LEU C 566 28.00 -30.26 -3.72
C LEU C 566 27.67 -31.70 -3.38
N LEU C 567 26.43 -32.12 -3.54
CA LEU C 567 26.11 -33.51 -3.29
C LEU C 567 26.20 -34.36 -4.53
N LEU C 568 26.20 -33.75 -5.71
CA LEU C 568 26.30 -34.53 -6.93
C LEU C 568 27.76 -34.65 -7.37
N GLN C 569 28.43 -33.52 -7.58
CA GLN C 569 29.78 -33.55 -8.14
C GLN C 569 30.85 -33.97 -7.13
N SER C 570 30.48 -34.21 -5.88
CA SER C 570 31.37 -34.89 -4.97
C SER C 570 31.13 -36.39 -4.92
N SER C 571 29.89 -36.81 -5.18
CA SER C 571 29.55 -38.23 -5.13
C SER C 571 30.16 -38.98 -6.31
N GLY C 572 30.12 -38.39 -7.50
CA GLY C 572 30.69 -39.01 -8.67
C GLY C 572 32.19 -38.91 -8.80
N GLN C 573 32.86 -38.18 -7.89
CA GLN C 573 34.30 -37.99 -7.95
C GLN C 573 34.99 -38.34 -6.63
N ASP C 574 34.40 -39.23 -5.84
CA ASP C 574 35.07 -39.80 -4.67
C ASP C 574 35.09 -41.32 -4.76
N ASN C 598 34.70 -46.29 8.66
CA ASN C 598 35.76 -46.86 9.48
C ASN C 598 36.31 -45.87 10.50
N LYS C 599 37.48 -46.19 11.06
CA LYS C 599 38.12 -45.25 11.98
C LYS C 599 38.73 -44.07 11.23
N VAL C 600 39.07 -44.25 9.95
CA VAL C 600 39.62 -43.14 9.18
C VAL C 600 38.50 -42.17 8.79
N SER C 601 37.34 -42.69 8.39
CA SER C 601 36.19 -41.82 8.21
C SER C 601 35.63 -41.32 9.53
N ASN C 602 35.94 -41.99 10.64
CA ASN C 602 35.59 -41.46 11.94
C ASN C 602 36.43 -40.23 12.27
N ALA C 603 37.67 -40.18 11.76
CA ALA C 603 38.47 -38.97 11.89
C ALA C 603 37.86 -37.83 11.08
N LYS C 604 37.27 -38.17 9.94
CA LYS C 604 36.44 -37.18 9.23
C LYS C 604 35.21 -36.84 10.05
N ARG C 605 34.63 -37.83 10.73
CA ARG C 605 33.54 -37.56 11.66
C ARG C 605 34.02 -36.80 12.89
N ALA C 606 35.27 -37.02 13.30
CA ALA C 606 35.81 -36.26 14.41
C ALA C 606 36.05 -34.82 14.02
N ARG C 607 36.32 -34.56 12.74
CA ARG C 607 36.30 -33.19 12.25
C ARG C 607 34.86 -32.69 12.13
N ALA C 608 33.94 -33.59 11.78
CA ALA C 608 32.55 -33.18 11.57
C ALA C 608 31.87 -32.83 12.88
N HIS C 609 32.19 -33.55 13.96
CA HIS C 609 31.66 -33.22 15.27
C HIS C 609 32.22 -31.91 15.79
N TRP C 610 33.44 -31.58 15.41
CA TRP C 610 34.00 -30.31 15.86
C TRP C 610 33.42 -29.14 15.06
N GLN C 611 33.18 -29.36 13.77
CA GLN C 611 32.58 -28.29 12.96
C GLN C 611 31.12 -28.06 13.32
N LEU C 612 30.44 -29.05 13.91
CA LEU C 612 29.16 -28.76 14.53
C LEU C 612 29.33 -27.81 15.71
N LEU C 613 30.39 -28.00 16.49
CA LEU C 613 30.58 -27.14 17.64
C LEU C 613 31.03 -25.76 17.23
N TYR C 614 31.87 -25.65 16.20
CA TYR C 614 32.39 -24.35 15.78
C TYR C 614 31.29 -23.47 15.22
N THR C 615 30.24 -24.06 14.67
CA THR C 615 29.11 -23.27 14.21
C THR C 615 28.25 -22.81 15.38
N LEU C 616 27.97 -23.73 16.32
CA LEU C 616 27.06 -23.42 17.41
C LEU C 616 27.64 -22.44 18.42
N VAL C 617 28.96 -22.37 18.53
CA VAL C 617 29.58 -21.38 19.42
C VAL C 617 29.37 -19.98 18.86
N ASN C 618 29.66 -19.80 17.58
CA ASN C 618 29.52 -18.48 16.97
C ASN C 618 28.09 -18.16 16.57
N ASN C 619 27.15 -19.07 16.78
CA ASN C 619 25.73 -18.83 16.45
C ASN C 619 24.90 -19.36 17.60
N PRO C 620 24.55 -18.49 18.56
CA PRO C 620 23.92 -19.00 19.79
C PRO C 620 22.46 -19.39 19.61
N SER C 621 21.68 -18.63 18.84
CA SER C 621 20.24 -18.82 18.78
C SER C 621 19.83 -20.08 18.03
N LEU C 622 20.76 -20.75 17.37
CA LEU C 622 20.45 -21.99 16.68
C LEU C 622 20.44 -23.20 17.60
N VAL C 623 20.99 -23.06 18.81
CA VAL C 623 21.15 -24.20 19.71
C VAL C 623 19.80 -24.70 20.17
N GLY C 624 18.88 -23.78 20.48
CA GLY C 624 17.51 -24.17 20.75
C GLY C 624 16.84 -24.76 19.53
N SER C 625 17.07 -24.17 18.36
CA SER C 625 16.50 -24.72 17.13
C SER C 625 17.30 -25.89 16.59
N ARG C 626 18.40 -26.26 17.24
CA ARG C 626 19.00 -27.57 16.97
C ARG C 626 18.38 -28.65 17.85
N LYS C 627 18.34 -28.42 19.15
CA LYS C 627 17.89 -29.44 20.09
C LYS C 627 16.38 -29.67 20.00
N HIS C 628 15.60 -28.63 19.70
CA HIS C 628 14.17 -28.83 19.49
C HIS C 628 13.90 -29.47 18.14
N PHE C 629 14.86 -29.40 17.21
CA PHE C 629 14.72 -29.95 15.88
C PHE C 629 15.74 -31.05 15.58
N GLN C 630 16.30 -31.67 16.61
CA GLN C 630 17.17 -32.83 16.40
C GLN C 630 16.34 -34.11 16.39
N ALA D 2 30.43 -20.73 8.92
CA ALA D 2 30.74 -21.42 10.16
C ALA D 2 31.11 -20.38 11.19
N ASP D 3 31.25 -19.15 10.73
CA ASP D 3 31.52 -18.03 11.62
C ASP D 3 30.22 -17.39 12.05
N GLN D 4 30.32 -16.21 12.66
CA GLN D 4 29.14 -15.46 13.07
C GLN D 4 28.46 -14.86 11.86
N LEU D 5 27.14 -14.97 11.82
CA LEU D 5 26.35 -14.44 10.72
C LEU D 5 25.29 -13.50 11.26
N THR D 6 24.73 -12.68 10.39
CA THR D 6 23.64 -11.81 10.77
C THR D 6 22.32 -12.57 10.67
N GLU D 7 21.21 -11.86 10.88
CA GLU D 7 19.91 -12.51 10.77
C GLU D 7 19.57 -12.82 9.33
N GLU D 8 19.93 -11.93 8.41
CA GLU D 8 19.58 -12.11 7.01
C GLU D 8 20.35 -13.26 6.39
N GLN D 9 21.64 -13.37 6.72
CA GLN D 9 22.49 -14.41 6.13
C GLN D 9 22.06 -15.80 6.57
N ILE D 10 21.45 -15.90 7.74
CA ILE D 10 20.86 -17.16 8.20
C ILE D 10 19.44 -17.31 7.67
N ALA D 11 18.76 -16.21 7.35
CA ALA D 11 17.37 -16.30 6.91
C ALA D 11 17.25 -16.95 5.55
N GLU D 12 18.27 -16.80 4.68
CA GLU D 12 18.20 -17.41 3.37
C GLU D 12 18.39 -18.91 3.44
N PHE D 13 19.38 -19.35 4.21
CA PHE D 13 19.62 -20.76 4.41
C PHE D 13 18.47 -21.40 5.15
N LYS D 14 17.78 -20.64 5.99
CA LYS D 14 16.51 -21.09 6.55
C LYS D 14 15.46 -21.25 5.46
N GLU D 15 15.48 -20.38 4.45
CA GLU D 15 14.50 -20.46 3.39
C GLU D 15 14.77 -21.64 2.45
N ALA D 16 16.02 -21.78 2.00
CA ALA D 16 16.35 -22.87 1.10
C ALA D 16 16.25 -24.22 1.77
N PHE D 17 16.39 -24.28 3.09
CA PHE D 17 16.14 -25.53 3.78
C PHE D 17 14.67 -25.89 3.74
N SER D 18 13.79 -24.88 3.75
CA SER D 18 12.36 -25.15 3.76
C SER D 18 11.89 -25.75 2.45
N LEU D 19 12.62 -25.55 1.36
CA LEU D 19 12.19 -26.09 0.09
C LEU D 19 12.45 -27.59 -0.02
N PHE D 20 13.20 -28.17 0.91
CA PHE D 20 13.35 -29.61 0.95
C PHE D 20 12.26 -30.26 1.79
N ASP D 21 12.18 -29.91 3.06
CA ASP D 21 11.33 -30.66 3.97
C ASP D 21 9.93 -30.11 3.89
N LYS D 22 9.06 -30.81 3.17
CA LYS D 22 7.66 -30.43 3.02
C LYS D 22 6.84 -30.69 4.28
N ASP D 23 7.41 -31.39 5.26
CA ASP D 23 6.72 -31.64 6.50
C ASP D 23 6.60 -30.37 7.33
N GLY D 24 7.60 -29.49 7.25
CA GLY D 24 7.76 -28.45 8.24
C GLY D 24 8.38 -28.92 9.53
N ASP D 25 8.74 -30.20 9.63
CA ASP D 25 9.26 -30.76 10.86
C ASP D 25 10.65 -30.23 11.19
N GLY D 26 11.40 -29.85 10.17
CA GLY D 26 12.75 -29.38 10.37
C GLY D 26 13.82 -30.40 10.10
N THR D 27 13.52 -31.48 9.39
CA THR D 27 14.55 -32.45 9.06
C THR D 27 14.23 -33.12 7.74
N ILE D 28 15.27 -33.65 7.10
CA ILE D 28 15.18 -34.20 5.76
C ILE D 28 15.42 -35.70 5.83
N THR D 29 14.47 -36.48 5.32
CA THR D 29 14.64 -37.92 5.23
C THR D 29 15.24 -38.26 3.87
N THR D 30 15.22 -39.53 3.51
CA THR D 30 15.71 -39.92 2.19
C THR D 30 14.71 -39.57 1.11
N LYS D 31 13.45 -39.93 1.31
CA LYS D 31 12.44 -39.65 0.30
C LYS D 31 12.12 -38.16 0.22
N GLU D 32 12.30 -37.44 1.33
CA GLU D 32 12.23 -35.98 1.25
C GLU D 32 13.39 -35.39 0.46
N LEU D 33 14.47 -36.14 0.27
CA LEU D 33 15.59 -35.68 -0.54
C LEU D 33 15.50 -36.15 -1.98
N GLY D 34 15.13 -37.41 -2.20
CA GLY D 34 15.17 -38.01 -3.52
C GLY D 34 14.18 -37.42 -4.51
N THR D 35 13.17 -36.71 -4.02
CA THR D 35 12.27 -36.02 -4.92
C THR D 35 12.90 -34.77 -5.52
N VAL D 36 13.74 -34.08 -4.75
CA VAL D 36 14.34 -32.84 -5.23
C VAL D 36 15.42 -33.13 -6.26
N MET D 37 16.25 -34.15 -6.01
CA MET D 37 17.26 -34.58 -6.98
C MET D 37 16.63 -35.05 -8.28
N ARG D 38 15.46 -35.66 -8.20
CA ARG D 38 14.73 -36.05 -9.39
C ARG D 38 14.19 -34.84 -10.13
N SER D 39 13.89 -33.77 -9.38
CA SER D 39 13.30 -32.58 -10.00
C SER D 39 14.33 -31.80 -10.81
N LEU D 40 15.59 -31.88 -10.45
CA LEU D 40 16.63 -31.23 -11.23
C LEU D 40 17.24 -32.16 -12.27
N GLY D 41 16.60 -33.30 -12.53
CA GLY D 41 16.98 -34.13 -13.65
C GLY D 41 17.55 -35.49 -13.31
N GLN D 42 18.45 -35.53 -12.33
CA GLN D 42 19.21 -36.73 -12.07
C GLN D 42 18.38 -37.79 -11.39
N ASN D 43 18.72 -39.05 -11.67
CA ASN D 43 18.11 -40.21 -11.04
C ASN D 43 19.21 -40.97 -10.32
N PRO D 44 19.50 -40.62 -9.08
CA PRO D 44 20.57 -41.31 -8.36
C PRO D 44 20.14 -42.68 -7.88
N THR D 45 21.14 -43.49 -7.57
CA THR D 45 20.90 -44.78 -6.95
C THR D 45 20.43 -44.57 -5.51
N GLU D 46 19.43 -45.35 -5.10
CA GLU D 46 18.93 -45.28 -3.73
C GLU D 46 20.00 -45.64 -2.72
N ALA D 47 20.90 -46.56 -3.07
CA ALA D 47 22.05 -46.83 -2.24
C ALA D 47 23.03 -45.66 -2.24
N GLU D 48 23.10 -44.93 -3.36
CA GLU D 48 23.96 -43.76 -3.39
C GLU D 48 23.36 -42.62 -2.56
N LEU D 49 22.03 -42.46 -2.62
CA LEU D 49 21.38 -41.42 -1.82
C LEU D 49 21.47 -41.71 -0.33
N GLN D 50 21.47 -42.98 0.05
CA GLN D 50 21.69 -43.31 1.44
C GLN D 50 23.14 -43.02 1.83
N ASP D 51 24.06 -43.06 0.87
CA ASP D 51 25.41 -42.63 1.15
C ASP D 51 25.54 -41.12 1.12
N MET D 52 24.71 -40.46 0.30
CA MET D 52 24.81 -39.01 0.16
C MET D 52 24.32 -38.27 1.38
N ILE D 53 23.39 -38.85 2.14
CA ILE D 53 23.02 -38.24 3.41
C ILE D 53 24.14 -38.42 4.42
N ASN D 54 24.87 -39.54 4.34
CA ASN D 54 25.86 -39.89 5.34
C ASN D 54 27.05 -38.94 5.38
N GLU D 55 27.30 -38.20 4.30
CA GLU D 55 28.32 -37.16 4.38
C GLU D 55 27.80 -35.98 5.20
N VAL D 56 26.53 -35.66 5.05
CA VAL D 56 25.98 -34.49 5.73
C VAL D 56 25.70 -34.79 7.19
N ASP D 57 25.04 -35.92 7.45
CA ASP D 57 24.58 -36.22 8.81
C ASP D 57 25.75 -36.66 9.66
N ALA D 58 26.02 -35.91 10.73
CA ALA D 58 27.09 -36.25 11.66
C ALA D 58 26.57 -36.94 12.92
N ASP D 59 25.32 -36.69 13.29
CA ASP D 59 24.72 -37.37 14.43
C ASP D 59 24.42 -38.83 14.14
N GLY D 60 24.40 -39.24 12.88
CA GLY D 60 24.15 -40.62 12.55
C GLY D 60 22.74 -41.09 12.74
N ASN D 61 21.79 -40.18 12.92
CA ASN D 61 20.39 -40.59 13.02
C ASN D 61 19.72 -40.75 11.66
N GLY D 62 20.49 -40.68 10.57
CA GLY D 62 19.95 -40.86 9.24
C GLY D 62 19.19 -39.68 8.70
N THR D 63 19.06 -38.60 9.45
CA THR D 63 18.28 -37.44 9.04
C THR D 63 19.13 -36.19 9.20
N ILE D 64 18.79 -35.16 8.43
CA ILE D 64 19.62 -33.96 8.33
C ILE D 64 18.95 -32.81 9.08
N ASP D 65 19.66 -32.23 10.04
CA ASP D 65 19.22 -31.08 10.78
C ASP D 65 19.58 -29.81 10.03
N PHE D 66 19.02 -28.68 10.46
CA PHE D 66 19.37 -27.41 9.83
C PHE D 66 20.80 -26.95 10.13
N PRO D 67 21.36 -27.03 11.34
CA PRO D 67 22.80 -26.75 11.45
C PRO D 67 23.66 -27.82 10.81
N GLU D 68 23.15 -29.04 10.66
CA GLU D 68 23.82 -30.01 9.81
C GLU D 68 23.79 -29.56 8.35
N PHE D 69 22.72 -28.89 7.94
CA PHE D 69 22.65 -28.32 6.60
C PHE D 69 23.53 -27.10 6.45
N LEU D 70 23.72 -26.33 7.52
CA LEU D 70 24.46 -25.09 7.41
C LEU D 70 25.95 -25.35 7.23
N THR D 71 26.48 -26.37 7.89
CA THR D 71 27.93 -26.56 7.88
C THR D 71 28.43 -27.07 6.55
N MET D 72 27.58 -27.75 5.77
CA MET D 72 28.00 -28.23 4.47
C MET D 72 28.31 -27.07 3.53
N MET D 73 27.44 -26.07 3.51
CA MET D 73 27.69 -24.90 2.70
C MET D 73 28.69 -23.96 3.35
N ALA D 74 28.92 -24.11 4.65
CA ALA D 74 29.89 -23.28 5.35
C ALA D 74 31.32 -23.73 5.13
N ARG D 75 31.55 -25.01 4.83
CA ARG D 75 32.90 -25.50 4.66
C ARG D 75 33.55 -24.93 3.40
N LYS D 76 32.92 -25.17 2.27
CA LYS D 76 33.64 -25.19 1.01
C LYS D 76 33.61 -23.87 0.26
N MET D 77 32.81 -22.91 0.69
CA MET D 77 32.73 -21.61 0.05
C MET D 77 33.31 -20.49 0.92
N LYS D 78 34.00 -20.84 2.00
CA LYS D 78 34.56 -19.87 2.93
C LYS D 78 35.81 -19.24 2.32
N ASP D 79 36.26 -18.14 2.92
CA ASP D 79 37.57 -17.59 2.64
C ASP D 79 38.66 -18.48 3.26
N THR D 80 39.92 -18.12 3.04
CA THR D 80 41.04 -18.85 3.61
C THR D 80 41.01 -18.82 5.13
N ASP D 81 41.16 -17.62 5.71
CA ASP D 81 41.13 -17.56 7.17
C ASP D 81 40.72 -16.16 7.61
N SER D 82 39.99 -16.13 8.73
CA SER D 82 39.87 -14.98 9.60
C SER D 82 40.59 -15.35 10.89
N GLU D 83 41.86 -14.95 11.00
CA GLU D 83 42.75 -15.47 12.03
C GLU D 83 42.34 -15.03 13.42
N GLU D 84 41.69 -13.88 13.54
CA GLU D 84 41.25 -13.42 14.85
C GLU D 84 40.03 -14.19 15.34
N GLU D 85 39.18 -14.67 14.44
CA GLU D 85 37.92 -15.25 14.90
C GLU D 85 38.11 -16.65 15.46
N ILE D 86 39.06 -17.41 14.93
CA ILE D 86 39.44 -18.66 15.58
C ILE D 86 40.16 -18.36 16.88
N ARG D 87 40.96 -17.30 16.90
CA ARG D 87 41.50 -16.77 18.15
C ARG D 87 40.39 -16.24 19.06
N GLU D 88 39.31 -15.72 18.46
CA GLU D 88 38.13 -15.36 19.24
C GLU D 88 37.39 -16.60 19.71
N ALA D 89 37.47 -17.71 18.96
CA ALA D 89 36.85 -18.93 19.40
C ALA D 89 37.56 -19.55 20.59
N PHE D 90 38.88 -19.30 20.72
CA PHE D 90 39.68 -19.92 21.77
C PHE D 90 39.32 -19.46 23.16
N ARG D 91 38.66 -18.31 23.30
CA ARG D 91 38.28 -17.84 24.63
C ARG D 91 37.13 -18.64 25.22
N VAL D 92 36.37 -19.35 24.40
CA VAL D 92 35.32 -20.21 24.93
C VAL D 92 35.83 -21.62 25.15
N PHE D 93 36.67 -22.11 24.25
CA PHE D 93 37.18 -23.47 24.37
C PHE D 93 38.28 -23.59 25.43
N ASP D 94 38.87 -22.48 25.85
CA ASP D 94 39.93 -22.52 26.87
C ASP D 94 39.57 -21.55 27.98
N LYS D 95 39.33 -22.08 29.18
CA LYS D 95 39.21 -21.22 30.36
C LYS D 95 40.59 -20.78 30.86
N ASP D 96 41.61 -21.59 30.59
CA ASP D 96 42.91 -21.34 31.17
C ASP D 96 43.61 -20.16 30.52
N GLY D 97 43.43 -19.98 29.21
CA GLY D 97 44.26 -19.06 28.48
C GLY D 97 45.61 -19.61 28.11
N ASN D 98 45.89 -20.88 28.41
CA ASN D 98 47.16 -21.49 28.05
C ASN D 98 47.19 -22.00 26.62
N GLY D 99 46.05 -21.96 25.92
CA GLY D 99 45.96 -22.43 24.57
C GLY D 99 45.71 -23.92 24.43
N PHE D 100 45.85 -24.68 25.50
CA PHE D 100 45.78 -26.14 25.44
C PHE D 100 44.41 -26.60 25.88
N ILE D 101 43.70 -27.26 24.98
CA ILE D 101 42.30 -27.63 25.18
C ILE D 101 42.26 -29.07 25.65
N SER D 102 41.86 -29.28 26.91
CA SER D 102 41.77 -30.61 27.45
C SER D 102 40.45 -31.26 27.05
N ALA D 103 40.32 -32.54 27.37
CA ALA D 103 39.03 -33.20 27.24
C ALA D 103 38.06 -32.72 28.31
N ALA D 104 38.58 -32.27 29.45
CA ALA D 104 37.74 -31.67 30.48
C ALA D 104 37.29 -30.27 30.09
N GLU D 105 38.17 -29.49 29.46
CA GLU D 105 37.76 -28.21 28.93
C GLU D 105 36.83 -28.36 27.74
N LEU D 106 36.91 -29.49 27.03
CA LEU D 106 35.99 -29.73 25.92
C LEU D 106 34.58 -30.01 26.42
N ARG D 107 34.45 -30.87 27.42
CA ARG D 107 33.15 -31.28 27.92
C ARG D 107 32.42 -30.17 28.65
N HIS D 108 33.13 -29.09 29.01
CA HIS D 108 32.47 -27.90 29.52
C HIS D 108 31.60 -27.26 28.44
N VAL D 109 32.05 -27.30 27.19
CA VAL D 109 31.29 -26.70 26.10
C VAL D 109 30.08 -27.56 25.75
N MET D 110 30.26 -28.89 25.76
CA MET D 110 29.14 -29.79 25.54
C MET D 110 28.14 -29.72 26.69
N THR D 111 28.63 -29.44 27.91
CA THR D 111 27.73 -29.18 29.03
C THR D 111 26.87 -27.94 28.76
N ASN D 112 27.46 -26.93 28.14
CA ASN D 112 26.71 -25.75 27.74
C ASN D 112 25.78 -26.05 26.57
N LEU D 113 26.13 -27.02 25.73
CA LEU D 113 25.40 -27.26 24.50
C LEU D 113 24.87 -28.69 24.39
N GLY D 114 24.48 -29.28 25.53
CA GLY D 114 23.74 -30.52 25.49
C GLY D 114 24.44 -31.77 25.99
N GLU D 115 25.73 -31.88 25.69
CA GLU D 115 26.55 -33.09 25.88
C GLU D 115 25.86 -34.30 25.25
N LYS D 116 25.70 -34.20 23.94
CA LYS D 116 24.88 -35.14 23.18
C LYS D 116 25.57 -36.48 23.00
N LEU D 117 26.90 -36.50 22.98
CA LEU D 117 27.66 -37.69 22.62
C LEU D 117 28.22 -38.39 23.85
N THR D 118 28.46 -39.69 23.68
CA THR D 118 29.09 -40.50 24.70
C THR D 118 30.57 -40.15 24.79
N ASP D 119 31.15 -40.40 25.98
CA ASP D 119 32.49 -39.91 26.26
C ASP D 119 33.56 -40.69 25.51
N GLU D 120 33.26 -41.94 25.15
CA GLU D 120 34.18 -42.69 24.29
C GLU D 120 34.29 -42.06 22.92
N GLU D 121 33.17 -41.55 22.40
CA GLU D 121 33.20 -40.83 21.13
C GLU D 121 33.88 -39.48 21.29
N VAL D 122 33.77 -38.88 22.47
CA VAL D 122 34.55 -37.70 22.80
C VAL D 122 36.03 -38.03 22.85
N ASP D 123 36.36 -39.22 23.36
CA ASP D 123 37.75 -39.67 23.38
C ASP D 123 38.27 -39.93 21.97
N GLU D 124 37.40 -40.35 21.06
CA GLU D 124 37.82 -40.58 19.69
C GLU D 124 38.05 -39.29 18.93
N MET D 125 37.53 -38.16 19.43
CA MET D 125 37.80 -36.88 18.80
C MET D 125 39.25 -36.48 18.96
N ILE D 126 39.78 -36.60 20.18
CA ILE D 126 41.08 -36.04 20.50
C ILE D 126 42.19 -36.88 19.88
N ARG D 127 41.91 -38.15 19.58
CA ARG D 127 42.88 -39.02 18.93
C ARG D 127 43.20 -38.57 17.51
N GLU D 128 42.37 -37.71 16.91
CA GLU D 128 42.73 -37.09 15.64
C GLU D 128 43.76 -35.98 15.83
N ALA D 129 43.61 -35.18 16.88
CA ALA D 129 44.43 -33.99 17.09
C ALA D 129 45.77 -34.28 17.74
N ASP D 130 46.26 -35.51 17.68
CA ASP D 130 47.47 -35.91 18.39
C ASP D 130 48.65 -36.07 17.44
N ILE D 131 48.73 -35.22 16.40
CA ILE D 131 49.95 -35.17 15.60
C ILE D 131 50.99 -34.25 16.23
N ASP D 132 50.67 -33.61 17.35
CA ASP D 132 51.63 -32.77 18.04
C ASP D 132 52.67 -33.59 18.79
N GLY D 133 52.44 -34.90 18.94
CA GLY D 133 53.38 -35.72 19.67
C GLY D 133 53.24 -35.64 21.17
N ASP D 134 52.12 -35.14 21.67
CA ASP D 134 51.94 -34.93 23.10
C ASP D 134 50.66 -35.52 23.66
N GLY D 135 49.60 -35.62 22.87
CA GLY D 135 48.30 -35.88 23.43
C GLY D 135 47.64 -34.65 24.01
N GLN D 136 47.93 -33.48 23.45
CA GLN D 136 47.37 -32.24 23.96
C GLN D 136 47.13 -31.30 22.79
N VAL D 137 46.01 -30.58 22.86
CA VAL D 137 45.55 -29.75 21.75
C VAL D 137 46.39 -28.49 21.68
N ASN D 138 47.03 -28.26 20.53
CA ASN D 138 47.85 -27.08 20.31
C ASN D 138 46.93 -25.90 19.98
N TYR D 139 47.53 -24.71 19.92
CA TYR D 139 46.90 -23.54 19.32
C TYR D 139 46.56 -23.79 17.85
N GLU D 140 47.38 -24.59 17.16
CA GLU D 140 47.24 -24.83 15.73
C GLU D 140 46.37 -26.02 15.39
N GLU D 141 46.14 -26.93 16.34
CA GLU D 141 45.36 -28.15 16.06
C GLU D 141 43.92 -27.81 15.72
N PHE D 142 43.34 -26.88 16.47
CA PHE D 142 42.00 -26.40 16.16
C PHE D 142 41.98 -25.62 14.86
N VAL D 143 43.09 -25.02 14.47
CA VAL D 143 43.15 -24.20 13.27
C VAL D 143 43.13 -25.09 12.02
N THR D 144 43.94 -26.14 12.02
CA THR D 144 44.02 -27.01 10.84
C THR D 144 42.74 -27.79 10.63
N MET D 145 41.97 -28.03 11.70
CA MET D 145 40.68 -28.68 11.55
C MET D 145 39.66 -27.79 10.89
N MET D 146 39.80 -26.48 11.02
CA MET D 146 38.87 -25.57 10.36
C MET D 146 39.26 -25.28 8.92
N THR D 147 40.54 -25.42 8.58
CA THR D 147 40.98 -25.19 7.21
C THR D 147 40.51 -26.31 6.29
N SER D 148 40.99 -27.52 6.52
CA SER D 148 40.56 -28.66 5.74
C SER D 148 39.28 -29.25 6.31
#